data_2OIY
# 
_entry.id   2OIY 
# 
_audit_conform.dict_name       mmcif_pdbx.dic 
_audit_conform.dict_version    5.383 
_audit_conform.dict_location   http://mmcif.pdb.org/dictionaries/ascii/mmcif_pdbx.dic 
# 
loop_
_database_2.database_id 
_database_2.database_code 
_database_2.pdbx_database_accession 
_database_2.pdbx_DOI 
PDB   2OIY         pdb_00002oiy 10.2210/pdb2oiy/pdb 
NDB   AR0075       ?            ?                   
RCSB  RCSB041193   ?            ?                   
WWPDB D_1000041193 ?            ?                   
# 
loop_
_pdbx_audit_revision_history.ordinal 
_pdbx_audit_revision_history.data_content_type 
_pdbx_audit_revision_history.major_revision 
_pdbx_audit_revision_history.minor_revision 
_pdbx_audit_revision_history.revision_date 
1 'Structure model' 1 0 2007-12-25 
2 'Structure model' 1 1 2011-07-13 
3 'Structure model' 1 2 2012-04-18 
4 'Structure model' 1 3 2023-12-27 
# 
_pdbx_audit_revision_details.ordinal             1 
_pdbx_audit_revision_details.revision_ordinal    1 
_pdbx_audit_revision_details.data_content_type   'Structure model' 
_pdbx_audit_revision_details.provider            repository 
_pdbx_audit_revision_details.type                'Initial release' 
_pdbx_audit_revision_details.description         ? 
_pdbx_audit_revision_details.details             ? 
# 
loop_
_pdbx_audit_revision_group.ordinal 
_pdbx_audit_revision_group.revision_ordinal 
_pdbx_audit_revision_group.data_content_type 
_pdbx_audit_revision_group.group 
1 2 'Structure model' 'Version format compliance' 
2 3 'Structure model' 'Database references'       
3 4 'Structure model' 'Data collection'           
4 4 'Structure model' 'Database references'       
5 4 'Structure model' 'Derived calculations'      
# 
loop_
_pdbx_audit_revision_category.ordinal 
_pdbx_audit_revision_category.revision_ordinal 
_pdbx_audit_revision_category.data_content_type 
_pdbx_audit_revision_category.category 
1 4 'Structure model' chem_comp_atom         
2 4 'Structure model' chem_comp_bond         
3 4 'Structure model' database_2             
4 4 'Structure model' pdbx_struct_conn_angle 
5 4 'Structure model' struct_conn            
6 4 'Structure model' struct_site            
# 
loop_
_pdbx_audit_revision_item.ordinal 
_pdbx_audit_revision_item.revision_ordinal 
_pdbx_audit_revision_item.data_content_type 
_pdbx_audit_revision_item.item 
1  4 'Structure model' '_database_2.pdbx_DOI'                        
2  4 'Structure model' '_database_2.pdbx_database_accession'         
3  4 'Structure model' '_pdbx_struct_conn_angle.ptnr1_auth_asym_id'  
4  4 'Structure model' '_pdbx_struct_conn_angle.ptnr1_auth_comp_id'  
5  4 'Structure model' '_pdbx_struct_conn_angle.ptnr1_auth_seq_id'   
6  4 'Structure model' '_pdbx_struct_conn_angle.ptnr1_label_asym_id' 
7  4 'Structure model' '_pdbx_struct_conn_angle.ptnr1_label_atom_id' 
8  4 'Structure model' '_pdbx_struct_conn_angle.ptnr1_label_comp_id' 
9  4 'Structure model' '_pdbx_struct_conn_angle.ptnr1_label_seq_id'  
10 4 'Structure model' '_pdbx_struct_conn_angle.ptnr2_auth_asym_id'  
11 4 'Structure model' '_pdbx_struct_conn_angle.ptnr2_auth_comp_id'  
12 4 'Structure model' '_pdbx_struct_conn_angle.ptnr2_auth_seq_id'   
13 4 'Structure model' '_pdbx_struct_conn_angle.ptnr2_label_asym_id' 
14 4 'Structure model' '_pdbx_struct_conn_angle.ptnr2_label_atom_id' 
15 4 'Structure model' '_pdbx_struct_conn_angle.ptnr2_label_comp_id' 
16 4 'Structure model' '_pdbx_struct_conn_angle.ptnr3_auth_asym_id'  
17 4 'Structure model' '_pdbx_struct_conn_angle.ptnr3_auth_comp_id'  
18 4 'Structure model' '_pdbx_struct_conn_angle.ptnr3_auth_seq_id'   
19 4 'Structure model' '_pdbx_struct_conn_angle.ptnr3_label_asym_id' 
20 4 'Structure model' '_pdbx_struct_conn_angle.ptnr3_label_atom_id' 
21 4 'Structure model' '_pdbx_struct_conn_angle.ptnr3_label_comp_id' 
22 4 'Structure model' '_pdbx_struct_conn_angle.ptnr3_label_seq_id'  
23 4 'Structure model' '_pdbx_struct_conn_angle.value'               
24 4 'Structure model' '_struct_conn.pdbx_dist_value'                
25 4 'Structure model' '_struct_conn.ptnr1_auth_asym_id'             
26 4 'Structure model' '_struct_conn.ptnr1_auth_comp_id'             
27 4 'Structure model' '_struct_conn.ptnr1_auth_seq_id'              
28 4 'Structure model' '_struct_conn.ptnr1_label_asym_id'            
29 4 'Structure model' '_struct_conn.ptnr1_label_atom_id'            
30 4 'Structure model' '_struct_conn.ptnr1_label_comp_id'            
31 4 'Structure model' '_struct_conn.ptnr1_label_seq_id'             
32 4 'Structure model' '_struct_conn.ptnr2_auth_asym_id'             
33 4 'Structure model' '_struct_conn.ptnr2_auth_comp_id'             
34 4 'Structure model' '_struct_conn.ptnr2_auth_seq_id'              
35 4 'Structure model' '_struct_conn.ptnr2_label_asym_id'            
36 4 'Structure model' '_struct_conn.ptnr2_label_atom_id'            
37 4 'Structure model' '_struct_conn.ptnr2_label_comp_id'            
38 4 'Structure model' '_struct_conn.ptnr2_label_seq_id'             
39 4 'Structure model' '_struct_site.pdbx_auth_asym_id'              
40 4 'Structure model' '_struct_site.pdbx_auth_comp_id'              
41 4 'Structure model' '_struct_site.pdbx_auth_seq_id'               
# 
_pdbx_database_status.status_code                     REL 
_pdbx_database_status.entry_id                        2OIY 
_pdbx_database_status.recvd_initial_deposition_date   2007-01-12 
_pdbx_database_status.deposit_site                    RCSB 
_pdbx_database_status.process_site                    RCSB 
_pdbx_database_status.status_code_sf                  REL 
_pdbx_database_status.status_code_mr                  ? 
_pdbx_database_status.SG_entry                        ? 
_pdbx_database_status.status_code_cs                  ? 
_pdbx_database_status.pdb_format_compatible           Y 
_pdbx_database_status.status_code_nmr_data            ? 
_pdbx_database_status.methods_development_category    ? 
# 
loop_
_pdbx_database_related.db_name 
_pdbx_database_related.db_id 
_pdbx_database_related.details 
_pdbx_database_related.content_type 
PDB 2OIJ 'HIV-1 subtype B DIS RNA duplex soaked in AuCl3'                                                    unspecified 
PDB 462D 'HIV-1 subtype A DIS RNA duplex (trigonal form)'                                                    unspecified 
PDB 1Y99 'HIV-1 subtype A DIS RNA duplex (monoclinic form)'                                                  unspecified 
PDB 2OJ0 'CRYSTAL STRUCTURE OF THE DUPLEX FORM OF THE HIV-1(LAI) RNA DIMERIZATION INITIATION SITE MN SOAKED' unspecified 
# 
loop_
_audit_author.name 
_audit_author.pdbx_ordinal 
'Ennifar, E.' 1 
'Walter, P.'  2 
'Dumas, P.'   3 
# 
_citation.id                        primary 
_citation.title                     
'Cation-dependent cleavage of the duplex form of the subtype-B HIV-1 RNA dimerization initiation site.' 
_citation.journal_abbrev            'Nucleic Acids Res.' 
_citation.journal_volume            38 
_citation.page_first                5807 
_citation.page_last                 5816 
_citation.year                      2010 
_citation.journal_id_ASTM           NARHAD 
_citation.country                   UK 
_citation.journal_id_ISSN           0305-1048 
_citation.journal_id_CSD            0389 
_citation.book_publisher            ? 
_citation.pdbx_database_id_PubMed   20460458 
_citation.pdbx_database_id_DOI      10.1093/nar/gkq344 
# 
loop_
_citation_author.citation_id 
_citation_author.name 
_citation_author.ordinal 
_citation_author.identifier_ORCID 
primary 'Ennifar, E.' 1 ? 
primary 'Walter, P.'  2 ? 
primary 'Dumas, P.'   3 ? 
# 
loop_
_entity.id 
_entity.type 
_entity.src_method 
_entity.pdbx_description 
_entity.formula_weight 
_entity.pdbx_number_of_molecules 
_entity.pdbx_ec 
_entity.pdbx_mutation 
_entity.pdbx_fragment 
_entity.details 
1 polymer     syn "5'-R(*CP*UP*UP*GP*CP*UP*GP*AP*AP*GP*CP*GP*CP*GP*CP*AP*CP*GP*GP*CP*AP*AP*G)-3'" 7417.488 2   ? ? ? 
'HIV-1subtype B DIS RNA, DIMERIZATION INITIATION SITE' 
2 non-polymer syn 'POTASSIUM ION'                                                                 39.098   3   ? ? ? ? 
3 non-polymer syn 'MAGNESIUM ION'                                                                 24.305   2   ? ? ? ? 
4 water       nat water                                                                           18.015   183 ? ? ? ? 
# 
_entity_poly.entity_id                      1 
_entity_poly.type                           polyribonucleotide 
_entity_poly.nstd_linkage                   no 
_entity_poly.nstd_monomer                   no 
_entity_poly.pdbx_seq_one_letter_code       CUUGCUGAAGCGCGCACGGCAAG 
_entity_poly.pdbx_seq_one_letter_code_can   CUUGCUGAAGCGCGCACGGCAAG 
_entity_poly.pdbx_strand_id                 A,B 
_entity_poly.pdbx_target_identifier         ? 
# 
loop_
_pdbx_entity_nonpoly.entity_id 
_pdbx_entity_nonpoly.name 
_pdbx_entity_nonpoly.comp_id 
2 'POTASSIUM ION' K   
3 'MAGNESIUM ION' MG  
4 water           HOH 
# 
loop_
_entity_poly_seq.entity_id 
_entity_poly_seq.num 
_entity_poly_seq.mon_id 
_entity_poly_seq.hetero 
1 1  C n 
1 2  U n 
1 3  U n 
1 4  G n 
1 5  C n 
1 6  U n 
1 7  G n 
1 8  A n 
1 9  A n 
1 10 G n 
1 11 C n 
1 12 G n 
1 13 C n 
1 14 G n 
1 15 C n 
1 16 A n 
1 17 C n 
1 18 G n 
1 19 G n 
1 20 C n 
1 21 A n 
1 22 A n 
1 23 G n 
# 
_pdbx_entity_src_syn.entity_id              1 
_pdbx_entity_src_syn.pdbx_src_id            1 
_pdbx_entity_src_syn.pdbx_alt_source_flag   sample 
_pdbx_entity_src_syn.pdbx_beg_seq_num       ? 
_pdbx_entity_src_syn.pdbx_end_seq_num       ? 
_pdbx_entity_src_syn.organism_scientific    ? 
_pdbx_entity_src_syn.organism_common_name   ? 
_pdbx_entity_src_syn.ncbi_taxonomy_id       ? 
_pdbx_entity_src_syn.details                'HIV-1 GENOMIC RNA LAI ISOLATE (HIV-1 SUBTYPE B)' 
# 
loop_
_chem_comp.id 
_chem_comp.type 
_chem_comp.mon_nstd_flag 
_chem_comp.name 
_chem_comp.pdbx_synonyms 
_chem_comp.formula 
_chem_comp.formula_weight 
A   'RNA linking' y "ADENOSINE-5'-MONOPHOSPHATE" ? 'C10 H14 N5 O7 P' 347.221 
C   'RNA linking' y "CYTIDINE-5'-MONOPHOSPHATE"  ? 'C9 H14 N3 O8 P'  323.197 
G   'RNA linking' y "GUANOSINE-5'-MONOPHOSPHATE" ? 'C10 H14 N5 O8 P' 363.221 
HOH non-polymer   . WATER                        ? 'H2 O'            18.015  
K   non-polymer   . 'POTASSIUM ION'              ? 'K 1'             39.098  
MG  non-polymer   . 'MAGNESIUM ION'              ? 'Mg 2'            24.305  
U   'RNA linking' y "URIDINE-5'-MONOPHOSPHATE"   ? 'C9 H13 N2 O9 P'  324.181 
# 
loop_
_pdbx_poly_seq_scheme.asym_id 
_pdbx_poly_seq_scheme.entity_id 
_pdbx_poly_seq_scheme.seq_id 
_pdbx_poly_seq_scheme.mon_id 
_pdbx_poly_seq_scheme.ndb_seq_num 
_pdbx_poly_seq_scheme.pdb_seq_num 
_pdbx_poly_seq_scheme.auth_seq_num 
_pdbx_poly_seq_scheme.pdb_mon_id 
_pdbx_poly_seq_scheme.auth_mon_id 
_pdbx_poly_seq_scheme.pdb_strand_id 
_pdbx_poly_seq_scheme.pdb_ins_code 
_pdbx_poly_seq_scheme.hetero 
A 1 1  C 1  1  1  C C A . n 
A 1 2  U 2  2  2  U U A . n 
A 1 3  U 3  3  3  U U A . n 
A 1 4  G 4  4  4  G G A . n 
A 1 5  C 5  5  5  C C A . n 
A 1 6  U 6  6  6  U U A . n 
A 1 7  G 7  7  7  G G A . n 
A 1 8  A 8  8  8  A A A . n 
A 1 9  A 9  9  9  A A A . n 
A 1 10 G 10 10 10 G G A . n 
A 1 11 C 11 11 11 C C A . n 
A 1 12 G 12 12 12 G G A . n 
A 1 13 C 13 13 13 C C A . n 
A 1 14 G 14 14 14 G G A . n 
A 1 15 C 15 15 15 C C A . n 
A 1 16 A 16 16 16 A A A . n 
A 1 17 C 17 17 17 C C A . n 
A 1 18 G 18 18 18 G G A . n 
A 1 19 G 19 19 19 G G A . n 
A 1 20 C 20 20 20 C C A . n 
A 1 21 A 21 21 21 A A A . n 
A 1 22 A 22 22 22 A A A . n 
A 1 23 G 23 23 23 G G A . n 
B 1 1  C 1  1  1  C C B . n 
B 1 2  U 2  2  2  U U B . n 
B 1 3  U 3  3  3  U U B . n 
B 1 4  G 4  4  4  G G B . n 
B 1 5  C 5  5  5  C C B . n 
B 1 6  U 6  6  6  U U B . n 
B 1 7  G 7  7  7  G G B . n 
B 1 8  A 8  8  8  A A B . n 
B 1 9  A 9  9  9  A A B . n 
B 1 10 G 10 10 10 G G B . n 
B 1 11 C 11 11 11 C C B . n 
B 1 12 G 12 12 12 G G B . n 
B 1 13 C 13 13 13 C C B . n 
B 1 14 G 14 14 14 G G B . n 
B 1 15 C 15 15 15 C C B . n 
B 1 16 A 16 16 16 A A B . n 
B 1 17 C 17 17 17 C C B . n 
B 1 18 G 18 18 18 G G B . n 
B 1 19 G 19 19 19 G G B . n 
B 1 20 C 20 20 20 C C B . n 
B 1 21 A 21 21 21 A A B . n 
B 1 22 A 22 22 22 A A B . n 
B 1 23 G 23 23 23 G G B . n 
# 
loop_
_pdbx_nonpoly_scheme.asym_id 
_pdbx_nonpoly_scheme.entity_id 
_pdbx_nonpoly_scheme.mon_id 
_pdbx_nonpoly_scheme.ndb_seq_num 
_pdbx_nonpoly_scheme.pdb_seq_num 
_pdbx_nonpoly_scheme.auth_seq_num 
_pdbx_nonpoly_scheme.pdb_mon_id 
_pdbx_nonpoly_scheme.auth_mon_id 
_pdbx_nonpoly_scheme.pdb_strand_id 
_pdbx_nonpoly_scheme.pdb_ins_code 
C 2 K   1  24  2   K   K   A . 
D 2 K   1  25  3   K   K   A . 
E 3 MG  1  74  74  MG  MG  A . 
F 3 MG  1  98  98  MG  MG  A . 
G 2 K   1  24  1   K   K   B . 
H 4 HOH 1  99  6   HOH HOH A . 
H 4 HOH 2  100 7   HOH HOH A . 
H 4 HOH 3  101 8   HOH HOH A . 
H 4 HOH 4  102 9   HOH HOH A . 
H 4 HOH 5  103 13  HOH HOH A . 
H 4 HOH 6  104 14  HOH HOH A . 
H 4 HOH 7  105 15  HOH HOH A . 
H 4 HOH 8  106 18  HOH HOH A . 
H 4 HOH 9  107 19  HOH HOH A . 
H 4 HOH 10 108 21  HOH HOH A . 
H 4 HOH 11 109 22  HOH HOH A . 
H 4 HOH 12 110 24  HOH HOH A . 
H 4 HOH 13 111 25  HOH HOH A . 
H 4 HOH 14 112 26  HOH HOH A . 
H 4 HOH 15 113 28  HOH HOH A . 
H 4 HOH 16 114 29  HOH HOH A . 
H 4 HOH 17 115 30  HOH HOH A . 
H 4 HOH 18 116 31  HOH HOH A . 
H 4 HOH 19 117 32  HOH HOH A . 
H 4 HOH 20 118 35  HOH HOH A . 
H 4 HOH 21 119 36  HOH HOH A . 
H 4 HOH 22 120 37  HOH HOH A . 
H 4 HOH 23 121 41  HOH HOH A . 
H 4 HOH 24 122 43  HOH HOH A . 
H 4 HOH 25 123 44  HOH HOH A . 
H 4 HOH 26 124 49  HOH HOH A . 
H 4 HOH 27 125 50  HOH HOH A . 
H 4 HOH 28 126 53  HOH HOH A . 
H 4 HOH 29 127 55  HOH HOH A . 
H 4 HOH 30 128 56  HOH HOH A . 
H 4 HOH 31 129 57  HOH HOH A . 
H 4 HOH 32 130 58  HOH HOH A . 
H 4 HOH 33 131 60  HOH HOH A . 
H 4 HOH 34 132 62  HOH HOH A . 
H 4 HOH 35 133 64  HOH HOH A . 
H 4 HOH 36 134 66  HOH HOH A . 
H 4 HOH 37 135 67  HOH HOH A . 
H 4 HOH 38 136 71  HOH HOH A . 
H 4 HOH 39 137 75  HOH HOH A . 
H 4 HOH 40 138 77  HOH HOH A . 
H 4 HOH 41 139 78  HOH HOH A . 
H 4 HOH 42 140 80  HOH HOH A . 
H 4 HOH 43 141 82  HOH HOH A . 
H 4 HOH 44 142 83  HOH HOH A . 
H 4 HOH 45 143 84  HOH HOH A . 
H 4 HOH 46 144 85  HOH HOH A . 
H 4 HOH 47 145 87  HOH HOH A . 
H 4 HOH 48 146 88  HOH HOH A . 
H 4 HOH 49 147 90  HOH HOH A . 
H 4 HOH 50 148 92  HOH HOH A . 
H 4 HOH 51 149 94  HOH HOH A . 
H 4 HOH 52 150 96  HOH HOH A . 
H 4 HOH 53 151 97  HOH HOH A . 
H 4 HOH 54 152 99  HOH HOH A . 
H 4 HOH 55 153 100 HOH HOH A . 
H 4 HOH 56 154 101 HOH HOH A . 
H 4 HOH 57 155 102 HOH HOH A . 
H 4 HOH 58 156 103 HOH HOH A . 
H 4 HOH 59 157 105 HOH HOH A . 
H 4 HOH 60 158 106 HOH HOH A . 
H 4 HOH 61 159 107 HOH HOH A . 
H 4 HOH 62 160 108 HOH HOH A . 
H 4 HOH 63 161 112 HOH HOH A . 
H 4 HOH 64 162 114 HOH HOH A . 
H 4 HOH 65 163 115 HOH HOH A . 
H 4 HOH 66 164 117 HOH HOH A . 
H 4 HOH 67 165 118 HOH HOH A . 
H 4 HOH 68 166 120 HOH HOH A . 
H 4 HOH 69 167 122 HOH HOH A . 
H 4 HOH 70 168 128 HOH HOH A . 
H 4 HOH 71 169 129 HOH HOH A . 
H 4 HOH 72 170 137 HOH HOH A . 
H 4 HOH 73 171 141 HOH HOH A . 
H 4 HOH 74 172 142 HOH HOH A . 
H 4 HOH 75 173 147 HOH HOH A . 
H 4 HOH 76 174 148 HOH HOH A . 
H 4 HOH 77 175 149 HOH HOH A . 
H 4 HOH 78 176 152 HOH HOH A . 
H 4 HOH 79 177 155 HOH HOH A . 
H 4 HOH 80 178 158 HOH HOH A . 
H 4 HOH 81 179 159 HOH HOH A . 
H 4 HOH 82 180 161 HOH HOH A . 
H 4 HOH 83 181 163 HOH HOH A . 
H 4 HOH 84 182 166 HOH HOH A . 
H 4 HOH 85 183 169 HOH HOH A . 
H 4 HOH 86 184 170 HOH HOH A . 
H 4 HOH 87 185 171 HOH HOH A . 
H 4 HOH 88 186 172 HOH HOH A . 
H 4 HOH 89 187 174 HOH HOH A . 
H 4 HOH 90 188 175 HOH HOH A . 
H 4 HOH 91 189 176 HOH HOH A . 
H 4 HOH 92 190 177 HOH HOH A . 
H 4 HOH 93 191 180 HOH HOH A . 
H 4 HOH 94 192 183 HOH HOH A . 
H 4 HOH 95 193 184 HOH HOH A . 
H 4 HOH 96 194 187 HOH HOH A . 
I 4 HOH 1  25  4   HOH HOH B . 
I 4 HOH 2  26  5   HOH HOH B . 
I 4 HOH 3  27  10  HOH HOH B . 
I 4 HOH 4  28  11  HOH HOH B . 
I 4 HOH 5  29  12  HOH HOH B . 
I 4 HOH 6  30  16  HOH HOH B . 
I 4 HOH 7  31  17  HOH HOH B . 
I 4 HOH 8  32  20  HOH HOH B . 
I 4 HOH 9  33  23  HOH HOH B . 
I 4 HOH 10 34  27  HOH HOH B . 
I 4 HOH 11 35  33  HOH HOH B . 
I 4 HOH 12 36  34  HOH HOH B . 
I 4 HOH 13 37  38  HOH HOH B . 
I 4 HOH 14 38  39  HOH HOH B . 
I 4 HOH 15 39  40  HOH HOH B . 
I 4 HOH 16 40  42  HOH HOH B . 
I 4 HOH 17 41  45  HOH HOH B . 
I 4 HOH 18 42  46  HOH HOH B . 
I 4 HOH 19 43  47  HOH HOH B . 
I 4 HOH 20 44  48  HOH HOH B . 
I 4 HOH 21 45  51  HOH HOH B . 
I 4 HOH 22 46  52  HOH HOH B . 
I 4 HOH 23 47  54  HOH HOH B . 
I 4 HOH 24 48  59  HOH HOH B . 
I 4 HOH 25 49  61  HOH HOH B . 
I 4 HOH 26 50  63  HOH HOH B . 
I 4 HOH 27 51  65  HOH HOH B . 
I 4 HOH 28 52  68  HOH HOH B . 
I 4 HOH 29 53  69  HOH HOH B . 
I 4 HOH 30 54  70  HOH HOH B . 
I 4 HOH 31 55  72  HOH HOH B . 
I 4 HOH 32 56  73  HOH HOH B . 
I 4 HOH 33 57  76  HOH HOH B . 
I 4 HOH 34 58  79  HOH HOH B . 
I 4 HOH 35 59  81  HOH HOH B . 
I 4 HOH 36 60  86  HOH HOH B . 
I 4 HOH 37 61  89  HOH HOH B . 
I 4 HOH 38 62  91  HOH HOH B . 
I 4 HOH 39 63  93  HOH HOH B . 
I 4 HOH 40 64  95  HOH HOH B . 
I 4 HOH 41 65  104 HOH HOH B . 
I 4 HOH 42 66  109 HOH HOH B . 
I 4 HOH 43 67  110 HOH HOH B . 
I 4 HOH 44 68  111 HOH HOH B . 
I 4 HOH 45 69  113 HOH HOH B . 
I 4 HOH 46 70  116 HOH HOH B . 
I 4 HOH 47 71  119 HOH HOH B . 
I 4 HOH 48 72  121 HOH HOH B . 
I 4 HOH 49 73  123 HOH HOH B . 
I 4 HOH 50 74  124 HOH HOH B . 
I 4 HOH 51 75  125 HOH HOH B . 
I 4 HOH 52 76  126 HOH HOH B . 
I 4 HOH 53 77  127 HOH HOH B . 
I 4 HOH 54 78  130 HOH HOH B . 
I 4 HOH 55 79  131 HOH HOH B . 
I 4 HOH 56 80  132 HOH HOH B . 
I 4 HOH 57 81  133 HOH HOH B . 
I 4 HOH 58 82  134 HOH HOH B . 
I 4 HOH 59 83  135 HOH HOH B . 
I 4 HOH 60 84  136 HOH HOH B . 
I 4 HOH 61 85  138 HOH HOH B . 
I 4 HOH 62 86  139 HOH HOH B . 
I 4 HOH 63 87  140 HOH HOH B . 
I 4 HOH 64 88  143 HOH HOH B . 
I 4 HOH 65 89  144 HOH HOH B . 
I 4 HOH 66 90  145 HOH HOH B . 
I 4 HOH 67 91  146 HOH HOH B . 
I 4 HOH 68 92  150 HOH HOH B . 
I 4 HOH 69 93  151 HOH HOH B . 
I 4 HOH 70 94  153 HOH HOH B . 
I 4 HOH 71 95  154 HOH HOH B . 
I 4 HOH 72 96  156 HOH HOH B . 
I 4 HOH 73 97  157 HOH HOH B . 
I 4 HOH 74 98  160 HOH HOH B . 
I 4 HOH 75 99  162 HOH HOH B . 
I 4 HOH 76 100 164 HOH HOH B . 
I 4 HOH 77 101 165 HOH HOH B . 
I 4 HOH 78 102 167 HOH HOH B . 
I 4 HOH 79 103 168 HOH HOH B . 
I 4 HOH 80 104 173 HOH HOH B . 
I 4 HOH 81 105 178 HOH HOH B . 
I 4 HOH 82 106 179 HOH HOH B . 
I 4 HOH 83 107 181 HOH HOH B . 
I 4 HOH 84 108 182 HOH HOH B . 
I 4 HOH 85 109 185 HOH HOH B . 
I 4 HOH 86 110 186 HOH HOH B . 
I 4 HOH 87 111 188 HOH HOH B . 
# 
loop_
_software.name 
_software.classification 
_software.version 
_software.citation_id 
_software.pdbx_ordinal 
SHARP     phasing          .   ? 1 
CNS       refinement       1.0 ? 2 
DENZO     'data reduction' .   ? 3 
SCALEPACK 'data scaling'   .   ? 4 
# 
_cell.entry_id           2OIY 
_cell.length_a           43.963 
_cell.length_b           47.550 
_cell.length_c           57.633 
_cell.angle_alpha        90.00 
_cell.angle_beta         90.00 
_cell.angle_gamma        90.00 
_cell.Z_PDB              8 
_cell.pdbx_unique_axis   ? 
_cell.length_a_esd       ? 
_cell.length_b_esd       ? 
_cell.length_c_esd       ? 
_cell.angle_alpha_esd    ? 
_cell.angle_beta_esd     ? 
_cell.angle_gamma_esd    ? 
# 
_symmetry.entry_id                         2OIY 
_symmetry.space_group_name_H-M             'P 21 21 2' 
_symmetry.pdbx_full_space_group_name_H-M   ? 
_symmetry.cell_setting                     ? 
_symmetry.Int_Tables_number                18 
_symmetry.space_group_name_Hall            ? 
# 
_exptl.entry_id          2OIY 
_exptl.method            'X-RAY DIFFRACTION' 
_exptl.crystals_number   1 
# 
_exptl_crystal.id                    1 
_exptl_crystal.density_meas          ? 
_exptl_crystal.density_Matthews      2.03 
_exptl_crystal.density_percent_sol   39.42 
_exptl_crystal.description           ? 
_exptl_crystal.F_000                 ? 
_exptl_crystal.preparation           ? 
# 
_exptl_crystal_grow.crystal_id      1 
_exptl_crystal_grow.method          'VAPOR DIFFUSION, SITTING DROP' 
_exptl_crystal_grow.temp            ? 
_exptl_crystal_grow.temp_details    ? 
_exptl_crystal_grow.pH              7.00 
_exptl_crystal_grow.pdbx_details    
'MAGNESIUM CHLORIDE, CACODYLATE, POTASSIUM CHLORIDE, SPERMINE, MPD, pH 7.00, VAPOR DIFFUSION, SITTING DROP' 
_exptl_crystal_grow.pdbx_pH_range   . 
# 
loop_
_exptl_crystal_grow_comp.crystal_id 
_exptl_crystal_grow_comp.id 
_exptl_crystal_grow_comp.sol_id 
_exptl_crystal_grow_comp.name 
_exptl_crystal_grow_comp.volume 
_exptl_crystal_grow_comp.conc 
_exptl_crystal_grow_comp.details 
1 1  1 'MAGNESIUM CHLORIDE' ? ? ? 
1 2  1 CACODYLATE           ? ? ? 
1 3  1 'POTASSIUM CHLORIDE' ? ? ? 
1 4  1 SPERMINE             ? ? ? 
1 5  1 MPD                  ? ? ? 
1 6  1 H2O                  ? ? ? 
1 7  2 'MAGNESIUM CHLORIDE' ? ? ? 
1 8  2 CACODYLATE           ? ? ? 
1 9  2 'POTASSIUM CHLORIDE' ? ? ? 
1 10 2 MPD                  ? ? ? 
1 11 2 H2O                  ? ? ? 
# 
_diffrn.id                     1 
_diffrn.ambient_temp           100.0 
_diffrn.ambient_temp_details   ? 
_diffrn.crystal_id             1 
# 
_diffrn_detector.diffrn_id              1 
_diffrn_detector.detector               CCD 
_diffrn_detector.type                   'ADSC QUANTUM 4' 
_diffrn_detector.pdbx_collection_date   2001-02-24 
_diffrn_detector.details                ? 
# 
_diffrn_radiation.diffrn_id                        1 
_diffrn_radiation.wavelength_id                    1 
_diffrn_radiation.pdbx_monochromatic_or_laue_m_l   M 
_diffrn_radiation.monochromator                    CRYSTAL 
_diffrn_radiation.pdbx_diffrn_protocol             'SINGLE WAVELENGTH' 
_diffrn_radiation.pdbx_scattering_type             x-ray 
# 
_diffrn_radiation_wavelength.id           1 
_diffrn_radiation_wavelength.wavelength   0.933 
_diffrn_radiation_wavelength.wt           1.0 
# 
_diffrn_source.diffrn_id                   1 
_diffrn_source.source                      SYNCHROTRON 
_diffrn_source.type                        'ESRF BEAMLINE ID14-2' 
_diffrn_source.pdbx_synchrotron_site       ESRF 
_diffrn_source.pdbx_synchrotron_beamline   ID14-2 
_diffrn_source.pdbx_wavelength             0.933 
_diffrn_source.pdbx_wavelength_list        ? 
# 
_reflns.entry_id                     2OIY 
_reflns.observed_criterion_sigma_I   1.000 
_reflns.observed_criterion_sigma_F   0 
_reflns.d_resolution_low             30.000 
_reflns.d_resolution_high            1.600 
_reflns.number_obs                   16259 
_reflns.number_all                   16450 
_reflns.percent_possible_obs         99.5 
_reflns.pdbx_Rmerge_I_obs            ? 
_reflns.pdbx_Rsym_value              0.063 
_reflns.pdbx_netI_over_sigmaI        23.8 
_reflns.B_iso_Wilson_estimate        20.60 
_reflns.pdbx_redundancy              9.2 
_reflns.R_free_details               ? 
_reflns.pdbx_chi_squared             ? 
_reflns.pdbx_scaling_rejects         ? 
_reflns.pdbx_ordinal                 1 
_reflns.pdbx_diffrn_id               1 
# 
_reflns_shell.d_res_high             1.60 
_reflns_shell.d_res_low              1.64 
_reflns_shell.percent_possible_all   99.0 
_reflns_shell.Rmerge_I_obs           ? 
_reflns_shell.pdbx_Rsym_value        0.212 
_reflns_shell.meanI_over_sigI_obs    ? 
_reflns_shell.pdbx_redundancy        ? 
_reflns_shell.percent_possible_obs   ? 
_reflns_shell.number_unique_all      1090 
_reflns_shell.number_measured_all    ? 
_reflns_shell.number_measured_obs    ? 
_reflns_shell.number_unique_obs      ? 
_reflns_shell.pdbx_chi_squared       ? 
_reflns_shell.pdbx_ordinal           1 
_reflns_shell.pdbx_diffrn_id         1 
# 
_refine.entry_id                                 2OIY 
_refine.ls_number_reflns_obs                     15606 
_refine.ls_number_reflns_all                     16366 
_refine.pdbx_ls_sigma_I                          ? 
_refine.pdbx_ls_sigma_F                          2.000 
_refine.pdbx_data_cutoff_high_absF               ? 
_refine.pdbx_data_cutoff_low_absF                ? 
_refine.pdbx_data_cutoff_high_rms_absF           ? 
_refine.ls_d_res_low                             8.00 
_refine.ls_d_res_high                            1.60 
_refine.ls_percent_reflns_obs                    95.2 
_refine.ls_R_factor_obs                          0.242 
_refine.ls_R_factor_all                          ? 
_refine.ls_R_factor_R_work                       0.242 
_refine.ls_R_factor_R_free                       0.25 
_refine.ls_R_factor_R_free_error                 0.008 
_refine.ls_R_factor_R_free_error_details         ? 
_refine.ls_percent_reflns_R_free                 6.800 
_refine.ls_number_reflns_R_free                  1059 
_refine.ls_number_parameters                     ? 
_refine.ls_number_restraints                     ? 
_refine.occupancy_min                            ? 
_refine.occupancy_max                            ? 
_refine.correlation_coeff_Fo_to_Fc               ? 
_refine.correlation_coeff_Fo_to_Fc_free          ? 
_refine.B_iso_mean                               31.70 
_refine.aniso_B[1][1]                            2.57000 
_refine.aniso_B[2][2]                            0.28000 
_refine.aniso_B[3][3]                            -2.85000 
_refine.aniso_B[1][2]                            0.00000 
_refine.aniso_B[1][3]                            0.00000 
_refine.aniso_B[2][3]                            0.00000 
_refine.solvent_model_details                    'FLAT MODEL' 
_refine.solvent_model_param_ksol                 0.41 
_refine.solvent_model_param_bsol                 45.84 
_refine.pdbx_solvent_vdw_probe_radii             ? 
_refine.pdbx_solvent_ion_probe_radii             ? 
_refine.pdbx_solvent_shrinkage_radii             ? 
_refine.pdbx_ls_cross_valid_method               THROUGHOUT 
_refine.details                                  ? 
_refine.pdbx_starting_model                      ? 
_refine.pdbx_method_to_determine_struct          MIR 
_refine.pdbx_isotropic_thermal_model             RESTRAINED 
_refine.pdbx_stereochemistry_target_values       ? 
_refine.pdbx_stereochem_target_val_spec_case     ? 
_refine.pdbx_R_Free_selection_details            RANDOM 
_refine.pdbx_overall_ESU_R                       ? 
_refine.pdbx_overall_ESU_R_Free                  ? 
_refine.overall_SU_ML                            ? 
_refine.overall_SU_B                             ? 
_refine.ls_redundancy_reflns_obs                 ? 
_refine.overall_SU_R_Cruickshank_DPI             ? 
_refine.overall_SU_R_free                        ? 
_refine.ls_wR_factor_R_free                      ? 
_refine.ls_wR_factor_R_work                      ? 
_refine.overall_FOM_free_R_set                   ? 
_refine.overall_FOM_work_R_set                   ? 
_refine.pdbx_refine_id                           'X-RAY DIFFRACTION' 
_refine.pdbx_diffrn_id                           1 
_refine.pdbx_TLS_residual_ADP_flag               ? 
_refine.pdbx_overall_phase_error                 ? 
_refine.pdbx_overall_SU_R_free_Cruickshank_DPI   ? 
_refine.pdbx_overall_SU_R_Blow_DPI               ? 
_refine.pdbx_overall_SU_R_free_Blow_DPI          ? 
# 
_refine_analyze.entry_id                        2OIY 
_refine_analyze.Luzzati_coordinate_error_obs    ? 
_refine_analyze.Luzzati_sigma_a_obs             ? 
_refine_analyze.Luzzati_d_res_low_obs           ? 
_refine_analyze.Luzzati_coordinate_error_free   0.26 
_refine_analyze.Luzzati_sigma_a_free            0.22 
_refine_analyze.Luzzati_d_res_low_free          ? 
_refine_analyze.number_disordered_residues      ? 
_refine_analyze.occupancy_sum_hydrogen          ? 
_refine_analyze.occupancy_sum_non_hydrogen      ? 
_refine_analyze.pdbx_refine_id                  'X-RAY DIFFRACTION' 
# 
_refine_hist.pdbx_refine_id                   'X-RAY DIFFRACTION' 
_refine_hist.cycle_id                         LAST 
_refine_hist.pdbx_number_atoms_protein        0 
_refine_hist.pdbx_number_atoms_nucleic_acid   982 
_refine_hist.pdbx_number_atoms_ligand         5 
_refine_hist.number_atoms_solvent             183 
_refine_hist.number_atoms_total               1170 
_refine_hist.d_res_high                       1.60 
_refine_hist.d_res_low                        8.00 
# 
loop_
_refine_ls_restr.type 
_refine_ls_restr.dev_ideal 
_refine_ls_restr.dev_ideal_target 
_refine_ls_restr.weight 
_refine_ls_restr.number 
_refine_ls_restr.pdbx_refine_id 
_refine_ls_restr.pdbx_restraint_function 
c_bond_d                0.008 ? ? ? 'X-RAY DIFFRACTION' ? 
c_bond_d_na             ?     ? ? ? 'X-RAY DIFFRACTION' ? 
c_bond_d_prot           ?     ? ? ? 'X-RAY DIFFRACTION' ? 
c_angle_d               ?     ? ? ? 'X-RAY DIFFRACTION' ? 
c_angle_d_na            ?     ? ? ? 'X-RAY DIFFRACTION' ? 
c_angle_d_prot          ?     ? ? ? 'X-RAY DIFFRACTION' ? 
c_angle_deg             1.30  ? ? ? 'X-RAY DIFFRACTION' ? 
c_angle_deg_na          ?     ? ? ? 'X-RAY DIFFRACTION' ? 
c_angle_deg_prot        ?     ? ? ? 'X-RAY DIFFRACTION' ? 
c_dihedral_angle_d      8.70  ? ? ? 'X-RAY DIFFRACTION' ? 
c_dihedral_angle_d_na   ?     ? ? ? 'X-RAY DIFFRACTION' ? 
c_dihedral_angle_d_prot ?     ? ? ? 'X-RAY DIFFRACTION' ? 
c_improper_angle_d      1.50  ? ? ? 'X-RAY DIFFRACTION' ? 
c_improper_angle_d_na   ?     ? ? ? 'X-RAY DIFFRACTION' ? 
c_improper_angle_d_prot ?     ? ? ? 'X-RAY DIFFRACTION' ? 
c_mcbond_it             ?     ? ? ? 'X-RAY DIFFRACTION' ? 
c_mcangle_it            ?     ? ? ? 'X-RAY DIFFRACTION' ? 
c_scbond_it             ?     ? ? ? 'X-RAY DIFFRACTION' ? 
c_scangle_it            ?     ? ? ? 'X-RAY DIFFRACTION' ? 
# 
_refine_ls_shell.pdbx_total_number_of_bins_used   6 
_refine_ls_shell.d_res_high                       1.60 
_refine_ls_shell.d_res_low                        1.70 
_refine_ls_shell.number_reflns_R_work             2166 
_refine_ls_shell.R_factor_R_work                  0.32 
_refine_ls_shell.percent_reflns_obs               85.90 
_refine_ls_shell.R_factor_R_free                  0.311 
_refine_ls_shell.R_factor_R_free_error            0.025 
_refine_ls_shell.percent_reflns_R_free            6.50 
_refine_ls_shell.number_reflns_R_free             150 
_refine_ls_shell.number_reflns_all                ? 
_refine_ls_shell.R_factor_all                     ? 
_refine_ls_shell.number_reflns_obs                ? 
_refine_ls_shell.redundancy_reflns_obs            ? 
_refine_ls_shell.pdbx_refine_id                   'X-RAY DIFFRACTION' 
# 
loop_
_pdbx_xplor_file.serial_no 
_pdbx_xplor_file.param_file 
_pdbx_xplor_file.topol_file 
_pdbx_xplor_file.pdbx_refine_id 
1 PROTEIN_REP.PARAM PROTEIN.TOP 'X-RAY DIFFRACTION' 
2 WATER_REP.PARAM   DNA-RNA.TOP 'X-RAY DIFFRACTION' 
3 ION.PARAM         WATER.TOP   'X-RAY DIFFRACTION' 
4 LUC.PARAM         ION.TOP     'X-RAY DIFFRACTION' 
# 
_struct.entry_id                  2OIY 
_struct.title                     'Crystal structure of the duplex form of the HIV-1(LAI) RNA dimerization initiation site' 
_struct.pdbx_model_details        ? 
_struct.pdbx_CASP_flag            ? 
_struct.pdbx_model_type_details   ? 
# 
_struct_keywords.entry_id        2OIY 
_struct_keywords.pdbx_keywords   RNA 
_struct_keywords.text            'HIV-1, DIS, RNA, DIMERIZATION' 
# 
loop_
_struct_asym.id 
_struct_asym.pdbx_blank_PDB_chainid_flag 
_struct_asym.pdbx_modified 
_struct_asym.entity_id 
_struct_asym.details 
A N N 1 ? 
B N N 1 ? 
C N N 2 ? 
D N N 2 ? 
E N N 3 ? 
F N N 3 ? 
G N N 2 ? 
H N N 4 ? 
I N N 4 ? 
# 
_struct_ref.id                         1 
_struct_ref.entity_id                  1 
_struct_ref.db_name                    PDB 
_struct_ref.db_code                    2OIY 
_struct_ref.pdbx_db_accession          2OIY 
_struct_ref.pdbx_db_isoform            ? 
_struct_ref.pdbx_seq_one_letter_code   ? 
_struct_ref.pdbx_align_begin           ? 
# 
loop_
_struct_ref_seq.align_id 
_struct_ref_seq.ref_id 
_struct_ref_seq.pdbx_PDB_id_code 
_struct_ref_seq.pdbx_strand_id 
_struct_ref_seq.seq_align_beg 
_struct_ref_seq.pdbx_seq_align_beg_ins_code 
_struct_ref_seq.seq_align_end 
_struct_ref_seq.pdbx_seq_align_end_ins_code 
_struct_ref_seq.pdbx_db_accession 
_struct_ref_seq.db_align_beg 
_struct_ref_seq.pdbx_db_align_beg_ins_code 
_struct_ref_seq.db_align_end 
_struct_ref_seq.pdbx_db_align_end_ins_code 
_struct_ref_seq.pdbx_auth_seq_align_beg 
_struct_ref_seq.pdbx_auth_seq_align_end 
1 1 2OIY A 1 ? 23 ? 2OIY 1 ? 23 ? 1 23 
2 1 2OIY B 1 ? 23 ? 2OIY 1 ? 23 ? 1 23 
# 
_pdbx_struct_assembly.id                   1 
_pdbx_struct_assembly.details              author_defined_assembly 
_pdbx_struct_assembly.method_details       ? 
_pdbx_struct_assembly.oligomeric_details   dimeric 
_pdbx_struct_assembly.oligomeric_count     2 
# 
_pdbx_struct_assembly_gen.assembly_id       1 
_pdbx_struct_assembly_gen.oper_expression   1 
_pdbx_struct_assembly_gen.asym_id_list      A,B,C,D,E,F,G,H,I 
# 
_pdbx_struct_oper_list.id                   1 
_pdbx_struct_oper_list.type                 'identity operation' 
_pdbx_struct_oper_list.name                 1_555 
_pdbx_struct_oper_list.symmetry_operation   x,y,z 
_pdbx_struct_oper_list.matrix[1][1]         1.0000000000 
_pdbx_struct_oper_list.matrix[1][2]         0.0000000000 
_pdbx_struct_oper_list.matrix[1][3]         0.0000000000 
_pdbx_struct_oper_list.vector[1]            0.0000000000 
_pdbx_struct_oper_list.matrix[2][1]         0.0000000000 
_pdbx_struct_oper_list.matrix[2][2]         1.0000000000 
_pdbx_struct_oper_list.matrix[2][3]         0.0000000000 
_pdbx_struct_oper_list.vector[2]            0.0000000000 
_pdbx_struct_oper_list.matrix[3][1]         0.0000000000 
_pdbx_struct_oper_list.matrix[3][2]         0.0000000000 
_pdbx_struct_oper_list.matrix[3][3]         1.0000000000 
_pdbx_struct_oper_list.vector[3]            0.0000000000 
# 
_struct_biol.id        1 
_struct_biol.details   ? 
# 
loop_
_struct_conn.id 
_struct_conn.conn_type_id 
_struct_conn.pdbx_leaving_atom_flag 
_struct_conn.pdbx_PDB_id 
_struct_conn.ptnr1_label_asym_id 
_struct_conn.ptnr1_label_comp_id 
_struct_conn.ptnr1_label_seq_id 
_struct_conn.ptnr1_label_atom_id 
_struct_conn.pdbx_ptnr1_label_alt_id 
_struct_conn.pdbx_ptnr1_PDB_ins_code 
_struct_conn.pdbx_ptnr1_standard_comp_id 
_struct_conn.ptnr1_symmetry 
_struct_conn.ptnr2_label_asym_id 
_struct_conn.ptnr2_label_comp_id 
_struct_conn.ptnr2_label_seq_id 
_struct_conn.ptnr2_label_atom_id 
_struct_conn.pdbx_ptnr2_label_alt_id 
_struct_conn.pdbx_ptnr2_PDB_ins_code 
_struct_conn.ptnr1_auth_asym_id 
_struct_conn.ptnr1_auth_comp_id 
_struct_conn.ptnr1_auth_seq_id 
_struct_conn.ptnr2_auth_asym_id 
_struct_conn.ptnr2_auth_comp_id 
_struct_conn.ptnr2_auth_seq_id 
_struct_conn.ptnr2_symmetry 
_struct_conn.pdbx_ptnr3_label_atom_id 
_struct_conn.pdbx_ptnr3_label_seq_id 
_struct_conn.pdbx_ptnr3_label_comp_id 
_struct_conn.pdbx_ptnr3_label_asym_id 
_struct_conn.pdbx_ptnr3_label_alt_id 
_struct_conn.pdbx_ptnr3_PDB_ins_code 
_struct_conn.details 
_struct_conn.pdbx_dist_value 
_struct_conn.pdbx_value_order 
_struct_conn.pdbx_role 
metalc1  metalc ? ? A U   6  O4    ? ? ? 1_555 D K   .  K  ? ? A U   6   A K   25  1_555 ? ? ? ? ? ? ?            2.775 ? ? 
metalc2  metalc ? ? A G   7  O6    ? ? ? 1_555 D K   .  K  ? ? A G   7   A K   25  1_555 ? ? ? ? ? ? ?            2.909 ? ? 
metalc3  metalc ? ? A C   20 O2    ? ? ? 1_555 C K   .  K  ? ? A C   20  A K   24  1_555 ? ? ? ? ? ? ?            2.768 ? ? 
metalc4  metalc ? ? C K   .  K     ? ? ? 1_555 H HOH .  O  ? ? A K   24  A HOH 138 1_555 ? ? ? ? ? ? ?            2.875 ? ? 
metalc5  metalc ? ? C K   .  K     ? ? ? 1_555 B C   5  O2 ? ? A K   24  B C   5   1_555 ? ? ? ? ? ? ?            2.860 ? ? 
metalc6  metalc ? ? C K   .  K     ? ? ? 1_555 I HOH .  O  ? ? A K   24  B HOH 33  1_555 ? ? ? ? ? ? ?            3.208 ? ? 
metalc7  metalc ? ? C K   .  K     ? ? ? 1_555 I HOH .  O  ? ? A K   24  B HOH 51  1_555 ? ? ? ? ? ? ?            3.021 ? ? 
metalc8  metalc ? ? D K   .  K     ? ? ? 1_555 H HOH .  O  ? ? A K   25  A HOH 135 1_555 ? ? ? ? ? ? ?            3.077 ? ? 
metalc9  metalc ? ? D K   .  K     ? ? ? 1_555 H HOH .  O  ? ? A K   25  A HOH 165 1_555 ? ? ? ? ? ? ?            3.206 ? ? 
metalc10 metalc ? ? D K   .  K     ? ? ? 1_555 B G   18 O6 ? ? A K   25  B G   18  1_555 ? ? ? ? ? ? ?            3.046 ? ? 
metalc11 metalc ? ? D K   .  K     ? ? ? 1_555 I HOH .  O  ? ? A K   25  B HOH 60  1_555 ? ? ? ? ? ? ?            2.915 ? ? 
metalc12 metalc ? ? D K   .  K     ? ? ? 1_555 I HOH .  O  ? ? A K   25  B HOH 63  1_555 ? ? ? ? ? ? ?            3.052 ? ? 
metalc13 metalc ? ? E MG  .  MG    ? ? ? 1_555 H HOH .  O  ? ? A MG  74  A HOH 158 1_555 ? ? ? ? ? ? ?            2.353 ? ? 
metalc14 metalc ? ? E MG  .  MG    ? ? ? 1_555 I HOH .  O  ? ? A MG  74  B HOH 34  1_555 ? ? ? ? ? ? ?            1.988 ? ? 
metalc15 metalc ? ? E MG  .  MG    ? ? ? 1_555 I HOH .  O  ? ? A MG  74  B HOH 61  1_555 ? ? ? ? ? ? ?            1.937 ? ? 
metalc16 metalc ? ? E MG  .  MG    ? ? ? 1_555 I HOH .  O  ? ? A MG  74  B HOH 80  1_555 ? ? ? ? ? ? ?            1.876 ? ? 
metalc17 metalc ? ? F MG  .  MG    ? ? ? 1_555 H HOH .  O  ? ? A MG  98  A HOH 125 1_555 ? ? ? ? ? ? ?            2.614 ? ? 
metalc18 metalc ? ? F MG  .  MG    ? ? ? 1_555 H HOH .  O  ? ? A MG  98  A HOH 129 1_555 ? ? ? ? ? ? ?            1.925 ? ? 
metalc19 metalc ? ? F MG  .  MG    ? ? ? 1_555 H HOH .  O  ? ? A MG  98  A HOH 136 1_555 ? ? ? ? ? ? ?            2.075 ? ? 
metalc20 metalc ? ? F MG  .  MG    ? ? ? 1_555 H HOH .  O  ? ? A MG  98  A HOH 146 1_555 ? ? ? ? ? ? ?            2.241 ? ? 
metalc21 metalc ? ? F MG  .  MG    ? ? ? 1_555 H HOH .  O  ? ? A MG  98  A HOH 163 1_555 ? ? ? ? ? ? ?            2.267 ? ? 
metalc22 metalc ? ? H HOH .  O     ? ? ? 1_555 G K   .  K  ? ? A HOH 101 B K   24  1_555 ? ? ? ? ? ? ?            2.958 ? ? 
metalc23 metalc ? ? B C   20 "O2'" ? ? ? 1_555 G K   .  K  ? ? B C   20  B K   24  1_555 ? ? ? ? ? ? ?            2.775 ? ? 
metalc24 metalc ? ? B C   20 O2    ? ? ? 1_555 G K   .  K  ? ? B C   20  B K   24  1_555 ? ? ? ? ? ? ?            2.729 ? ? 
metalc25 metalc ? ? B A   21 "O4'" ? ? ? 1_555 G K   .  K  ? ? B A   21  B K   24  1_555 ? ? ? ? ? ? ?            2.961 ? ? 
hydrog1  hydrog ? ? A C   1  N3    ? ? ? 1_555 B G   23 N1 ? ? A C   1   B G   23  1_555 ? ? ? ? ? ? WATSON-CRICK ?     ? ? 
hydrog2  hydrog ? ? A C   1  N4    ? ? ? 1_555 B G   23 O6 ? ? A C   1   B G   23  1_555 ? ? ? ? ? ? WATSON-CRICK ?     ? ? 
hydrog3  hydrog ? ? A C   1  O2    ? ? ? 1_555 B G   23 N2 ? ? A C   1   B G   23  1_555 ? ? ? ? ? ? WATSON-CRICK ?     ? ? 
hydrog4  hydrog ? ? A U   2  N3    ? ? ? 1_555 B A   22 N1 ? ? A U   2   B A   22  1_555 ? ? ? ? ? ? WATSON-CRICK ?     ? ? 
hydrog5  hydrog ? ? A U   2  O4    ? ? ? 1_555 B A   22 N6 ? ? A U   2   B A   22  1_555 ? ? ? ? ? ? WATSON-CRICK ?     ? ? 
hydrog6  hydrog ? ? A U   3  N3    ? ? ? 1_555 B A   21 N1 ? ? A U   3   B A   21  1_555 ? ? ? ? ? ? WATSON-CRICK ?     ? ? 
hydrog7  hydrog ? ? A U   3  O4    ? ? ? 1_555 B A   21 N6 ? ? A U   3   B A   21  1_555 ? ? ? ? ? ? WATSON-CRICK ?     ? ? 
hydrog8  hydrog ? ? A G   4  N1    ? ? ? 1_555 B C   20 N3 ? ? A G   4   B C   20  1_555 ? ? ? ? ? ? WATSON-CRICK ?     ? ? 
hydrog9  hydrog ? ? A G   4  N2    ? ? ? 1_555 B C   20 O2 ? ? A G   4   B C   20  1_555 ? ? ? ? ? ? WATSON-CRICK ?     ? ? 
hydrog10 hydrog ? ? A G   4  O6    ? ? ? 1_555 B C   20 N4 ? ? A G   4   B C   20  1_555 ? ? ? ? ? ? WATSON-CRICK ?     ? ? 
hydrog11 hydrog ? ? A C   5  N3    ? ? ? 1_555 B G   19 N1 ? ? A C   5   B G   19  1_555 ? ? ? ? ? ? WATSON-CRICK ?     ? ? 
hydrog12 hydrog ? ? A C   5  N4    ? ? ? 1_555 B G   19 O6 ? ? A C   5   B G   19  1_555 ? ? ? ? ? ? WATSON-CRICK ?     ? ? 
hydrog13 hydrog ? ? A C   5  O2    ? ? ? 1_555 B G   19 N2 ? ? A C   5   B G   19  1_555 ? ? ? ? ? ? WATSON-CRICK ?     ? ? 
hydrog14 hydrog ? ? A U   6  N3    ? ? ? 1_555 B G   18 O6 ? ? A U   6   B G   18  1_555 ? ? ? ? ? ? TYPE_28_PAIR ?     ? ? 
hydrog15 hydrog ? ? A U   6  O2    ? ? ? 1_555 B G   18 N1 ? ? A U   6   B G   18  1_555 ? ? ? ? ? ? TYPE_28_PAIR ?     ? ? 
hydrog16 hydrog ? ? A G   7  N1    ? ? ? 1_555 B C   17 N3 ? ? A G   7   B C   17  1_555 ? ? ? ? ? ? WATSON-CRICK ?     ? ? 
hydrog17 hydrog ? ? A G   7  N2    ? ? ? 1_555 B C   17 O2 ? ? A G   7   B C   17  1_555 ? ? ? ? ? ? WATSON-CRICK ?     ? ? 
hydrog18 hydrog ? ? A G   7  O6    ? ? ? 1_555 B C   17 N4 ? ? A G   7   B C   17  1_555 ? ? ? ? ? ? WATSON-CRICK ?     ? ? 
hydrog19 hydrog ? ? A G   10 N1    ? ? ? 1_555 B C   15 N3 ? ? A G   10  B C   15  1_555 ? ? ? ? ? ? WATSON-CRICK ?     ? ? 
hydrog20 hydrog ? ? A G   10 N2    ? ? ? 1_555 B C   15 O2 ? ? A G   10  B C   15  1_555 ? ? ? ? ? ? WATSON-CRICK ?     ? ? 
hydrog21 hydrog ? ? A G   10 O6    ? ? ? 1_555 B C   15 N4 ? ? A G   10  B C   15  1_555 ? ? ? ? ? ? WATSON-CRICK ?     ? ? 
hydrog22 hydrog ? ? A C   11 N3    ? ? ? 1_555 B G   14 N1 ? ? A C   11  B G   14  1_555 ? ? ? ? ? ? WATSON-CRICK ?     ? ? 
hydrog23 hydrog ? ? A C   11 N4    ? ? ? 1_555 B G   14 O6 ? ? A C   11  B G   14  1_555 ? ? ? ? ? ? WATSON-CRICK ?     ? ? 
hydrog24 hydrog ? ? A C   11 O2    ? ? ? 1_555 B G   14 N2 ? ? A C   11  B G   14  1_555 ? ? ? ? ? ? WATSON-CRICK ?     ? ? 
hydrog25 hydrog ? ? A G   12 N1    ? ? ? 1_555 B C   13 N3 ? ? A G   12  B C   13  1_555 ? ? ? ? ? ? WATSON-CRICK ?     ? ? 
hydrog26 hydrog ? ? A G   12 N2    ? ? ? 1_555 B C   13 O2 ? ? A G   12  B C   13  1_555 ? ? ? ? ? ? WATSON-CRICK ?     ? ? 
hydrog27 hydrog ? ? A G   12 O6    ? ? ? 1_555 B C   13 N4 ? ? A G   12  B C   13  1_555 ? ? ? ? ? ? WATSON-CRICK ?     ? ? 
hydrog28 hydrog ? ? A C   13 N3    ? ? ? 1_555 B G   12 N1 ? ? A C   13  B G   12  1_555 ? ? ? ? ? ? WATSON-CRICK ?     ? ? 
hydrog29 hydrog ? ? A C   13 N4    ? ? ? 1_555 B G   12 O6 ? ? A C   13  B G   12  1_555 ? ? ? ? ? ? WATSON-CRICK ?     ? ? 
hydrog30 hydrog ? ? A C   13 O2    ? ? ? 1_555 B G   12 N2 ? ? A C   13  B G   12  1_555 ? ? ? ? ? ? WATSON-CRICK ?     ? ? 
hydrog31 hydrog ? ? A G   14 N1    ? ? ? 1_555 B C   11 N3 ? ? A G   14  B C   11  1_555 ? ? ? ? ? ? WATSON-CRICK ?     ? ? 
hydrog32 hydrog ? ? A G   14 N2    ? ? ? 1_555 B C   11 O2 ? ? A G   14  B C   11  1_555 ? ? ? ? ? ? WATSON-CRICK ?     ? ? 
hydrog33 hydrog ? ? A G   14 O6    ? ? ? 1_555 B C   11 N4 ? ? A G   14  B C   11  1_555 ? ? ? ? ? ? WATSON-CRICK ?     ? ? 
hydrog34 hydrog ? ? A C   15 N3    ? ? ? 1_555 B G   10 N1 ? ? A C   15  B G   10  1_555 ? ? ? ? ? ? WATSON-CRICK ?     ? ? 
hydrog35 hydrog ? ? A C   15 N4    ? ? ? 1_555 B G   10 O6 ? ? A C   15  B G   10  1_555 ? ? ? ? ? ? WATSON-CRICK ?     ? ? 
hydrog36 hydrog ? ? A C   15 O2    ? ? ? 1_555 B G   10 N2 ? ? A C   15  B G   10  1_555 ? ? ? ? ? ? WATSON-CRICK ?     ? ? 
hydrog37 hydrog ? ? A C   17 N3    ? ? ? 1_555 B G   7  N1 ? ? A C   17  B G   7   1_555 ? ? ? ? ? ? WATSON-CRICK ?     ? ? 
hydrog38 hydrog ? ? A C   17 N4    ? ? ? 1_555 B G   7  O6 ? ? A C   17  B G   7   1_555 ? ? ? ? ? ? WATSON-CRICK ?     ? ? 
hydrog39 hydrog ? ? A C   17 O2    ? ? ? 1_555 B G   7  N2 ? ? A C   17  B G   7   1_555 ? ? ? ? ? ? WATSON-CRICK ?     ? ? 
hydrog40 hydrog ? ? A G   18 N1    ? ? ? 1_555 B U   6  O2 ? ? A G   18  B U   6   1_555 ? ? ? ? ? ? TYPE_28_PAIR ?     ? ? 
hydrog41 hydrog ? ? A G   18 O6    ? ? ? 1_555 B U   6  N3 ? ? A G   18  B U   6   1_555 ? ? ? ? ? ? TYPE_28_PAIR ?     ? ? 
hydrog42 hydrog ? ? A G   19 N1    ? ? ? 1_555 B C   5  N3 ? ? A G   19  B C   5   1_555 ? ? ? ? ? ? WATSON-CRICK ?     ? ? 
hydrog43 hydrog ? ? A G   19 N2    ? ? ? 1_555 B C   5  O2 ? ? A G   19  B C   5   1_555 ? ? ? ? ? ? WATSON-CRICK ?     ? ? 
hydrog44 hydrog ? ? A G   19 O6    ? ? ? 1_555 B C   5  N4 ? ? A G   19  B C   5   1_555 ? ? ? ? ? ? WATSON-CRICK ?     ? ? 
hydrog45 hydrog ? ? A C   20 N3    ? ? ? 1_555 B G   4  N1 ? ? A C   20  B G   4   1_555 ? ? ? ? ? ? WATSON-CRICK ?     ? ? 
hydrog46 hydrog ? ? A C   20 N4    ? ? ? 1_555 B G   4  O6 ? ? A C   20  B G   4   1_555 ? ? ? ? ? ? WATSON-CRICK ?     ? ? 
hydrog47 hydrog ? ? A C   20 O2    ? ? ? 1_555 B G   4  N2 ? ? A C   20  B G   4   1_555 ? ? ? ? ? ? WATSON-CRICK ?     ? ? 
hydrog48 hydrog ? ? A A   21 N1    ? ? ? 1_555 B U   3  N3 ? ? A A   21  B U   3   1_555 ? ? ? ? ? ? WATSON-CRICK ?     ? ? 
hydrog49 hydrog ? ? A A   21 N6    ? ? ? 1_555 B U   3  O4 ? ? A A   21  B U   3   1_555 ? ? ? ? ? ? WATSON-CRICK ?     ? ? 
hydrog50 hydrog ? ? A A   22 N1    ? ? ? 1_555 B U   2  N3 ? ? A A   22  B U   2   1_555 ? ? ? ? ? ? WATSON-CRICK ?     ? ? 
hydrog51 hydrog ? ? A A   22 N6    ? ? ? 1_555 B U   2  O4 ? ? A A   22  B U   2   1_555 ? ? ? ? ? ? WATSON-CRICK ?     ? ? 
hydrog52 hydrog ? ? A G   23 N1    ? ? ? 1_555 B C   1  N3 ? ? A G   23  B C   1   1_555 ? ? ? ? ? ? WATSON-CRICK ?     ? ? 
hydrog53 hydrog ? ? A G   23 N2    ? ? ? 1_555 B C   1  O2 ? ? A G   23  B C   1   1_555 ? ? ? ? ? ? WATSON-CRICK ?     ? ? 
hydrog54 hydrog ? ? A G   23 O6    ? ? ? 1_555 B C   1  N4 ? ? A G   23  B C   1   1_555 ? ? ? ? ? ? WATSON-CRICK ?     ? ? 
# 
loop_
_struct_conn_type.id 
_struct_conn_type.criteria 
_struct_conn_type.reference 
metalc ? ? 
hydrog ? ? 
# 
loop_
_pdbx_struct_conn_angle.id 
_pdbx_struct_conn_angle.ptnr1_label_atom_id 
_pdbx_struct_conn_angle.ptnr1_label_alt_id 
_pdbx_struct_conn_angle.ptnr1_label_asym_id 
_pdbx_struct_conn_angle.ptnr1_label_comp_id 
_pdbx_struct_conn_angle.ptnr1_label_seq_id 
_pdbx_struct_conn_angle.ptnr1_auth_atom_id 
_pdbx_struct_conn_angle.ptnr1_auth_asym_id 
_pdbx_struct_conn_angle.ptnr1_auth_comp_id 
_pdbx_struct_conn_angle.ptnr1_auth_seq_id 
_pdbx_struct_conn_angle.ptnr1_PDB_ins_code 
_pdbx_struct_conn_angle.ptnr1_symmetry 
_pdbx_struct_conn_angle.ptnr2_label_atom_id 
_pdbx_struct_conn_angle.ptnr2_label_alt_id 
_pdbx_struct_conn_angle.ptnr2_label_asym_id 
_pdbx_struct_conn_angle.ptnr2_label_comp_id 
_pdbx_struct_conn_angle.ptnr2_label_seq_id 
_pdbx_struct_conn_angle.ptnr2_auth_atom_id 
_pdbx_struct_conn_angle.ptnr2_auth_asym_id 
_pdbx_struct_conn_angle.ptnr2_auth_comp_id 
_pdbx_struct_conn_angle.ptnr2_auth_seq_id 
_pdbx_struct_conn_angle.ptnr2_PDB_ins_code 
_pdbx_struct_conn_angle.ptnr2_symmetry 
_pdbx_struct_conn_angle.ptnr3_label_atom_id 
_pdbx_struct_conn_angle.ptnr3_label_alt_id 
_pdbx_struct_conn_angle.ptnr3_label_asym_id 
_pdbx_struct_conn_angle.ptnr3_label_comp_id 
_pdbx_struct_conn_angle.ptnr3_label_seq_id 
_pdbx_struct_conn_angle.ptnr3_auth_atom_id 
_pdbx_struct_conn_angle.ptnr3_auth_asym_id 
_pdbx_struct_conn_angle.ptnr3_auth_comp_id 
_pdbx_struct_conn_angle.ptnr3_auth_seq_id 
_pdbx_struct_conn_angle.ptnr3_PDB_ins_code 
_pdbx_struct_conn_angle.ptnr3_symmetry 
_pdbx_struct_conn_angle.value 
_pdbx_struct_conn_angle.value_esd 
1  O4    ? A U   6  ? A U   6   ? 1_555 K  ? D K  . ? A K  25 ? 1_555 O6    ? A G   7  ? A G   7   ? 1_555 74.4  ? 
2  O4    ? A U   6  ? A U   6   ? 1_555 K  ? D K  . ? A K  25 ? 1_555 O     ? H HOH .  ? A HOH 135 ? 1_555 128.2 ? 
3  O6    ? A G   7  ? A G   7   ? 1_555 K  ? D K  . ? A K  25 ? 1_555 O     ? H HOH .  ? A HOH 135 ? 1_555 129.5 ? 
4  O4    ? A U   6  ? A U   6   ? 1_555 K  ? D K  . ? A K  25 ? 1_555 O     ? H HOH .  ? A HOH 165 ? 1_555 71.4  ? 
5  O6    ? A G   7  ? A G   7   ? 1_555 K  ? D K  . ? A K  25 ? 1_555 O     ? H HOH .  ? A HOH 165 ? 1_555 137.7 ? 
6  O     ? H HOH .  ? A HOH 135 ? 1_555 K  ? D K  . ? A K  25 ? 1_555 O     ? H HOH .  ? A HOH 165 ? 1_555 62.0  ? 
7  O4    ? A U   6  ? A U   6   ? 1_555 K  ? D K  . ? A K  25 ? 1_555 O6    ? B G   18 ? B G   18  ? 1_555 77.4  ? 
8  O6    ? A G   7  ? A G   7   ? 1_555 K  ? D K  . ? A K  25 ? 1_555 O6    ? B G   18 ? B G   18  ? 1_555 65.8  ? 
9  O     ? H HOH .  ? A HOH 135 ? 1_555 K  ? D K  . ? A K  25 ? 1_555 O6    ? B G   18 ? B G   18  ? 1_555 150.5 ? 
10 O     ? H HOH .  ? A HOH 165 ? 1_555 K  ? D K  . ? A K  25 ? 1_555 O6    ? B G   18 ? B G   18  ? 1_555 127.5 ? 
11 O4    ? A U   6  ? A U   6   ? 1_555 K  ? D K  . ? A K  25 ? 1_555 O     ? I HOH .  ? B HOH 60  ? 1_555 159.3 ? 
12 O6    ? A G   7  ? A G   7   ? 1_555 K  ? D K  . ? A K  25 ? 1_555 O     ? I HOH .  ? B HOH 60  ? 1_555 95.8  ? 
13 O     ? H HOH .  ? A HOH 135 ? 1_555 K  ? D K  . ? A K  25 ? 1_555 O     ? I HOH .  ? B HOH 60  ? 1_555 72.1  ? 
14 O     ? H HOH .  ? A HOH 165 ? 1_555 K  ? D K  . ? A K  25 ? 1_555 O     ? I HOH .  ? B HOH 60  ? 1_555 124.1 ? 
15 O6    ? B G   18 ? B G   18  ? 1_555 K  ? D K  . ? A K  25 ? 1_555 O     ? I HOH .  ? B HOH 60  ? 1_555 82.0  ? 
16 O4    ? A U   6  ? A U   6   ? 1_555 K  ? D K  . ? A K  25 ? 1_555 O     ? I HOH .  ? B HOH 63  ? 1_555 88.5  ? 
17 O6    ? A G   7  ? A G   7   ? 1_555 K  ? D K  . ? A K  25 ? 1_555 O     ? I HOH .  ? B HOH 63  ? 1_555 78.7  ? 
18 O     ? H HOH .  ? A HOH 135 ? 1_555 K  ? D K  . ? A K  25 ? 1_555 O     ? I HOH .  ? B HOH 63  ? 1_555 60.6  ? 
19 O     ? H HOH .  ? A HOH 165 ? 1_555 K  ? D K  . ? A K  25 ? 1_555 O     ? I HOH .  ? B HOH 63  ? 1_555 76.3  ? 
20 O6    ? B G   18 ? B G   18  ? 1_555 K  ? D K  . ? A K  25 ? 1_555 O     ? I HOH .  ? B HOH 63  ? 1_555 144.0 ? 
21 O     ? I HOH .  ? B HOH 60  ? 1_555 K  ? D K  . ? A K  25 ? 1_555 O     ? I HOH .  ? B HOH 63  ? 1_555 107.9 ? 
22 O2    ? A C   20 ? A C   20  ? 1_555 K  ? C K  . ? A K  24 ? 1_555 O     ? H HOH .  ? A HOH 138 ? 1_555 70.8  ? 
23 O2    ? A C   20 ? A C   20  ? 1_555 K  ? C K  . ? A K  24 ? 1_555 O2    ? B C   5  ? B C   5   ? 1_555 87.1  ? 
24 O     ? H HOH .  ? A HOH 138 ? 1_555 K  ? C K  . ? A K  24 ? 1_555 O2    ? B C   5  ? B C   5   ? 1_555 151.5 ? 
25 O2    ? A C   20 ? A C   20  ? 1_555 K  ? C K  . ? A K  24 ? 1_555 O     ? I HOH .  ? B HOH 33  ? 1_555 156.6 ? 
26 O     ? H HOH .  ? A HOH 138 ? 1_555 K  ? C K  . ? A K  24 ? 1_555 O     ? I HOH .  ? B HOH 33  ? 1_555 128.7 ? 
27 O2    ? B C   5  ? B C   5   ? 1_555 K  ? C K  . ? A K  24 ? 1_555 O     ? I HOH .  ? B HOH 33  ? 1_555 77.6  ? 
28 O2    ? A C   20 ? A C   20  ? 1_555 K  ? C K  . ? A K  24 ? 1_555 O     ? I HOH .  ? B HOH 51  ? 1_555 107.5 ? 
29 O     ? H HOH .  ? A HOH 138 ? 1_555 K  ? C K  . ? A K  24 ? 1_555 O     ? I HOH .  ? B HOH 51  ? 1_555 78.8  ? 
30 O2    ? B C   5  ? B C   5   ? 1_555 K  ? C K  . ? A K  24 ? 1_555 O     ? I HOH .  ? B HOH 51  ? 1_555 91.6  ? 
31 O     ? I HOH .  ? B HOH 33  ? 1_555 K  ? C K  . ? A K  24 ? 1_555 O     ? I HOH .  ? B HOH 51  ? 1_555 90.7  ? 
32 O     ? H HOH .  ? A HOH 158 ? 1_555 MG ? E MG . ? A MG 74 ? 1_555 O     ? I HOH .  ? B HOH 34  ? 1_555 105.2 ? 
33 O     ? H HOH .  ? A HOH 158 ? 1_555 MG ? E MG . ? A MG 74 ? 1_555 O     ? I HOH .  ? B HOH 61  ? 1_555 171.8 ? 
34 O     ? I HOH .  ? B HOH 34  ? 1_555 MG ? E MG . ? A MG 74 ? 1_555 O     ? I HOH .  ? B HOH 61  ? 1_555 75.6  ? 
35 O     ? H HOH .  ? A HOH 158 ? 1_555 MG ? E MG . ? A MG 74 ? 1_555 O     ? I HOH .  ? B HOH 80  ? 1_555 89.1  ? 
36 O     ? I HOH .  ? B HOH 34  ? 1_555 MG ? E MG . ? A MG 74 ? 1_555 O     ? I HOH .  ? B HOH 80  ? 1_555 87.1  ? 
37 O     ? I HOH .  ? B HOH 61  ? 1_555 MG ? E MG . ? A MG 74 ? 1_555 O     ? I HOH .  ? B HOH 80  ? 1_555 82.8  ? 
38 O     ? H HOH .  ? A HOH 125 ? 1_555 MG ? F MG . ? A MG 98 ? 1_555 O     ? H HOH .  ? A HOH 129 ? 1_555 162.7 ? 
39 O     ? H HOH .  ? A HOH 125 ? 1_555 MG ? F MG . ? A MG 98 ? 1_555 O     ? H HOH .  ? A HOH 136 ? 1_555 79.2  ? 
40 O     ? H HOH .  ? A HOH 129 ? 1_555 MG ? F MG . ? A MG 98 ? 1_555 O     ? H HOH .  ? A HOH 136 ? 1_555 84.8  ? 
41 O     ? H HOH .  ? A HOH 125 ? 1_555 MG ? F MG . ? A MG 98 ? 1_555 O     ? H HOH .  ? A HOH 146 ? 1_555 81.2  ? 
42 O     ? H HOH .  ? A HOH 129 ? 1_555 MG ? F MG . ? A MG 98 ? 1_555 O     ? H HOH .  ? A HOH 146 ? 1_555 113.4 ? 
43 O     ? H HOH .  ? A HOH 136 ? 1_555 MG ? F MG . ? A MG 98 ? 1_555 O     ? H HOH .  ? A HOH 146 ? 1_555 158.4 ? 
44 O     ? H HOH .  ? A HOH 125 ? 1_555 MG ? F MG . ? A MG 98 ? 1_555 O     ? H HOH .  ? A HOH 163 ? 1_555 101.0 ? 
45 O     ? H HOH .  ? A HOH 129 ? 1_555 MG ? F MG . ? A MG 98 ? 1_555 O     ? H HOH .  ? A HOH 163 ? 1_555 74.6  ? 
46 O     ? H HOH .  ? A HOH 136 ? 1_555 MG ? F MG . ? A MG 98 ? 1_555 O     ? H HOH .  ? A HOH 163 ? 1_555 97.4  ? 
47 O     ? H HOH .  ? A HOH 146 ? 1_555 MG ? F MG . ? A MG 98 ? 1_555 O     ? H HOH .  ? A HOH 163 ? 1_555 77.5  ? 
48 O     ? H HOH .  ? A HOH 101 ? 1_555 K  ? G K  . ? B K  24 ? 1_555 "O2'" ? B C   20 ? B C   20  ? 1_555 155.1 ? 
49 O     ? H HOH .  ? A HOH 101 ? 1_555 K  ? G K  . ? B K  24 ? 1_555 O2    ? B C   20 ? B C   20  ? 1_555 102.4 ? 
50 "O2'" ? B C   20 ? B C   20  ? 1_555 K  ? G K  . ? B K  24 ? 1_555 O2    ? B C   20 ? B C   20  ? 1_555 80.5  ? 
51 O     ? H HOH .  ? A HOH 101 ? 1_555 K  ? G K  . ? B K  24 ? 1_555 "O4'" ? B A   21 ? B A   21  ? 1_555 81.4  ? 
52 "O2'" ? B C   20 ? B C   20  ? 1_555 K  ? G K  . ? B K  24 ? 1_555 "O4'" ? B A   21 ? B A   21  ? 1_555 73.8  ? 
53 O2    ? B C   20 ? B C   20  ? 1_555 K  ? G K  . ? B K  24 ? 1_555 "O4'" ? B A   21 ? B A   21  ? 1_555 90.4  ? 
# 
loop_
_struct_site.id 
_struct_site.pdbx_evidence_code 
_struct_site.pdbx_auth_asym_id 
_struct_site.pdbx_auth_comp_id 
_struct_site.pdbx_auth_seq_id 
_struct_site.pdbx_auth_ins_code 
_struct_site.pdbx_num_residues 
_struct_site.details 
AC1 Software B K  24 ? 6 'BINDING SITE FOR RESIDUE K B 24'  
AC2 Software A K  24 ? 7 'BINDING SITE FOR RESIDUE K A 24'  
AC3 Software A K  25 ? 8 'BINDING SITE FOR RESIDUE K A 25'  
AC4 Software A MG 74 ? 6 'BINDING SITE FOR RESIDUE MG A 74' 
AC5 Software A MG 98 ? 5 'BINDING SITE FOR RESIDUE MG A 98' 
# 
loop_
_struct_site_gen.id 
_struct_site_gen.site_id 
_struct_site_gen.pdbx_num_res 
_struct_site_gen.label_comp_id 
_struct_site_gen.label_asym_id 
_struct_site_gen.label_seq_id 
_struct_site_gen.pdbx_auth_ins_code 
_struct_site_gen.auth_comp_id 
_struct_site_gen.auth_asym_id 
_struct_site_gen.auth_seq_id 
_struct_site_gen.label_atom_id 
_struct_site_gen.label_alt_id 
_struct_site_gen.symmetry 
_struct_site_gen.details 
1  AC1 6 HOH H .  ? HOH A 101 . ? 1_555 ? 
2  AC1 6 G   B 4  ? G   B 4   . ? 4_573 ? 
3  AC1 6 C   B 20 ? C   B 20  . ? 1_555 ? 
4  AC1 6 A   B 21 ? A   B 21  . ? 1_555 ? 
5  AC1 6 HOH I .  ? HOH B 26  . ? 4_573 ? 
6  AC1 6 HOH I .  ? HOH B 59  . ? 4_573 ? 
7  AC2 7 G   A 19 ? G   A 19  . ? 1_555 ? 
8  AC2 7 C   A 20 ? C   A 20  . ? 1_555 ? 
9  AC2 7 HOH H .  ? HOH A 117 . ? 3_453 ? 
10 AC2 7 HOH H .  ? HOH A 138 . ? 1_555 ? 
11 AC2 7 G   B 4  ? G   B 4   . ? 1_555 ? 
12 AC2 7 C   B 5  ? C   B 5   . ? 1_555 ? 
13 AC2 7 HOH I .  ? HOH B 51  . ? 1_555 ? 
14 AC3 8 C   A 5  ? C   A 5   . ? 1_555 ? 
15 AC3 8 U   A 6  ? U   A 6   . ? 1_555 ? 
16 AC3 8 G   A 7  ? G   A 7   . ? 1_555 ? 
17 AC3 8 HOH H .  ? HOH A 135 . ? 1_555 ? 
18 AC3 8 C   B 17 ? C   B 17  . ? 1_555 ? 
19 AC3 8 G   B 18 ? G   B 18  . ? 1_555 ? 
20 AC3 8 HOH I .  ? HOH B 60  . ? 1_555 ? 
21 AC3 8 HOH I .  ? HOH B 63  . ? 1_555 ? 
22 AC4 6 G   A 19 ? G   A 19  . ? 1_555 ? 
23 AC4 6 HOH H .  ? HOH A 141 . ? 1_555 ? 
24 AC4 6 HOH H .  ? HOH A 158 . ? 1_555 ? 
25 AC4 6 HOH I .  ? HOH B 34  . ? 1_555 ? 
26 AC4 6 HOH I .  ? HOH B 61  . ? 1_555 ? 
27 AC4 6 HOH I .  ? HOH B 80  . ? 1_555 ? 
28 AC5 5 HOH H .  ? HOH A 125 . ? 1_555 ? 
29 AC5 5 HOH H .  ? HOH A 129 . ? 1_555 ? 
30 AC5 5 HOH H .  ? HOH A 136 . ? 1_555 ? 
31 AC5 5 HOH H .  ? HOH A 146 . ? 1_555 ? 
32 AC5 5 HOH H .  ? HOH A 163 . ? 1_555 ? 
# 
loop_
_pdbx_validate_planes.id 
_pdbx_validate_planes.PDB_model_num 
_pdbx_validate_planes.auth_comp_id 
_pdbx_validate_planes.auth_asym_id 
_pdbx_validate_planes.auth_seq_id 
_pdbx_validate_planes.PDB_ins_code 
_pdbx_validate_planes.label_alt_id 
_pdbx_validate_planes.rmsd 
_pdbx_validate_planes.type 
1 1 G A 7 ? ? 0.076 'SIDE CHAIN' 
2 1 A A 8 ? ? 0.058 'SIDE CHAIN' 
3 1 G B 7 ? ? 0.062 'SIDE CHAIN' 
# 
_pdbx_struct_special_symmetry.id              1 
_pdbx_struct_special_symmetry.PDB_model_num   1 
_pdbx_struct_special_symmetry.auth_asym_id    B 
_pdbx_struct_special_symmetry.auth_comp_id    HOH 
_pdbx_struct_special_symmetry.auth_seq_id     90 
_pdbx_struct_special_symmetry.PDB_ins_code    ? 
_pdbx_struct_special_symmetry.label_asym_id   I 
_pdbx_struct_special_symmetry.label_comp_id   HOH 
_pdbx_struct_special_symmetry.label_seq_id    . 
# 
loop_
_chem_comp_atom.comp_id 
_chem_comp_atom.atom_id 
_chem_comp_atom.type_symbol 
_chem_comp_atom.pdbx_aromatic_flag 
_chem_comp_atom.pdbx_stereo_config 
_chem_comp_atom.pdbx_ordinal 
A   OP3    O  N N 1   
A   P      P  N N 2   
A   OP1    O  N N 3   
A   OP2    O  N N 4   
A   "O5'"  O  N N 5   
A   "C5'"  C  N N 6   
A   "C4'"  C  N R 7   
A   "O4'"  O  N N 8   
A   "C3'"  C  N S 9   
A   "O3'"  O  N N 10  
A   "C2'"  C  N R 11  
A   "O2'"  O  N N 12  
A   "C1'"  C  N R 13  
A   N9     N  Y N 14  
A   C8     C  Y N 15  
A   N7     N  Y N 16  
A   C5     C  Y N 17  
A   C6     C  Y N 18  
A   N6     N  N N 19  
A   N1     N  Y N 20  
A   C2     C  Y N 21  
A   N3     N  Y N 22  
A   C4     C  Y N 23  
A   HOP3   H  N N 24  
A   HOP2   H  N N 25  
A   "H5'"  H  N N 26  
A   "H5''" H  N N 27  
A   "H4'"  H  N N 28  
A   "H3'"  H  N N 29  
A   "HO3'" H  N N 30  
A   "H2'"  H  N N 31  
A   "HO2'" H  N N 32  
A   "H1'"  H  N N 33  
A   H8     H  N N 34  
A   H61    H  N N 35  
A   H62    H  N N 36  
A   H2     H  N N 37  
C   OP3    O  N N 38  
C   P      P  N N 39  
C   OP1    O  N N 40  
C   OP2    O  N N 41  
C   "O5'"  O  N N 42  
C   "C5'"  C  N N 43  
C   "C4'"  C  N R 44  
C   "O4'"  O  N N 45  
C   "C3'"  C  N S 46  
C   "O3'"  O  N N 47  
C   "C2'"  C  N R 48  
C   "O2'"  O  N N 49  
C   "C1'"  C  N R 50  
C   N1     N  N N 51  
C   C2     C  N N 52  
C   O2     O  N N 53  
C   N3     N  N N 54  
C   C4     C  N N 55  
C   N4     N  N N 56  
C   C5     C  N N 57  
C   C6     C  N N 58  
C   HOP3   H  N N 59  
C   HOP2   H  N N 60  
C   "H5'"  H  N N 61  
C   "H5''" H  N N 62  
C   "H4'"  H  N N 63  
C   "H3'"  H  N N 64  
C   "HO3'" H  N N 65  
C   "H2'"  H  N N 66  
C   "HO2'" H  N N 67  
C   "H1'"  H  N N 68  
C   H41    H  N N 69  
C   H42    H  N N 70  
C   H5     H  N N 71  
C   H6     H  N N 72  
G   OP3    O  N N 73  
G   P      P  N N 74  
G   OP1    O  N N 75  
G   OP2    O  N N 76  
G   "O5'"  O  N N 77  
G   "C5'"  C  N N 78  
G   "C4'"  C  N R 79  
G   "O4'"  O  N N 80  
G   "C3'"  C  N S 81  
G   "O3'"  O  N N 82  
G   "C2'"  C  N R 83  
G   "O2'"  O  N N 84  
G   "C1'"  C  N R 85  
G   N9     N  Y N 86  
G   C8     C  Y N 87  
G   N7     N  Y N 88  
G   C5     C  Y N 89  
G   C6     C  N N 90  
G   O6     O  N N 91  
G   N1     N  N N 92  
G   C2     C  N N 93  
G   N2     N  N N 94  
G   N3     N  N N 95  
G   C4     C  Y N 96  
G   HOP3   H  N N 97  
G   HOP2   H  N N 98  
G   "H5'"  H  N N 99  
G   "H5''" H  N N 100 
G   "H4'"  H  N N 101 
G   "H3'"  H  N N 102 
G   "HO3'" H  N N 103 
G   "H2'"  H  N N 104 
G   "HO2'" H  N N 105 
G   "H1'"  H  N N 106 
G   H8     H  N N 107 
G   H1     H  N N 108 
G   H21    H  N N 109 
G   H22    H  N N 110 
HOH O      O  N N 111 
HOH H1     H  N N 112 
HOH H2     H  N N 113 
K   K      K  N N 114 
MG  MG     MG N N 115 
U   OP3    O  N N 116 
U   P      P  N N 117 
U   OP1    O  N N 118 
U   OP2    O  N N 119 
U   "O5'"  O  N N 120 
U   "C5'"  C  N N 121 
U   "C4'"  C  N R 122 
U   "O4'"  O  N N 123 
U   "C3'"  C  N S 124 
U   "O3'"  O  N N 125 
U   "C2'"  C  N R 126 
U   "O2'"  O  N N 127 
U   "C1'"  C  N R 128 
U   N1     N  N N 129 
U   C2     C  N N 130 
U   O2     O  N N 131 
U   N3     N  N N 132 
U   C4     C  N N 133 
U   O4     O  N N 134 
U   C5     C  N N 135 
U   C6     C  N N 136 
U   HOP3   H  N N 137 
U   HOP2   H  N N 138 
U   "H5'"  H  N N 139 
U   "H5''" H  N N 140 
U   "H4'"  H  N N 141 
U   "H3'"  H  N N 142 
U   "HO3'" H  N N 143 
U   "H2'"  H  N N 144 
U   "HO2'" H  N N 145 
U   "H1'"  H  N N 146 
U   H3     H  N N 147 
U   H5     H  N N 148 
U   H6     H  N N 149 
# 
loop_
_chem_comp_bond.comp_id 
_chem_comp_bond.atom_id_1 
_chem_comp_bond.atom_id_2 
_chem_comp_bond.value_order 
_chem_comp_bond.pdbx_aromatic_flag 
_chem_comp_bond.pdbx_stereo_config 
_chem_comp_bond.pdbx_ordinal 
A   OP3   P      sing N N 1   
A   OP3   HOP3   sing N N 2   
A   P     OP1    doub N N 3   
A   P     OP2    sing N N 4   
A   P     "O5'"  sing N N 5   
A   OP2   HOP2   sing N N 6   
A   "O5'" "C5'"  sing N N 7   
A   "C5'" "C4'"  sing N N 8   
A   "C5'" "H5'"  sing N N 9   
A   "C5'" "H5''" sing N N 10  
A   "C4'" "O4'"  sing N N 11  
A   "C4'" "C3'"  sing N N 12  
A   "C4'" "H4'"  sing N N 13  
A   "O4'" "C1'"  sing N N 14  
A   "C3'" "O3'"  sing N N 15  
A   "C3'" "C2'"  sing N N 16  
A   "C3'" "H3'"  sing N N 17  
A   "O3'" "HO3'" sing N N 18  
A   "C2'" "O2'"  sing N N 19  
A   "C2'" "C1'"  sing N N 20  
A   "C2'" "H2'"  sing N N 21  
A   "O2'" "HO2'" sing N N 22  
A   "C1'" N9     sing N N 23  
A   "C1'" "H1'"  sing N N 24  
A   N9    C8     sing Y N 25  
A   N9    C4     sing Y N 26  
A   C8    N7     doub Y N 27  
A   C8    H8     sing N N 28  
A   N7    C5     sing Y N 29  
A   C5    C6     sing Y N 30  
A   C5    C4     doub Y N 31  
A   C6    N6     sing N N 32  
A   C6    N1     doub Y N 33  
A   N6    H61    sing N N 34  
A   N6    H62    sing N N 35  
A   N1    C2     sing Y N 36  
A   C2    N3     doub Y N 37  
A   C2    H2     sing N N 38  
A   N3    C4     sing Y N 39  
C   OP3   P      sing N N 40  
C   OP3   HOP3   sing N N 41  
C   P     OP1    doub N N 42  
C   P     OP2    sing N N 43  
C   P     "O5'"  sing N N 44  
C   OP2   HOP2   sing N N 45  
C   "O5'" "C5'"  sing N N 46  
C   "C5'" "C4'"  sing N N 47  
C   "C5'" "H5'"  sing N N 48  
C   "C5'" "H5''" sing N N 49  
C   "C4'" "O4'"  sing N N 50  
C   "C4'" "C3'"  sing N N 51  
C   "C4'" "H4'"  sing N N 52  
C   "O4'" "C1'"  sing N N 53  
C   "C3'" "O3'"  sing N N 54  
C   "C3'" "C2'"  sing N N 55  
C   "C3'" "H3'"  sing N N 56  
C   "O3'" "HO3'" sing N N 57  
C   "C2'" "O2'"  sing N N 58  
C   "C2'" "C1'"  sing N N 59  
C   "C2'" "H2'"  sing N N 60  
C   "O2'" "HO2'" sing N N 61  
C   "C1'" N1     sing N N 62  
C   "C1'" "H1'"  sing N N 63  
C   N1    C2     sing N N 64  
C   N1    C6     sing N N 65  
C   C2    O2     doub N N 66  
C   C2    N3     sing N N 67  
C   N3    C4     doub N N 68  
C   C4    N4     sing N N 69  
C   C4    C5     sing N N 70  
C   N4    H41    sing N N 71  
C   N4    H42    sing N N 72  
C   C5    C6     doub N N 73  
C   C5    H5     sing N N 74  
C   C6    H6     sing N N 75  
G   OP3   P      sing N N 76  
G   OP3   HOP3   sing N N 77  
G   P     OP1    doub N N 78  
G   P     OP2    sing N N 79  
G   P     "O5'"  sing N N 80  
G   OP2   HOP2   sing N N 81  
G   "O5'" "C5'"  sing N N 82  
G   "C5'" "C4'"  sing N N 83  
G   "C5'" "H5'"  sing N N 84  
G   "C5'" "H5''" sing N N 85  
G   "C4'" "O4'"  sing N N 86  
G   "C4'" "C3'"  sing N N 87  
G   "C4'" "H4'"  sing N N 88  
G   "O4'" "C1'"  sing N N 89  
G   "C3'" "O3'"  sing N N 90  
G   "C3'" "C2'"  sing N N 91  
G   "C3'" "H3'"  sing N N 92  
G   "O3'" "HO3'" sing N N 93  
G   "C2'" "O2'"  sing N N 94  
G   "C2'" "C1'"  sing N N 95  
G   "C2'" "H2'"  sing N N 96  
G   "O2'" "HO2'" sing N N 97  
G   "C1'" N9     sing N N 98  
G   "C1'" "H1'"  sing N N 99  
G   N9    C8     sing Y N 100 
G   N9    C4     sing Y N 101 
G   C8    N7     doub Y N 102 
G   C8    H8     sing N N 103 
G   N7    C5     sing Y N 104 
G   C5    C6     sing N N 105 
G   C5    C4     doub Y N 106 
G   C6    O6     doub N N 107 
G   C6    N1     sing N N 108 
G   N1    C2     sing N N 109 
G   N1    H1     sing N N 110 
G   C2    N2     sing N N 111 
G   C2    N3     doub N N 112 
G   N2    H21    sing N N 113 
G   N2    H22    sing N N 114 
G   N3    C4     sing N N 115 
HOH O     H1     sing N N 116 
HOH O     H2     sing N N 117 
U   OP3   P      sing N N 118 
U   OP3   HOP3   sing N N 119 
U   P     OP1    doub N N 120 
U   P     OP2    sing N N 121 
U   P     "O5'"  sing N N 122 
U   OP2   HOP2   sing N N 123 
U   "O5'" "C5'"  sing N N 124 
U   "C5'" "C4'"  sing N N 125 
U   "C5'" "H5'"  sing N N 126 
U   "C5'" "H5''" sing N N 127 
U   "C4'" "O4'"  sing N N 128 
U   "C4'" "C3'"  sing N N 129 
U   "C4'" "H4'"  sing N N 130 
U   "O4'" "C1'"  sing N N 131 
U   "C3'" "O3'"  sing N N 132 
U   "C3'" "C2'"  sing N N 133 
U   "C3'" "H3'"  sing N N 134 
U   "O3'" "HO3'" sing N N 135 
U   "C2'" "O2'"  sing N N 136 
U   "C2'" "C1'"  sing N N 137 
U   "C2'" "H2'"  sing N N 138 
U   "O2'" "HO2'" sing N N 139 
U   "C1'" N1     sing N N 140 
U   "C1'" "H1'"  sing N N 141 
U   N1    C2     sing N N 142 
U   N1    C6     sing N N 143 
U   C2    O2     doub N N 144 
U   C2    N3     sing N N 145 
U   N3    C4     sing N N 146 
U   N3    H3     sing N N 147 
U   C4    O4     doub N N 148 
U   C4    C5     sing N N 149 
U   C5    C6     doub N N 150 
U   C5    H5     sing N N 151 
U   C6    H6     sing N N 152 
# 
loop_
_ndb_struct_conf_na.entry_id 
_ndb_struct_conf_na.feature 
2OIY 'double helix'         
2OIY 'a-form double helix'  
2OIY 'mismatched base pair' 
2OIY 'internal loop'        
# 
loop_
_ndb_struct_na_base_pair.model_number 
_ndb_struct_na_base_pair.i_label_asym_id 
_ndb_struct_na_base_pair.i_label_comp_id 
_ndb_struct_na_base_pair.i_label_seq_id 
_ndb_struct_na_base_pair.i_symmetry 
_ndb_struct_na_base_pair.j_label_asym_id 
_ndb_struct_na_base_pair.j_label_comp_id 
_ndb_struct_na_base_pair.j_label_seq_id 
_ndb_struct_na_base_pair.j_symmetry 
_ndb_struct_na_base_pair.shear 
_ndb_struct_na_base_pair.stretch 
_ndb_struct_na_base_pair.stagger 
_ndb_struct_na_base_pair.buckle 
_ndb_struct_na_base_pair.propeller 
_ndb_struct_na_base_pair.opening 
_ndb_struct_na_base_pair.pair_number 
_ndb_struct_na_base_pair.pair_name 
_ndb_struct_na_base_pair.i_auth_asym_id 
_ndb_struct_na_base_pair.i_auth_seq_id 
_ndb_struct_na_base_pair.i_PDB_ins_code 
_ndb_struct_na_base_pair.j_auth_asym_id 
_ndb_struct_na_base_pair.j_auth_seq_id 
_ndb_struct_na_base_pair.j_PDB_ins_code 
_ndb_struct_na_base_pair.hbond_type_28 
_ndb_struct_na_base_pair.hbond_type_12 
1 A C 1  1_555 B G 23 1_555 0.033  -0.138 0.242  3.867  -18.948 2.301  1  A_C1:G23_B  A 1  ? B 23 ? 19 1 
1 A U 2  1_555 B A 22 1_555 0.095  -0.157 0.044  -1.845 -17.181 2.601  2  A_U2:A22_B  A 2  ? B 22 ? 20 1 
1 A U 3  1_555 B A 21 1_555 -0.291 -0.090 0.061  0.144  -11.235 1.904  3  A_U3:A21_B  A 3  ? B 21 ? 20 1 
1 A G 4  1_555 B C 20 1_555 -0.028 -0.161 0.262  0.719  -11.116 -1.306 4  A_G4:C20_B  A 4  ? B 20 ? 19 1 
1 A C 5  1_555 B G 19 1_555 0.260  -0.116 0.074  3.623  -16.864 -1.851 5  A_C5:G19_B  A 5  ? B 19 ? 19 1 
1 A U 6  1_555 B G 18 1_555 2.285  -0.578 0.081  2.703  -14.523 -3.755 6  A_U6:G18_B  A 6  ? B 18 ? 28 ? 
1 A G 7  1_555 B C 17 1_555 -0.236 -0.233 -0.150 11.371 0.336   1.132  7  A_G7:C17_B  A 7  ? B 17 ? 19 1 
1 A G 10 1_555 B C 15 1_555 -0.219 -0.180 -0.136 -5.873 -17.236 -1.073 8  A_G10:C15_B A 10 ? B 15 ? 19 1 
1 A C 11 1_555 B G 14 1_555 0.264  -0.071 0.053  0.447  -13.168 2.580  9  A_C11:G14_B A 11 ? B 14 ? 19 1 
1 A G 12 1_555 B C 13 1_555 -0.162 -0.161 0.089  2.780  -5.169  -0.565 10 A_G12:C13_B A 12 ? B 13 ? 19 1 
1 A C 13 1_555 B G 12 1_555 0.159  -0.086 0.009  3.566  -12.545 0.537  11 A_C13:G12_B A 13 ? B 12 ? 19 1 
1 A G 14 1_555 B C 11 1_555 -0.093 -0.143 -0.121 2.007  -10.250 0.621  12 A_G14:C11_B A 14 ? B 11 ? 19 1 
1 A C 15 1_555 B G 10 1_555 0.473  -0.271 -0.008 2.921  -11.574 3.321  13 A_C15:G10_B A 15 ? B 10 ? 19 1 
1 A C 17 1_555 B G 7  1_555 -0.141 -0.169 0.062  -7.759 -8.376  -0.201 14 A_C17:G7_B  A 17 ? B 7  ? 19 1 
1 A G 18 1_555 B U 6  1_555 -2.356 -0.557 0.195  3.448  -11.662 3.124  15 A_G18:U6_B  A 18 ? B 6  ? 28 1 
1 A G 19 1_555 B C 5  1_555 -0.223 -0.183 -0.006 -0.228 -17.348 2.645  16 A_G19:C5_B  A 19 ? B 5  ? 19 1 
1 A C 20 1_555 B G 4  1_555 0.249  -0.069 -0.058 2.243  -14.393 3.536  17 A_C20:G4_B  A 20 ? B 4  ? 19 1 
1 A A 21 1_555 B U 3  1_555 0.149  -0.242 0.197  -5.204 -16.316 4.532  18 A_A21:U3_B  A 21 ? B 3  ? 20 1 
1 A A 22 1_555 B U 2  1_555 0.280  -0.340 0.057  -1.294 -14.271 0.245  19 A_A22:U2_B  A 22 ? B 2  ? 20 1 
1 A G 23 1_555 B C 1  1_555 0.519  -0.030 -0.175 -8.675 -21.322 0.387  20 A_G23:C1_B  A 23 ? B 1  ? 19 1 
# 
loop_
_ndb_struct_na_base_pair_step.model_number 
_ndb_struct_na_base_pair_step.i_label_asym_id_1 
_ndb_struct_na_base_pair_step.i_label_comp_id_1 
_ndb_struct_na_base_pair_step.i_label_seq_id_1 
_ndb_struct_na_base_pair_step.i_symmetry_1 
_ndb_struct_na_base_pair_step.j_label_asym_id_1 
_ndb_struct_na_base_pair_step.j_label_comp_id_1 
_ndb_struct_na_base_pair_step.j_label_seq_id_1 
_ndb_struct_na_base_pair_step.j_symmetry_1 
_ndb_struct_na_base_pair_step.i_label_asym_id_2 
_ndb_struct_na_base_pair_step.i_label_comp_id_2 
_ndb_struct_na_base_pair_step.i_label_seq_id_2 
_ndb_struct_na_base_pair_step.i_symmetry_2 
_ndb_struct_na_base_pair_step.j_label_asym_id_2 
_ndb_struct_na_base_pair_step.j_label_comp_id_2 
_ndb_struct_na_base_pair_step.j_label_seq_id_2 
_ndb_struct_na_base_pair_step.j_symmetry_2 
_ndb_struct_na_base_pair_step.shift 
_ndb_struct_na_base_pair_step.slide 
_ndb_struct_na_base_pair_step.rise 
_ndb_struct_na_base_pair_step.tilt 
_ndb_struct_na_base_pair_step.roll 
_ndb_struct_na_base_pair_step.twist 
_ndb_struct_na_base_pair_step.x_displacement 
_ndb_struct_na_base_pair_step.y_displacement 
_ndb_struct_na_base_pair_step.helical_rise 
_ndb_struct_na_base_pair_step.inclination 
_ndb_struct_na_base_pair_step.tip 
_ndb_struct_na_base_pair_step.helical_twist 
_ndb_struct_na_base_pair_step.step_number 
_ndb_struct_na_base_pair_step.step_name 
_ndb_struct_na_base_pair_step.i_auth_asym_id_1 
_ndb_struct_na_base_pair_step.i_auth_seq_id_1 
_ndb_struct_na_base_pair_step.i_PDB_ins_code_1 
_ndb_struct_na_base_pair_step.j_auth_asym_id_1 
_ndb_struct_na_base_pair_step.j_auth_seq_id_1 
_ndb_struct_na_base_pair_step.j_PDB_ins_code_1 
_ndb_struct_na_base_pair_step.i_auth_asym_id_2 
_ndb_struct_na_base_pair_step.i_auth_seq_id_2 
_ndb_struct_na_base_pair_step.i_PDB_ins_code_2 
_ndb_struct_na_base_pair_step.j_auth_asym_id_2 
_ndb_struct_na_base_pair_step.j_auth_seq_id_2 
_ndb_struct_na_base_pair_step.j_PDB_ins_code_2 
1 A C 1  1_555 B G 23 1_555 A U 2  1_555 B A 22 1_555 -0.399 -1.179 3.339 -1.478  9.822  34.791 -3.255 0.439  2.924 16.026 2.411   
36.139 1  AA_C1U2:A22G23_BB   A 1  ? B 23 ? A 2  ? B 22 ? 
1 A U 2  1_555 B A 22 1_555 A U 3  1_555 B A 21 1_555 0.143  -0.960 3.138 0.370   9.000  31.679 -3.111 -0.194 2.770 16.084 -0.662  
32.903 2  AA_U2U3:A21A22_BB   A 2  ? B 22 ? A 3  ? B 21 ? 
1 A U 3  1_555 B A 21 1_555 A G 4  1_555 B C 20 1_555 0.268  -1.546 3.023 -1.745  15.015 31.523 -4.452 -0.664 2.078 25.860 3.006   
34.877 3  AA_U3G4:C20A21_BB   A 3  ? B 21 ? A 4  ? B 20 ? 
1 A G 4  1_555 B C 20 1_555 A C 5  1_555 B G 19 1_555 -0.562 -1.485 3.194 -0.029  6.597  33.344 -3.527 0.958  2.857 11.358 0.050   
33.972 4  AA_G4C5:G19C20_BB   A 4  ? B 20 ? A 5  ? B 19 ? 
1 A C 5  1_555 B G 19 1_555 A U 6  1_555 B G 18 1_555 0.455  -1.443 3.289 2.642   9.345  41.335 -2.911 -0.369 2.932 13.023 -3.682  
42.412 5  AA_C5U6:G18G19_BB   A 5  ? B 19 ? A 6  ? B 18 ? 
1 A U 6  1_555 B G 18 1_555 A G 7  1_555 B C 17 1_555 0.372  -2.017 2.837 3.827   16.375 14.883 -8.915 -0.085 0.488 47.496 -11.101 
22.421 6  AA_U6G7:C17G18_BB   A 6  ? B 18 ? A 7  ? B 17 ? 
1 A G 7  1_555 B C 17 1_555 A G 10 1_555 B C 15 1_555 -1.813 -2.321 6.705 -11.599 14.212 72.993 -2.797 0.764  6.417 11.767 9.603   
74.951 7  AA_G7G10:C15C17_BB  A 7  ? B 17 ? A 10 ? B 15 ? 
1 A G 10 1_555 B C 15 1_555 A C 11 1_555 B G 14 1_555 0.548  -1.181 3.020 -0.191  4.382  33.447 -2.677 -0.972 2.844 7.574  0.330   
33.725 8  AA_G10C11:G14C15_BB A 10 ? B 15 ? A 11 ? B 14 ? 
1 A C 11 1_555 B G 14 1_555 A G 12 1_555 B C 13 1_555 -0.858 -2.245 3.152 -1.246  9.624  26.530 -6.517 1.511  2.252 20.135 2.608   
28.220 9  AA_C11G12:C13G14_BB A 11 ? B 14 ? A 12 ? B 13 ? 
1 A G 12 1_555 B C 13 1_555 A C 13 1_555 B G 12 1_555 0.717  -2.074 3.260 2.151   2.909  31.034 -4.389 -0.934 3.099 5.414  -4.004  
31.239 10 AA_G12C13:G12C13_BB A 12 ? B 13 ? A 13 ? B 12 ? 
1 A C 13 1_555 B G 12 1_555 A G 14 1_555 B C 11 1_555 -0.654 -1.823 3.252 -0.475  11.254 27.713 -5.620 1.180  2.359 22.360 0.943   
29.873 11 AA_C13G14:C11G12_BB A 13 ? B 12 ? A 14 ? B 11 ? 
1 A G 14 1_555 B C 11 1_555 A C 15 1_555 B G 10 1_555 0.432  -1.275 3.222 -0.561  5.113  35.368 -2.784 -0.782 3.008 8.361  0.917   
35.728 12 AA_G14C15:G10C11_BB A 14 ? B 11 ? A 15 ? B 10 ? 
1 A C 15 1_555 B G 10 1_555 A C 17 1_555 B G 7  1_555 1.509  -2.568 6.304 9.530   17.672 73.536 -3.085 -0.690 5.788 14.502 -7.820  
75.853 13 AA_C15C17:G7G10_BB  A 15 ? B 10 ? A 17 ? B 7  ? 
1 A C 17 1_555 B G 7  1_555 A G 18 1_555 B U 6  1_555 0.550  -2.147 2.737 -3.188  13.607 16.874 -8.822 -2.190 0.711 38.823 9.096   
21.877 14 AA_C17G18:U6G7_BB   A 17 ? B 7  ? A 18 ? B 6  ? 
1 A G 18 1_555 B U 6  1_555 A G 19 1_555 B C 5  1_555 -0.713 -1.393 3.359 -1.700  7.276  40.609 -2.756 0.829  3.101 10.377 2.425   
41.263 15 AA_G18G19:C5U6_BB   A 18 ? B 6  ? A 19 ? B 5  ? 
1 A G 19 1_555 B C 5  1_555 A C 20 1_555 B G 4  1_555 -0.125 -0.987 3.126 -0.589  9.584  32.861 -3.064 0.128  2.740 16.507 1.014   
34.198 16 AA_G19C20:G4C5_BB   A 19 ? B 5  ? A 20 ? B 4  ? 
1 A C 20 1_555 B G 4  1_555 A A 21 1_555 B U 3  1_555 0.676  -1.433 3.205 1.611   16.561 33.909 -4.136 -0.860 2.312 26.508 -2.579  
37.663 17 AA_C20A21:U3G4_BB   A 20 ? B 4  ? A 21 ? B 3  ? 
1 A A 21 1_555 B U 3  1_555 A A 22 1_555 B U 2  1_555 -0.544 -0.860 3.111 1.601   6.024  33.341 -2.370 1.170  2.888 10.386 -2.761  
33.902 18 AA_A21A22:U2U3_BB   A 21 ? B 3  ? A 22 ? B 2  ? 
1 A A 22 1_555 B U 2  1_555 A G 23 1_555 B C 1  1_555 0.274  -1.520 3.441 4.838   11.477 34.559 -3.970 0.219  2.823 18.587 -7.836  
36.670 19 AA_A22G23:C1U2_BB   A 22 ? B 2  ? A 23 ? B 1  ? 
# 
_atom_sites.entry_id                    2OIY 
_atom_sites.fract_transf_matrix[1][1]   -0.00307430 
_atom_sites.fract_transf_matrix[1][2]   -0.01478146 
_atom_sites.fract_transf_matrix[1][3]   0.01701286 
_atom_sites.fract_transf_matrix[2][1]   -0.02065505 
_atom_sites.fract_transf_matrix[2][2]   0.00394143 
_atom_sites.fract_transf_matrix[2][3]   -0.00030799 
_atom_sites.fract_transf_matrix[3][1]   -0.00226714 
_atom_sites.fract_transf_matrix[3][2]   -0.01278064 
_atom_sites.fract_transf_matrix[3][3]   -0.01151402 
_atom_sites.fract_transf_vector[1]      -0.255992 
_atom_sites.fract_transf_vector[2]      1.182374 
_atom_sites.fract_transf_vector[3]      -0.991827 
# 
loop_
_atom_type.symbol 
C  
K  
MG 
N  
O  
P  
# 
loop_
_atom_site.group_PDB 
_atom_site.id 
_atom_site.type_symbol 
_atom_site.label_atom_id 
_atom_site.label_alt_id 
_atom_site.label_comp_id 
_atom_site.label_asym_id 
_atom_site.label_entity_id 
_atom_site.label_seq_id 
_atom_site.pdbx_PDB_ins_code 
_atom_site.Cartn_x 
_atom_site.Cartn_y 
_atom_site.Cartn_z 
_atom_site.occupancy 
_atom_site.B_iso_or_equiv 
_atom_site.pdbx_formal_charge 
_atom_site.auth_seq_id 
_atom_site.auth_comp_id 
_atom_site.auth_asym_id 
_atom_site.auth_atom_id 
_atom_site.pdbx_PDB_model_num 
ATOM   1    O  "O5'" . C   A 1 1  ? 5.399   21.569  10.589  1.00 37.08 ? 1   C   A "O5'" 1 
ATOM   2    C  "C5'" . C   A 1 1  ? 6.265   22.443  9.841   1.00 35.42 ? 1   C   A "C5'" 1 
ATOM   3    C  "C4'" . C   A 1 1  ? 7.580   22.584  10.560  1.00 33.17 ? 1   C   A "C4'" 1 
ATOM   4    O  "O4'" . C   A 1 1  ? 7.348   23.115  11.885  1.00 33.15 ? 1   C   A "O4'" 1 
ATOM   5    C  "C3'" . C   A 1 1  ? 8.299   21.274  10.820  1.00 33.14 ? 1   C   A "C3'" 1 
ATOM   6    O  "O3'" . C   A 1 1  ? 9.056   20.880  9.688   1.00 33.56 ? 1   C   A "O3'" 1 
ATOM   7    C  "C2'" . C   A 1 1  ? 9.184   21.618  12.006  1.00 31.90 ? 1   C   A "C2'" 1 
ATOM   8    O  "O2'" . C   A 1 1  ? 10.356  22.323  11.626  1.00 31.38 ? 1   C   A "O2'" 1 
ATOM   9    C  "C1'" . C   A 1 1  ? 8.261   22.537  12.805  1.00 32.01 ? 1   C   A "C1'" 1 
ATOM   10   N  N1    . C   A 1 1  ? 7.467   21.881  13.858  1.00 29.85 ? 1   C   A N1    1 
ATOM   11   C  C2    . C   A 1 1  ? 8.099   21.473  15.052  1.00 29.77 ? 1   C   A C2    1 
ATOM   12   O  O2    . C   A 1 1  ? 9.329   21.621  15.172  1.00 33.46 ? 1   C   A O2    1 
ATOM   13   N  N3    . C   A 1 1  ? 7.355   20.930  16.033  1.00 30.93 ? 1   C   A N3    1 
ATOM   14   C  C4    . C   A 1 1  ? 6.039   20.783  15.875  1.00 30.80 ? 1   C   A C4    1 
ATOM   15   N  N4    . C   A 1 1  ? 5.333   20.282  16.911  1.00 32.25 ? 1   C   A N4    1 
ATOM   16   C  C5    . C   A 1 1  ? 5.378   21.152  14.666  1.00 30.55 ? 1   C   A C5    1 
ATOM   17   C  C6    . C   A 1 1  ? 6.127   21.689  13.691  1.00 30.17 ? 1   C   A C6    1 
ATOM   18   P  P     . U   A 1 2  ? 9.239   19.316  9.357   1.00 32.06 ? 2   U   A P     1 
ATOM   19   O  OP1   . U   A 1 2  ? 9.892   19.224  8.031   1.00 33.94 ? 2   U   A OP1   1 
ATOM   20   O  OP2   . U   A 1 2  ? 7.926   18.639  9.589   1.00 30.10 ? 2   U   A OP2   1 
ATOM   21   O  "O5'" . U   A 1 2  ? 10.241  18.800  10.476  1.00 30.46 ? 2   U   A "O5'" 1 
ATOM   22   C  "C5'" . U   A 1 2  ? 11.601  19.221  10.500  1.00 29.86 ? 2   U   A "C5'" 1 
ATOM   23   C  "C4'" . U   A 1 2  ? 12.284  18.630  11.701  1.00 30.00 ? 2   U   A "C4'" 1 
ATOM   24   O  "O4'" . U   A 1 2  ? 11.718  19.207  12.911  1.00 30.91 ? 2   U   A "O4'" 1 
ATOM   25   C  "C3'" . U   A 1 2  ? 12.047  17.139  11.884  1.00 29.96 ? 2   U   A "C3'" 1 
ATOM   26   O  "O3'" . U   A 1 2  ? 12.879  16.368  11.040  1.00 29.55 ? 2   U   A "O3'" 1 
ATOM   27   C  "C2'" . U   A 1 2  ? 12.348  16.963  13.369  1.00 29.73 ? 2   U   A "C2'" 1 
ATOM   28   O  "O2'" . U   A 1 2  ? 13.739  17.036  13.657  1.00 30.65 ? 2   U   A "O2'" 1 
ATOM   29   C  "C1'" . U   A 1 2  ? 11.690  18.225  13.938  1.00 28.88 ? 2   U   A "C1'" 1 
ATOM   30   N  N1    . U   A 1 2  ? 10.292  18.017  14.351  1.00 27.07 ? 2   U   A N1    1 
ATOM   31   C  C2    . U   A 1 2  ? 10.090  17.506  15.611  1.00 25.89 ? 2   U   A C2    1 
ATOM   32   O  O2    . U   A 1 2  ? 11.024  17.158  16.332  1.00 24.68 ? 2   U   A O2    1 
ATOM   33   N  N3    . U   A 1 2  ? 8.764   17.408  16.005  1.00 27.25 ? 2   U   A N3    1 
ATOM   34   C  C4    . U   A 1 2  ? 7.648   17.746  15.254  1.00 27.57 ? 2   U   A C4    1 
ATOM   35   O  O4    . U   A 1 2  ? 6.512   17.690  15.769  1.00 25.94 ? 2   U   A O4    1 
ATOM   36   C  C5    . U   A 1 2  ? 7.950   18.213  13.933  1.00 26.88 ? 2   U   A C5    1 
ATOM   37   C  C6    . U   A 1 2  ? 9.235   18.335  13.538  1.00 26.19 ? 2   U   A C6    1 
ATOM   38   P  P     . U   A 1 3  ? 12.357  14.949  10.471  1.00 29.64 ? 3   U   A P     1 
ATOM   39   O  OP1   . U   A 1 3  ? 13.386  14.472  9.484   1.00 31.68 ? 3   U   A OP1   1 
ATOM   40   O  OP2   . U   A 1 3  ? 10.920  15.003  10.062  1.00 28.34 ? 3   U   A OP2   1 
ATOM   41   O  "O5'" . U   A 1 3  ? 12.413  14.014  11.760  1.00 29.21 ? 3   U   A "O5'" 1 
ATOM   42   C  "C5'" . U   A 1 3  ? 13.667  13.632  12.311  1.00 29.88 ? 3   U   A "C5'" 1 
ATOM   43   C  "C4'" . U   A 1 3  ? 13.449  12.853  13.577  1.00 27.69 ? 3   U   A "C4'" 1 
ATOM   44   O  "O4'" . U   A 1 3  ? 12.849  13.725  14.571  1.00 27.88 ? 3   U   A "O4'" 1 
ATOM   45   C  "C3'" . U   A 1 3  ? 12.454  11.718  13.476  1.00 26.98 ? 3   U   A "C3'" 1 
ATOM   46   O  "O3'" . U   A 1 3  ? 13.027  10.566  12.884  1.00 27.06 ? 3   U   A "O3'" 1 
ATOM   47   C  "C2'" . U   A 1 3  ? 12.099  11.509  14.938  1.00 27.45 ? 3   U   A "C2'" 1 
ATOM   48   O  "O2'" . U   A 1 3  ? 13.164  10.877  15.643  1.00 26.34 ? 3   U   A "O2'" 1 
ATOM   49   C  "C1'" . U   A 1 3  ? 11.999  12.964  15.414  1.00 26.18 ? 3   U   A "C1'" 1 
ATOM   50   N  N1    . U   A 1 3  ? 10.628  13.471  15.269  1.00 26.96 ? 3   U   A N1    1 
ATOM   51   C  C2    . U   A 1 3  ? 9.773   13.286  16.341  1.00 24.36 ? 3   U   A C2    1 
ATOM   52   O  O2    . U   A 1 3  ? 10.127  12.792  17.378  1.00 28.01 ? 3   U   A O2    1 
ATOM   53   N  N3    . U   A 1 3  ? 8.486   13.711  16.142  1.00 26.96 ? 3   U   A N3    1 
ATOM   54   C  C4    . U   A 1 3  ? 7.979   14.310  15.008  1.00 26.35 ? 3   U   A C4    1 
ATOM   55   O  O4    . U   A 1 3  ? 6.791   14.667  14.998  1.00 28.55 ? 3   U   A O4    1 
ATOM   56   C  C5    . U   A 1 3  ? 8.937   14.496  13.939  1.00 25.56 ? 3   U   A C5    1 
ATOM   57   C  C6    . U   A 1 3  ? 10.200  14.081  14.109  1.00 25.10 ? 3   U   A C6    1 
ATOM   58   P  P     . G   A 1 4  ? 12.084  9.528   12.116  1.00 27.24 ? 4   G   A P     1 
ATOM   59   O  OP1   . G   A 1 4  ? 12.933  8.447   11.534  1.00 26.58 ? 4   G   A OP1   1 
ATOM   60   O  OP2   . G   A 1 4  ? 11.160  10.296  11.208  1.00 27.42 ? 4   G   A OP2   1 
ATOM   61   O  "O5'" . G   A 1 4  ? 11.206  8.879   13.281  1.00 25.99 ? 4   G   A "O5'" 1 
ATOM   62   C  "C5'" . G   A 1 4  ? 11.836  8.051   14.261  1.00 24.50 ? 4   G   A "C5'" 1 
ATOM   63   C  "C4'" . G   A 1 4  ? 10.902  7.763   15.415  1.00 26.29 ? 4   G   A "C4'" 1 
ATOM   64   O  "O4'" . G   A 1 4  ? 10.466  8.992   16.050  1.00 27.69 ? 4   G   A "O4'" 1 
ATOM   65   C  "C3'" . G   A 1 4  ? 9.612   7.041   15.080  1.00 25.63 ? 4   G   A "C3'" 1 
ATOM   66   O  "O3'" . G   A 1 4  ? 9.897   5.657   15.013  1.00 22.23 ? 4   G   A "O3'" 1 
ATOM   67   C  "C2'" . G   A 1 4  ? 8.759   7.358   16.300  1.00 25.75 ? 4   G   A "C2'" 1 
ATOM   68   O  "O2'" . G   A 1 4  ? 9.123   6.565   17.410  1.00 25.84 ? 4   G   A "O2'" 1 
ATOM   69   C  "C1'" . G   A 1 4  ? 9.167   8.804   16.585  1.00 24.98 ? 4   G   A "C1'" 1 
ATOM   70   N  N9    . G   A 1 4  ? 8.263   9.738   15.943  1.00 24.67 ? 4   G   A N9    1 
ATOM   71   C  C8    . G   A 1 4  ? 8.466   10.464  14.795  1.00 25.58 ? 4   G   A C8    1 
ATOM   72   N  N7    . G   A 1 4  ? 7.440   11.217  14.480  1.00 26.71 ? 4   G   A N7    1 
ATOM   73   C  C5    . G   A 1 4  ? 6.513   10.968  15.482  1.00 25.23 ? 4   G   A C5    1 
ATOM   74   C  C6    . G   A 1 4  ? 5.198   11.482  15.678  1.00 25.89 ? 4   G   A C6    1 
ATOM   75   O  O6    . G   A 1 4  ? 4.576   12.293  14.977  1.00 24.92 ? 4   G   A O6    1 
ATOM   76   N  N1    . G   A 1 4  ? 4.607   10.949  16.824  1.00 24.01 ? 4   G   A N1    1 
ATOM   77   C  C2    . G   A 1 4  ? 5.208   10.030  17.671  1.00 23.22 ? 4   G   A C2    1 
ATOM   78   N  N2    . G   A 1 4  ? 4.494   9.618   18.728  1.00 23.31 ? 4   G   A N2    1 
ATOM   79   N  N3    . G   A 1 4  ? 6.422   9.543   17.489  1.00 24.01 ? 4   G   A N3    1 
ATOM   80   C  C4    . G   A 1 4  ? 7.010   10.054  16.389  1.00 24.60 ? 4   G   A C4    1 
ATOM   81   P  P     . C   A 1 5  ? 9.000   4.683   14.112  1.00 23.88 ? 5   C   A P     1 
ATOM   82   O  OP1   . C   A 1 5  ? 9.743   3.358   14.110  1.00 23.44 ? 5   C   A OP1   1 
ATOM   83   O  OP2   . C   A 1 5  ? 8.658   5.331   12.837  1.00 25.83 ? 5   C   A OP2   1 
ATOM   84   O  "O5'" . C   A 1 5  ? 7.664   4.480   14.958  1.00 21.60 ? 5   C   A "O5'" 1 
ATOM   85   C  "C5'" . C   A 1 5  ? 7.726   3.815   16.212  1.00 23.48 ? 5   C   A "C5'" 1 
ATOM   86   C  "C4'" . C   A 1 5  ? 6.396   3.893   16.906  1.00 20.97 ? 5   C   A "C4'" 1 
ATOM   87   O  "O4'" . C   A 1 5  ? 6.137   5.270   17.292  1.00 22.56 ? 5   C   A "O4'" 1 
ATOM   88   C  "C3'" . C   A 1 5  ? 5.202   3.537   16.045  1.00 21.37 ? 5   C   A "C3'" 1 
ATOM   89   O  "O3'" . C   A 1 5  ? 5.061   2.146   15.928  1.00 21.55 ? 5   C   A "O3'" 1 
ATOM   90   C  "C2'" . C   A 1 5  ? 4.071   4.200   16.815  1.00 21.11 ? 5   C   A "C2'" 1 
ATOM   91   O  "O2'" . C   A 1 5  ? 3.763   3.489   18.007  1.00 23.73 ? 5   C   A "O2'" 1 
ATOM   92   C  "C1'" . C   A 1 5  ? 4.742   5.518   17.216  1.00 21.98 ? 5   C   A "C1'" 1 
ATOM   93   N  N1    . C   A 1 5  ? 4.524   6.568   16.206  1.00 20.90 ? 5   C   A N1    1 
ATOM   94   C  C2    . C   A 1 5  ? 3.338   7.295   16.269  1.00 22.10 ? 5   C   A C2    1 
ATOM   95   O  O2    . C   A 1 5  ? 2.504   6.988   17.158  1.00 20.13 ? 5   C   A O2    1 
ATOM   96   N  N3    . C   A 1 5  ? 3.125   8.287   15.361  1.00 21.19 ? 5   C   A N3    1 
ATOM   97   C  C4    . C   A 1 5  ? 4.029   8.520   14.400  1.00 23.08 ? 5   C   A C4    1 
ATOM   98   N  N4    . C   A 1 5  ? 3.784   9.495   13.507  1.00 24.29 ? 5   C   A N4    1 
ATOM   99   C  C5    . C   A 1 5  ? 5.238   7.763   14.306  1.00 20.00 ? 5   C   A C5    1 
ATOM   100  C  C6    . C   A 1 5  ? 5.444   6.824   15.235  1.00 22.55 ? 5   C   A C6    1 
ATOM   101  P  P     . U   A 1 6  ? 4.432   1.517   14.592  1.00 23.16 ? 6   U   A P     1 
ATOM   102  O  OP1   . U   A 1 6  ? 4.295   0.020   14.752  1.00 23.98 ? 6   U   A OP1   1 
ATOM   103  O  OP2   . U   A 1 6  ? 5.168   2.043   13.402  1.00 23.30 ? 6   U   A OP2   1 
ATOM   104  O  "O5'" . U   A 1 6  ? 2.977   2.161   14.545  1.00 24.16 ? 6   U   A "O5'" 1 
ATOM   105  C  "C5'" . U   A 1 6  ? 1.980   1.775   15.487  1.00 21.59 ? 6   U   A "C5'" 1 
ATOM   106  C  "C4'" . U   A 1 6  ? 0.735   2.588   15.268  1.00 22.50 ? 6   U   A "C4'" 1 
ATOM   107  O  "O4'" . U   A 1 6  ? 1.034   3.988   15.481  1.00 21.55 ? 6   U   A "O4'" 1 
ATOM   108  C  "C3'" . U   A 1 6  ? 0.149   2.568   13.868  1.00 23.32 ? 6   U   A "C3'" 1 
ATOM   109  O  "O3'" . U   A 1 6  ? -0.594  1.391   13.670  1.00 25.15 ? 6   U   A "O3'" 1 
ATOM   110  C  "C2'" . U   A 1 6  ? -0.725  3.815   13.908  1.00 22.93 ? 6   U   A "C2'" 1 
ATOM   111  O  "O2'" . U   A 1 6  ? -1.909  3.648   14.675  1.00 24.83 ? 6   U   A "O2'" 1 
ATOM   112  C  "C1'" . U   A 1 6  ? 0.179   4.772   14.674  1.00 22.91 ? 6   U   A "C1'" 1 
ATOM   113  N  N1    . U   A 1 6  ? 1.001   5.541   13.748  1.00 23.13 ? 6   U   A N1    1 
ATOM   114  C  C2    . U   A 1 6  ? 0.448   6.688   13.252  1.00 23.76 ? 6   U   A C2    1 
ATOM   115  O  O2    . U   A 1 6  ? -0.694  7.033   13.541  1.00 20.05 ? 6   U   A O2    1 
ATOM   116  N  N3    . U   A 1 6  ? 1.258   7.397   12.394  1.00 21.70 ? 6   U   A N3    1 
ATOM   117  C  C4    . U   A 1 6  ? 2.540   7.041   11.977  1.00 24.51 ? 6   U   A C4    1 
ATOM   118  O  O4    . U   A 1 6  ? 3.138   7.746   11.155  1.00 23.46 ? 6   U   A O4    1 
ATOM   119  C  C5    . U   A 1 6  ? 3.025   5.814   12.537  1.00 22.91 ? 6   U   A C5    1 
ATOM   120  C  C6    . U   A 1 6  ? 2.261   5.131   13.388  1.00 23.83 ? 6   U   A C6    1 
ATOM   121  P  P     . G   A 1 7  ? -0.659  0.708   12.210  1.00 26.58 ? 7   G   A P     1 
ATOM   122  O  OP1   . G   A 1 7  ? -1.190  -0.681  12.450  1.00 29.72 ? 7   G   A OP1   1 
ATOM   123  O  OP2   . G   A 1 7  ? 0.640   0.881   11.484  1.00 26.49 ? 7   G   A OP2   1 
ATOM   124  O  "O5'" . G   A 1 7  ? -1.769  1.603   11.482  1.00 27.87 ? 7   G   A "O5'" 1 
ATOM   125  C  "C5'" . G   A 1 7  ? -3.022  1.861   12.116  1.00 30.97 ? 7   G   A "C5'" 1 
ATOM   126  C  "C4'" . G   A 1 7  ? -3.839  2.819   11.287  1.00 32.39 ? 7   G   A "C4'" 1 
ATOM   127  O  "O4'" . G   A 1 7  ? -3.205  4.124   11.298  1.00 31.57 ? 7   G   A "O4'" 1 
ATOM   128  C  "C3'" . G   A 1 7  ? -3.977  2.428   9.821   1.00 34.28 ? 7   G   A "C3'" 1 
ATOM   129  O  "O3'" . G   A 1 7  ? -5.227  2.896   9.337   1.00 39.25 ? 7   G   A "O3'" 1 
ATOM   130  C  "C2'" . G   A 1 7  ? -2.903  3.271   9.164   1.00 33.67 ? 7   G   A "C2'" 1 
ATOM   131  O  "O2'" . G   A 1 7  ? -3.130  3.472   7.778   1.00 34.84 ? 7   G   A "O2'" 1 
ATOM   132  C  "C1'" . G   A 1 7  ? -3.028  4.558   9.978   1.00 30.93 ? 7   G   A "C1'" 1 
ATOM   133  N  N9    . G   A 1 7  ? -1.841  5.399   9.908   1.00 29.22 ? 7   G   A N9    1 
ATOM   134  C  C8    . G   A 1 7  ? -0.538  5.025   10.128  1.00 28.04 ? 7   G   A C8    1 
ATOM   135  N  N7    . G   A 1 7  ? 0.318   5.957   9.800   1.00 26.45 ? 7   G   A N7    1 
ATOM   136  C  C5    . G   A 1 7  ? -0.473  7.019   9.379   1.00 27.65 ? 7   G   A C5    1 
ATOM   137  C  C6    . G   A 1 7  ? -0.111  8.271   8.854   1.00 28.05 ? 7   G   A C6    1 
ATOM   138  O  O6    . G   A 1 7  ? 1.016   8.706   8.625   1.00 27.60 ? 7   G   A O6    1 
ATOM   139  N  N1    . G   A 1 7  ? -1.232  9.049   8.556   1.00 28.72 ? 7   G   A N1    1 
ATOM   140  C  C2    . G   A 1 7  ? -2.532  8.644   8.718   1.00 28.12 ? 7   G   A C2    1 
ATOM   141  N  N2    . G   A 1 7  ? -3.478  9.519   8.349   1.00 29.84 ? 7   G   A N2    1 
ATOM   142  N  N3    . G   A 1 7  ? -2.879  7.464   9.194   1.00 27.24 ? 7   G   A N3    1 
ATOM   143  C  C4    . G   A 1 7  ? -1.808  6.708   9.497   1.00 28.40 ? 7   G   A C4    1 
ATOM   144  P  P     . A   A 1 8  ? -6.425  1.855   9.094   1.00 40.89 ? 8   A   A P     1 
ATOM   145  O  OP1   . A   A 1 8  ? -7.663  2.452   9.669   1.00 42.12 ? 8   A   A OP1   1 
ATOM   146  O  OP2   . A   A 1 8  ? -5.956  0.514   9.552   1.00 42.14 ? 8   A   A OP2   1 
ATOM   147  O  "O5'" . A   A 1 8  ? -6.574  1.785   7.511   1.00 38.55 ? 8   A   A "O5'" 1 
ATOM   148  C  "C5'" . A   A 1 8  ? -5.593  1.105   6.705   1.00 35.36 ? 8   A   A "C5'" 1 
ATOM   149  C  "C4'" . A   A 1 8  ? -6.266  0.460   5.528   1.00 31.27 ? 8   A   A "C4'" 1 
ATOM   150  O  "O4'" . A   A 1 8  ? -7.032  -0.678  5.963   1.00 30.63 ? 8   A   A "O4'" 1 
ATOM   151  C  "C3'" . A   A 1 8  ? -7.286  1.339   4.825   1.00 30.07 ? 8   A   A "C3'" 1 
ATOM   152  O  "O3'" . A   A 1 8  ? -6.611  2.176   3.913   1.00 27.75 ? 8   A   A "O3'" 1 
ATOM   153  C  "C2'" . A   A 1 8  ? -8.186  0.321   4.130   1.00 29.18 ? 8   A   A "C2'" 1 
ATOM   154  O  "O2'" . A   A 1 8  ? -7.685  -0.166  2.913   1.00 30.73 ? 8   A   A "O2'" 1 
ATOM   155  C  "C1'" . A   A 1 8  ? -8.161  -0.834  5.130   1.00 30.50 ? 8   A   A "C1'" 1 
ATOM   156  N  N9    . A   A 1 8  ? -9.343  -0.989  5.970   1.00 28.79 ? 8   A   A N9    1 
ATOM   157  C  C8    . A   A 1 8  ? -9.435  -1.056  7.336   1.00 29.50 ? 8   A   A C8    1 
ATOM   158  N  N7    . A   A 1 8  ? -10.652 -1.319  7.768   1.00 30.17 ? 8   A   A N7    1 
ATOM   159  C  C5    . A   A 1 8  ? -11.406 -1.410  6.603   1.00 27.98 ? 8   A   A C5    1 
ATOM   160  C  C6    . A   A 1 8  ? -12.764 -1.709  6.368   1.00 27.33 ? 8   A   A C6    1 
ATOM   161  N  N6    . A   A 1 8  ? -13.630 -2.017  7.336   1.00 26.34 ? 8   A   A N6    1 
ATOM   162  N  N1    . A   A 1 8  ? -13.202 -1.694  5.083   1.00 26.35 ? 8   A   A N1    1 
ATOM   163  C  C2    . A   A 1 8  ? -12.325 -1.414  4.111   1.00 25.12 ? 8   A   A C2    1 
ATOM   164  N  N3    . A   A 1 8  ? -11.017 -1.143  4.204   1.00 28.06 ? 8   A   A N3    1 
ATOM   165  C  C4    . A   A 1 8  ? -10.621 -1.166  5.493   1.00 28.47 ? 8   A   A C4    1 
ATOM   166  P  P     . A   A 1 9  ? -7.126  3.680   3.677   1.00 25.96 ? 9   A   A P     1 
ATOM   167  O  OP1   . A   A 1 9  ? -6.424  4.171   2.478   1.00 27.10 ? 9   A   A OP1   1 
ATOM   168  O  OP2   . A   A 1 9  ? -7.075  4.439   4.941   1.00 26.21 ? 9   A   A OP2   1 
ATOM   169  O  "O5'" . A   A 1 9  ? -8.668  3.477   3.329   1.00 26.10 ? 9   A   A "O5'" 1 
ATOM   170  C  "C5'" . A   A 1 9  ? -9.102  3.199   1.984   1.00 24.49 ? 9   A   A "C5'" 1 
ATOM   171  C  "C4'" . A   A 1 9  ? -10.614 3.117   1.951   1.00 23.69 ? 9   A   A "C4'" 1 
ATOM   172  O  "O4'" . A   A 1 9  ? -11.039 2.069   2.846   1.00 24.56 ? 9   A   A "O4'" 1 
ATOM   173  C  "C3'" . A   A 1 9  ? -11.322 4.339   2.513   1.00 23.51 ? 9   A   A "C3'" 1 
ATOM   174  O  "O3'" . A   A 1 9  ? -11.451 5.338   1.517   1.00 21.75 ? 9   A   A "O3'" 1 
ATOM   175  C  "C2'" . A   A 1 9  ? -12.695 3.783   2.887   1.00 19.99 ? 9   A   A "C2'" 1 
ATOM   176  O  "O2'" . A   A 1 9  ? -13.505 3.660   1.759   1.00 24.48 ? 9   A   A "O2'" 1 
ATOM   177  C  "C1'" . A   A 1 9  ? -12.339 2.371   3.339   1.00 24.37 ? 9   A   A "C1'" 1 
ATOM   178  N  N9    . A   A 1 9  ? -12.361 2.180   4.784   1.00 23.35 ? 9   A   A N9    1 
ATOM   179  C  C8    . A   A 1 9  ? -11.366 2.358   5.712   1.00 24.87 ? 9   A   A C8    1 
ATOM   180  N  N7    . A   A 1 9  ? -11.726 2.062   6.942   1.00 26.72 ? 9   A   A N7    1 
ATOM   181  C  C5    . A   A 1 9  ? -13.052 1.667   6.811   1.00 25.90 ? 9   A   A C5    1 
ATOM   182  C  C6    . A   A 1 9  ? -14.016 1.232   7.748   1.00 26.20 ? 9   A   A C6    1 
ATOM   183  N  N6    . A   A 1 9  ? -13.778 1.095   9.062   1.00 28.41 ? 9   A   A N6    1 
ATOM   184  N  N1    . A   A 1 9  ? -15.244 0.931   7.276   1.00 24.91 ? 9   A   A N1    1 
ATOM   185  C  C2    . A   A 1 9  ? -15.481 1.035   5.964   1.00 23.64 ? 9   A   A C2    1 
ATOM   186  N  N3    . A   A 1 9  ? -14.660 1.430   4.988   1.00 24.13 ? 9   A   A N3    1 
ATOM   187  C  C4    . A   A 1 9  ? -13.454 1.738   5.487   1.00 24.57 ? 9   A   A C4    1 
ATOM   188  P  P     . G   A 1 10 ? -11.081 6.855   1.873   1.00 21.70 ? 10  G   A P     1 
ATOM   189  O  OP1   . G   A 1 10 ? -11.690 7.178   3.181   1.00 23.51 ? 10  G   A OP1   1 
ATOM   190  O  OP2   . G   A 1 10 ? -11.399 7.678   0.671   1.00 22.20 ? 10  G   A OP2   1 
ATOM   191  O  "O5'" . G   A 1 10 ? -9.497  6.790   2.123   1.00 22.87 ? 10  G   A "O5'" 1 
ATOM   192  C  "C5'" . G   A 1 10 ? -8.623  6.494   1.051   1.00 24.72 ? 10  G   A "C5'" 1 
ATOM   193  C  "C4'" . G   A 1 10 ? -8.038  7.766   0.496   1.00 23.35 ? 10  G   A "C4'" 1 
ATOM   194  O  "O4'" . G   A 1 10 ? -7.166  8.417   1.458   1.00 25.02 ? 10  G   A "O4'" 1 
ATOM   195  C  "C3'" . G   A 1 10 ? -7.162  7.530   -0.707  1.00 25.94 ? 10  G   A "C3'" 1 
ATOM   196  O  "O3'" . G   A 1 10 ? -8.001  7.489   -1.840  1.00 30.62 ? 10  G   A "O3'" 1 
ATOM   197  C  "C2'" . G   A 1 10 ? -6.248  8.741   -0.699  1.00 24.07 ? 10  G   A "C2'" 1 
ATOM   198  O  "O2'" . G   A 1 10 ? -6.926  9.905   -1.132  1.00 24.64 ? 10  G   A "O2'" 1 
ATOM   199  C  "C1'" . G   A 1 10 ? -6.001  8.893   0.795   1.00 21.56 ? 10  G   A "C1'" 1 
ATOM   200  N  N9    . G   A 1 10 ? -4.856  8.107   1.252   1.00 21.79 ? 10  G   A N9    1 
ATOM   201  C  C8    . G   A 1 10 ? -4.867  6.990   2.055   1.00 23.03 ? 10  G   A C8    1 
ATOM   202  N  N7    . G   A 1 10 ? -3.661  6.560   2.347   1.00 22.95 ? 10  G   A N7    1 
ATOM   203  C  C5    . G   A 1 10 ? -2.812  7.444   1.689   1.00 19.01 ? 10  G   A C5    1 
ATOM   204  C  C6    . G   A 1 10 ? -1.397  7.508   1.667   1.00 21.10 ? 10  G   A C6    1 
ATOM   205  O  O6    . G   A 1 10 ? -0.593  6.810   2.291   1.00 20.47 ? 10  G   A O6    1 
ATOM   206  N  N1    . G   A 1 10 ? -0.942  8.536   0.845   1.00 19.85 ? 10  G   A N1    1 
ATOM   207  C  C2    . G   A 1 10 ? -1.755  9.433   0.170   1.00 21.53 ? 10  G   A C2    1 
ATOM   208  N  N2    . G   A 1 10 ? -1.134  10.388  -0.558  1.00 22.76 ? 10  G   A N2    1 
ATOM   209  N  N3    . G   A 1 10 ? -3.081  9.400   0.214   1.00 20.68 ? 10  G   A N3    1 
ATOM   210  C  C4    . G   A 1 10 ? -3.533  8.381   0.980   1.00 21.34 ? 10  G   A C4    1 
ATOM   211  P  P     . C   A 1 11 ? -8.035  6.183   -2.742  1.00 34.96 ? 11  C   A P     1 
ATOM   212  O  OP1   . C   A 1 11 ? -9.210  6.315   -3.670  1.00 37.37 ? 11  C   A OP1   1 
ATOM   213  O  OP2   . C   A 1 11 ? -7.905  4.982   -1.886  1.00 33.32 ? 11  C   A OP2   1 
ATOM   214  O  "O5'" . C   A 1 11 ? -6.706  6.314   -3.597  1.00 33.78 ? 11  C   A "O5'" 1 
ATOM   215  C  "C5'" . C   A 1 11 ? -6.547  7.412   -4.488  1.00 34.83 ? 11  C   A "C5'" 1 
ATOM   216  C  "C4'" . C   A 1 11 ? -5.093  7.736   -4.680  1.00 35.29 ? 11  C   A "C4'" 1 
ATOM   217  O  "O4'" . C   A 1 11 ? -4.480  8.116   -3.418  1.00 34.29 ? 11  C   A "O4'" 1 
ATOM   218  C  "C3'" . C   A 1 11 ? -4.164  6.640   -5.157  1.00 35.18 ? 11  C   A "C3'" 1 
ATOM   219  O  "O3'" . C   A 1 11 ? -4.321  6.369   -6.539  1.00 37.89 ? 11  C   A "O3'" 1 
ATOM   220  C  "C2'" . C   A 1 11 ? -2.822  7.300   -4.891  1.00 33.76 ? 11  C   A "C2'" 1 
ATOM   221  O  "O2'" . C   A 1 11 ? -2.553  8.323   -5.831  1.00 34.82 ? 11  C   A "O2'" 1 
ATOM   222  C  "C1'" . C   A 1 11 ? -3.078  7.931   -3.521  1.00 33.07 ? 11  C   A "C1'" 1 
ATOM   223  N  N1    . C   A 1 11 ? -2.647  7.009   -2.468  1.00 30.24 ? 11  C   A N1    1 
ATOM   224  C  C2    . C   A 1 11 ? -1.291  6.954   -2.157  1.00 30.37 ? 11  C   A C2    1 
ATOM   225  O  O2    . C   A 1 11 ? -0.530  7.752   -2.707  1.00 27.70 ? 11  C   A O2    1 
ATOM   226  N  N3    . C   A 1 11 ? -0.854  6.041   -1.265  1.00 26.29 ? 11  C   A N3    1 
ATOM   227  C  C4    . C   A 1 11 ? -1.727  5.225   -0.670  1.00 30.16 ? 11  C   A C4    1 
ATOM   228  N  N4    . C   A 1 11 ? -1.259  4.325   0.176   1.00 29.45 ? 11  C   A N4    1 
ATOM   229  C  C5    . C   A 1 11 ? -3.127  5.297   -0.931  1.00 28.97 ? 11  C   A C5    1 
ATOM   230  C  C6    . C   A 1 11 ? -3.538  6.192   -1.827  1.00 32.06 ? 11  C   A C6    1 
ATOM   231  P  P     . G   A 1 12 ? -3.763  4.983   -7.154  1.00 39.62 ? 12  G   A P     1 
ATOM   232  O  OP1   . G   A 1 12 ? -4.323  4.948   -8.533  1.00 40.90 ? 12  G   A OP1   1 
ATOM   233  O  OP2   . G   A 1 12 ? -3.991  3.838   -6.229  1.00 38.97 ? 12  G   A OP2   1 
ATOM   234  O  "O5'" . G   A 1 12 ? -2.186  5.178   -7.227  1.00 37.09 ? 12  G   A "O5'" 1 
ATOM   235  C  "C5'" . G   A 1 12 ? -1.601  5.984   -8.240  1.00 34.62 ? 12  G   A "C5'" 1 
ATOM   236  C  "C4'" . G   A 1 12 ? -0.099  5.865   -8.206  1.00 31.69 ? 12  G   A "C4'" 1 
ATOM   237  O  "O4'" . G   A 1 12 ? 0.418   6.420   -6.976  1.00 31.40 ? 12  G   A "O4'" 1 
ATOM   238  C  "C3'" . G   A 1 12 ? 0.498   4.468   -8.234  1.00 30.22 ? 12  G   A "C3'" 1 
ATOM   239  O  "O3'" . G   A 1 12 ? 0.446   3.914   -9.540  1.00 29.36 ? 12  G   A "O3'" 1 
ATOM   240  C  "C2'" . G   A 1 12 ? 1.911   4.755   -7.748  1.00 29.32 ? 12  G   A "C2'" 1 
ATOM   241  O  "O2'" . G   A 1 12 ? 2.738   5.391   -8.705  1.00 31.82 ? 12  G   A "O2'" 1 
ATOM   242  C  "C1'" . G   A 1 12 ? 1.629   5.753   -6.627  1.00 29.30 ? 12  G   A "C1'" 1 
ATOM   243  N  N9    . G   A 1 12 ? 1.412   5.007   -5.400  1.00 28.63 ? 12  G   A N9    1 
ATOM   244  C  C8    . G   A 1 12 ? 0.212   4.627   -4.860  1.00 26.58 ? 12  G   A C8    1 
ATOM   245  N  N7    . G   A 1 12 ? 0.342   3.890   -3.790  1.00 28.47 ? 12  G   A N7    1 
ATOM   246  C  C5    . G   A 1 12 ? 1.715   3.802   -3.594  1.00 26.64 ? 12  G   A C5    1 
ATOM   247  C  C6    . G   A 1 12 ? 2.462   3.132   -2.583  1.00 26.79 ? 12  G   A C6    1 
ATOM   248  O  O6    . G   A 1 12 ? 2.041   2.471   -1.611  1.00 28.73 ? 12  G   A O6    1 
ATOM   249  N  N1    . G   A 1 12 ? 3.836   3.286   -2.774  1.00 26.38 ? 12  G   A N1    1 
ATOM   250  C  C2    . G   A 1 12 ? 4.415   4.002   -3.780  1.00 27.36 ? 12  G   A C2    1 
ATOM   251  N  N2    . G   A 1 12 ? 5.766   4.042   -3.763  1.00 29.36 ? 12  G   A N2    1 
ATOM   252  N  N3    . G   A 1 12 ? 3.729   4.640   -4.734  1.00 25.92 ? 12  G   A N3    1 
ATOM   253  C  C4    . G   A 1 12 ? 2.393   4.494   -4.573  1.00 25.79 ? 12  G   A C4    1 
ATOM   254  P  P     . C   A 1 13 ? 0.502   2.324   -9.745  1.00 28.48 ? 13  C   A P     1 
ATOM   255  O  OP1   . C   A 1 13 ? 0.397   2.114   -11.217 1.00 28.32 ? 13  C   A OP1   1 
ATOM   256  O  OP2   . C   A 1 13 ? -0.454  1.622   -8.844  1.00 27.65 ? 13  C   A OP2   1 
ATOM   257  O  "O5'" . C   A 1 13 ? 1.959   1.929   -9.235  1.00 27.37 ? 13  C   A "O5'" 1 
ATOM   258  C  "C5'" . C   A 1 13 ? 3.110   2.566   -9.795  1.00 27.62 ? 13  C   A "C5'" 1 
ATOM   259  C  "C4'" . C   A 1 13 ? 4.356   2.169   -9.040  1.00 25.18 ? 13  C   A "C4'" 1 
ATOM   260  O  "O4'" . C   A 1 13 ? 4.298   2.679   -7.685  1.00 26.50 ? 13  C   A "O4'" 1 
ATOM   261  C  "C3'" . C   A 1 13 ? 4.615   0.680   -8.861  1.00 27.64 ? 13  C   A "C3'" 1 
ATOM   262  O  "O3'" . C   A 1 13 ? 5.192   0.141   -10.053 1.00 29.26 ? 13  C   A "O3'" 1 
ATOM   263  C  "C2'" . C   A 1 13 ? 5.599   0.704   -7.699  1.00 26.45 ? 13  C   A "C2'" 1 
ATOM   264  O  "O2'" . C   A 1 13 ? 6.884   1.156   -8.067  1.00 27.66 ? 13  C   A "O2'" 1 
ATOM   265  C  "C1'" . C   A 1 13 ? 4.984   1.791   -6.823  1.00 25.61 ? 13  C   A "C1'" 1 
ATOM   266  N  N1    . C   A 1 13 ? 4.027   1.207   -5.878  1.00 24.01 ? 13  C   A N1    1 
ATOM   267  C  C2    . C   A 1 13 ? 4.546   0.594   -4.755  1.00 23.74 ? 13  C   A C2    1 
ATOM   268  O  O2    . C   A 1 13 ? 5.766   0.575   -4.621  1.00 23.13 ? 13  C   A O2    1 
ATOM   269  N  N3    . C   A 1 13 ? 3.719   0.031   -3.858  1.00 20.22 ? 13  C   A N3    1 
ATOM   270  C  C4    . C   A 1 13 ? 2.406   0.040   -4.073  1.00 22.14 ? 13  C   A C4    1 
ATOM   271  N  N4    . C   A 1 13 ? 1.629   -0.578  -3.176  1.00 19.88 ? 13  C   A N4    1 
ATOM   272  C  C5    . C   A 1 13 ? 1.835   0.669   -5.221  1.00 21.70 ? 13  C   A C5    1 
ATOM   273  C  C6    . C   A 1 13 ? 2.678   1.240   -6.089  1.00 23.16 ? 13  C   A C6    1 
ATOM   274  P  P     . G   A 1 14 ? 4.993   -1.405  -10.425 1.00 30.30 ? 14  G   A P     1 
ATOM   275  O  OP1   . G   A 1 14 ? 5.443   -1.509  -11.866 1.00 30.68 ? 14  G   A OP1   1 
ATOM   276  O  OP2   . G   A 1 14 ? 3.677   -1.924  -10.041 1.00 28.04 ? 14  G   A OP2   1 
ATOM   277  O  "O5'" . G   A 1 14 ? 6.027   -2.152  -9.477  1.00 29.26 ? 14  G   A "O5'" 1 
ATOM   278  C  "C5'" . G   A 1 14 ? 7.431   -1.908  -9.587  1.00 29.87 ? 14  G   A "C5'" 1 
ATOM   279  C  "C4'" . G   A 1 14 ? 8.167   -2.691  -8.525  1.00 29.27 ? 14  G   A "C4'" 1 
ATOM   280  O  "O4'" . G   A 1 14 ? 7.869   -2.132  -7.218  1.00 27.34 ? 14  G   A "O4'" 1 
ATOM   281  C  "C3'" . G   A 1 14 ? 7.750   -4.146  -8.385  1.00 30.12 ? 14  G   A "C3'" 1 
ATOM   282  O  "O3'" . G   A 1 14 ? 8.324   -4.992  -9.360  1.00 32.37 ? 14  G   A "O3'" 1 
ATOM   283  C  "C2'" . G   A 1 14 ? 8.215   -4.463  -6.970  1.00 28.49 ? 14  G   A "C2'" 1 
ATOM   284  O  "O2'" . G   A 1 14 ? 9.622   -4.612  -6.904  1.00 29.96 ? 14  G   A "O2'" 1 
ATOM   285  C  "C1'" . G   A 1 14 ? 7.821   -3.174  -6.252  1.00 27.51 ? 14  G   A "C1'" 1 
ATOM   286  N  N9    . G   A 1 14 ? 6.473   -3.243  -5.694  1.00 25.30 ? 14  G   A N9    1 
ATOM   287  C  C8    . G   A 1 14 ? 5.303   -2.755  -6.225  1.00 24.40 ? 14  G   A C8    1 
ATOM   288  N  N7    . G   A 1 14 ? 4.261   -2.982  -5.461  1.00 22.49 ? 14  G   A N7    1 
ATOM   289  C  C5    . G   A 1 14 ? 4.784   -3.654  -4.364  1.00 22.72 ? 14  G   A C5    1 
ATOM   290  C  C6    . G   A 1 14 ? 4.145   -4.157  -3.177  1.00 23.57 ? 14  G   A C6    1 
ATOM   291  O  O6    . G   A 1 14 ? 2.951   -4.082  -2.824  1.00 22.91 ? 14  G   A O6    1 
ATOM   292  N  N1    . G   A 1 14 ? 5.061   -4.797  -2.339  1.00 21.87 ? 14  G   A N1    1 
ATOM   293  C  C2    . G   A 1 14 ? 6.391   -4.921  -2.590  1.00 24.00 ? 14  G   A C2    1 
ATOM   294  N  N2    . G   A 1 14 ? 7.084   -5.576  -1.647  1.00 22.83 ? 14  G   A N2    1 
ATOM   295  N  N3    . G   A 1 14 ? 7.000   -4.447  -3.666  1.00 22.34 ? 14  G   A N3    1 
ATOM   296  C  C4    . G   A 1 14 ? 6.142   -3.830  -4.504  1.00 23.69 ? 14  G   A C4    1 
ATOM   297  P  P     . C   A 1 15 ? 7.560   -6.346  -9.783  1.00 34.42 ? 15  C   A P     1 
ATOM   298  O  OP1   . C   A 1 15 ? 8.349   -6.968  -10.868 1.00 35.60 ? 15  C   A OP1   1 
ATOM   299  O  OP2   . C   A 1 15 ? 6.116   -6.039  -10.007 1.00 34.55 ? 15  C   A OP2   1 
ATOM   300  O  "O5'" . C   A 1 15 ? 7.681   -7.253  -8.494  1.00 31.54 ? 15  C   A "O5'" 1 
ATOM   301  C  "C5'" . C   A 1 15 ? 8.953   -7.792  -8.121  1.00 33.31 ? 15  C   A "C5'" 1 
ATOM   302  C  "C4'" . C   A 1 15 ? 8.835   -8.512  -6.812  1.00 32.05 ? 15  C   A "C4'" 1 
ATOM   303  O  "O4'" . C   A 1 15 ? 8.369   -7.562  -5.830  1.00 31.69 ? 15  C   A "O4'" 1 
ATOM   304  C  "C3'" . C   A 1 15 ? 7.801   -9.621  -6.739  1.00 33.57 ? 15  C   A "C3'" 1 
ATOM   305  O  "O3'" . C   A 1 15 ? 8.268   -10.831 -7.290  1.00 35.82 ? 15  C   A "O3'" 1 
ATOM   306  C  "C2'" . C   A 1 15 ? 7.560   -9.707  -5.243  1.00 33.31 ? 15  C   A "C2'" 1 
ATOM   307  O  "O2'" . C   A 1 15 ? 8.606   -10.343 -4.528  1.00 33.65 ? 15  C   A "O2'" 1 
ATOM   308  C  "C1'" . C   A 1 15 ? 7.547   -8.219  -4.888  1.00 30.62 ? 15  C   A "C1'" 1 
ATOM   309  N  N1    . C   A 1 15 ? 6.182   -7.694  -5.027  1.00 30.95 ? 15  C   A N1    1 
ATOM   310  C  C2    . C   A 1 15 ? 5.313   -7.963  -4.017  1.00 29.76 ? 15  C   A C2    1 
ATOM   311  O  O2    . C   A 1 15 ? 5.740   -8.623  -3.056  1.00 28.54 ? 15  C   A O2    1 
ATOM   312  N  N3    . C   A 1 15 ? 4.025   -7.510  -4.091  1.00 27.90 ? 15  C   A N3    1 
ATOM   313  C  C4    . C   A 1 15 ? 3.625   -6.820  -5.159  1.00 28.17 ? 15  C   A C4    1 
ATOM   314  N  N4    . C   A 1 15 ? 2.348   -6.400  -5.196  1.00 28.59 ? 15  C   A N4    1 
ATOM   315  C  C5    . C   A 1 15 ? 4.512   -6.526  -6.236  1.00 29.62 ? 15  C   A C5    1 
ATOM   316  C  C6    . C   A 1 15 ? 5.781   -6.974  -6.124  1.00 30.00 ? 15  C   A C6    1 
ATOM   317  P  P     . A   A 1 16 ? 7.223   -11.848 -7.978  1.00 37.63 ? 16  A   A P     1 
ATOM   318  O  OP1   . A   A 1 16 ? 8.014   -12.956 -8.596  1.00 38.92 ? 16  A   A OP1   1 
ATOM   319  O  OP2   . A   A 1 16 ? 6.240   -11.102 -8.800  1.00 37.24 ? 16  A   A OP2   1 
ATOM   320  O  "O5'" . A   A 1 16 ? 6.420   -12.424 -6.746  1.00 36.06 ? 16  A   A "O5'" 1 
ATOM   321  C  "C5'" . A   A 1 16 ? 7.105   -13.170 -5.742  1.00 36.50 ? 16  A   A "C5'" 1 
ATOM   322  C  "C4'" . A   A 1 16 ? 6.159   -13.513 -4.643  1.00 36.66 ? 16  A   A "C4'" 1 
ATOM   323  O  "O4'" . A   A 1 16 ? 5.668   -12.287 -4.044  1.00 35.63 ? 16  A   A "O4'" 1 
ATOM   324  C  "C3'" . A   A 1 16 ? 4.897   -14.214 -5.105  1.00 38.15 ? 16  A   A "C3'" 1 
ATOM   325  O  "O3'" . A   A 1 16 ? 5.110   -15.604 -5.281  1.00 40.03 ? 16  A   A "O3'" 1 
ATOM   326  C  "C2'" . A   A 1 16 ? 3.950   -13.925 -3.960  1.00 37.19 ? 16  A   A "C2'" 1 
ATOM   327  O  "O2'" . A   A 1 16 ? 4.256   -14.749 -2.856  1.00 39.22 ? 16  A   A "O2'" 1 
ATOM   328  C  "C1'" . A   A 1 16 ? 4.316   -12.469 -3.651  1.00 36.04 ? 16  A   A "C1'" 1 
ATOM   329  N  N9    . A   A 1 16 ? 3.482   -11.515 -4.389  1.00 31.46 ? 16  A   A N9    1 
ATOM   330  C  C8    . A   A 1 16 ? 3.746   -10.827 -5.550  1.00 31.72 ? 16  A   A C8    1 
ATOM   331  N  N7    . A   A 1 16 ? 2.769   -10.031 -5.928  1.00 30.51 ? 16  A   A N7    1 
ATOM   332  C  C5    . A   A 1 16 ? 1.799   -10.215 -4.949  1.00 29.45 ? 16  A   A C5    1 
ATOM   333  C  C6    . A   A 1 16 ? 0.520   -9.654  -4.755  1.00 29.84 ? 16  A   A C6    1 
ATOM   334  N  N6    . A   A 1 16 ? -0.005  -8.731  -5.542  1.00 30.03 ? 16  A   A N6    1 
ATOM   335  N  N1    . A   A 1 16 ? -0.200  -10.076 -3.695  1.00 28.26 ? 16  A   A N1    1 
ATOM   336  C  C2    . A   A 1 16 ? 0.343   -10.987 -2.876  1.00 30.68 ? 16  A   A C2    1 
ATOM   337  N  N3    . A   A 1 16 ? 1.544   -11.568 -2.937  1.00 26.82 ? 16  A   A N3    1 
ATOM   338  C  C4    . A   A 1 16 ? 2.224   -11.136 -4.006  1.00 31.06 ? 16  A   A C4    1 
ATOM   339  P  P     . C   A 1 17 ? 4.348   -16.382 -6.463  1.00 39.88 ? 17  C   A P     1 
ATOM   340  O  OP1   . C   A 1 17 ? 4.940   -17.756 -6.568  1.00 41.67 ? 17  C   A OP1   1 
ATOM   341  O  OP2   . C   A 1 17 ? 4.275   -15.522 -7.669  1.00 37.50 ? 17  C   A OP2   1 
ATOM   342  O  "O5'" . C   A 1 17 ? 2.854   -16.512 -5.935  1.00 37.48 ? 17  C   A "O5'" 1 
ATOM   343  C  "C5'" . C   A 1 17 ? 2.545   -17.196 -4.725  1.00 37.10 ? 17  C   A "C5'" 1 
ATOM   344  C  "C4'" . C   A 1 17 ? 1.162   -16.812 -4.277  1.00 37.30 ? 17  C   A "C4'" 1 
ATOM   345  O  "O4'" . C   A 1 17 ? 1.126   -15.371 -4.072  1.00 37.31 ? 17  C   A "O4'" 1 
ATOM   346  C  "C3'" . C   A 1 17 ? 0.049   -17.016 -5.293  1.00 37.70 ? 17  C   A "C3'" 1 
ATOM   347  O  "O3'" . C   A 1 17 ? -0.429  -18.344 -5.320  1.00 39.90 ? 17  C   A "O3'" 1 
ATOM   348  C  "C2'" . C   A 1 17 ? -1.033  -16.088 -4.764  1.00 35.94 ? 17  C   A "C2'" 1 
ATOM   349  O  "O2'" . C   A 1 17 ? -1.687  -16.626 -3.642  1.00 36.33 ? 17  C   A "O2'" 1 
ATOM   350  C  "C1'" . C   A 1 17 ? -0.194  -14.889 -4.322  1.00 35.70 ? 17  C   A "C1'" 1 
ATOM   351  N  N1    . C   A 1 17 ? -0.156  -13.844 -5.358  1.00 32.48 ? 17  C   A N1    1 
ATOM   352  C  C2    . C   A 1 17 ? -1.239  -12.962 -5.442  1.00 30.98 ? 17  C   A C2    1 
ATOM   353  O  O2    . C   A 1 17 ? -2.195  -13.113 -4.667  1.00 28.82 ? 17  C   A O2    1 
ATOM   354  N  N3    . C   A 1 17 ? -1.234  -11.979 -6.363  1.00 31.07 ? 17  C   A N3    1 
ATOM   355  C  C4    . C   A 1 17 ? -0.214  -11.864 -7.206  1.00 33.42 ? 17  C   A C4    1 
ATOM   356  N  N4    . C   A 1 17 ? -0.264  -10.860 -8.098  1.00 33.60 ? 17  C   A N4    1 
ATOM   357  C  C5    . C   A 1 17 ? 0.905   -12.769 -7.170  1.00 33.54 ? 17  C   A C5    1 
ATOM   358  C  C6    . C   A 1 17 ? 0.895   -13.732 -6.227  1.00 33.14 ? 17  C   A C6    1 
ATOM   359  P  P     . G   A 1 18 ? -1.166  -18.886 -6.642  1.00 40.52 ? 18  G   A P     1 
ATOM   360  O  OP1   . G   A 1 18 ? -1.557  -20.288 -6.316  1.00 40.87 ? 18  G   A OP1   1 
ATOM   361  O  OP2   . G   A 1 18 ? -0.291  -18.613 -7.808  1.00 39.92 ? 18  G   A OP2   1 
ATOM   362  O  "O5'" . G   A 1 18 ? -2.470  -17.980 -6.809  1.00 39.16 ? 18  G   A "O5'" 1 
ATOM   363  C  "C5'" . G   A 1 18 ? -3.664  -18.329 -6.111  1.00 36.02 ? 18  G   A "C5'" 1 
ATOM   364  C  "C4'" . G   A 1 18 ? -4.742  -17.292 -6.305  1.00 33.42 ? 18  G   A "C4'" 1 
ATOM   365  O  "O4'" . G   A 1 18 ? -4.195  -15.954 -6.160  1.00 29.43 ? 18  G   A "O4'" 1 
ATOM   366  C  "C3'" . G   A 1 18 ? -5.484  -17.146 -7.626  1.00 31.00 ? 18  G   A "C3'" 1 
ATOM   367  O  "O3'" . G   A 1 18 ? -6.420  -18.206 -7.838  1.00 30.96 ? 18  G   A "O3'" 1 
ATOM   368  C  "C2'" . G   A 1 18 ? -6.255  -15.862 -7.318  1.00 30.62 ? 18  G   A "C2'" 1 
ATOM   369  O  "O2'" . G   A 1 18 ? -7.285  -16.080 -6.373  1.00 31.92 ? 18  G   A "O2'" 1 
ATOM   370  C  "C1'" . G   A 1 18 ? -5.187  -15.038 -6.591  1.00 31.03 ? 18  G   A "C1'" 1 
ATOM   371  N  N9    . G   A 1 18 ? -4.582  -14.071 -7.495  1.00 28.01 ? 18  G   A N9    1 
ATOM   372  C  C8    . G   A 1 18 ? -3.334  -14.104 -8.063  1.00 28.93 ? 18  G   A C8    1 
ATOM   373  N  N7    . G   A 1 18 ? -3.099  -13.069 -8.831  1.00 28.54 ? 18  G   A N7    1 
ATOM   374  C  C5    . G   A 1 18 ? -4.264  -12.320 -8.757  1.00 26.25 ? 18  G   A C5    1 
ATOM   375  C  C6    . G   A 1 18 ? -4.596  -11.092 -9.356  1.00 26.21 ? 18  G   A C6    1 
ATOM   376  O  O6    . G   A 1 18 ? -3.909  -10.403 -10.083 1.00 24.89 ? 18  G   A O6    1 
ATOM   377  N  N1    . G   A 1 18 ? -5.884  -10.684 -9.019  1.00 27.20 ? 18  G   A N1    1 
ATOM   378  C  C2    . G   A 1 18 ? -6.737  -11.373 -8.202  1.00 26.53 ? 18  G   A C2    1 
ATOM   379  N  N2    . G   A 1 18 ? -7.932  -10.819 -7.986  1.00 29.34 ? 18  G   A N2    1 
ATOM   380  N  N3    . G   A 1 18 ? -6.437  -12.522 -7.632  1.00 27.76 ? 18  G   A N3    1 
ATOM   381  C  C4    . G   A 1 18 ? -5.189  -12.930 -7.948  1.00 28.11 ? 18  G   A C4    1 
ATOM   382  P  P     . G   A 1 19 ? -7.050  -18.465 -9.310  1.00 29.95 ? 19  G   A P     1 
ATOM   383  O  OP1   . G   A 1 19 ? -7.832  -19.730 -9.199  1.00 31.39 ? 19  G   A OP1   1 
ATOM   384  O  OP2   . G   A 1 19 ? -6.001  -18.355 -10.369 1.00 28.69 ? 19  G   A OP2   1 
ATOM   385  O  "O5'" . G   A 1 19 ? -8.076  -17.265 -9.560  1.00 28.35 ? 19  G   A "O5'" 1 
ATOM   386  C  "C5'" . G   A 1 19 ? -9.301  -17.158 -8.828  1.00 26.89 ? 19  G   A "C5'" 1 
ATOM   387  C  "C4'" . G   A 1 19 ? -10.063 -15.942 -9.274  1.00 25.79 ? 19  G   A "C4'" 1 
ATOM   388  O  "O4'" . G   A 1 19 ? -9.297  -14.743 -9.011  1.00 26.37 ? 19  G   A "O4'" 1 
ATOM   389  C  "C3'" . G   A 1 19 ? -10.280 -15.894 -10.769 1.00 26.85 ? 19  G   A "C3'" 1 
ATOM   390  O  "O3'" . G   A 1 19 ? -11.366 -16.740 -11.092 1.00 26.00 ? 19  G   A "O3'" 1 
ATOM   391  C  "C2'" . G   A 1 19 ? -10.550 -14.411 -10.998 1.00 25.26 ? 19  G   A "C2'" 1 
ATOM   392  O  "O2'" . G   A 1 19 ? -11.842 -14.000 -10.590 1.00 26.74 ? 19  G   A "O2'" 1 
ATOM   393  C  "C1'" . G   A 1 19 ? -9.534  -13.795 -10.037 1.00 25.64 ? 19  G   A "C1'" 1 
ATOM   394  N  N9    . G   A 1 19 ? -8.266  -13.517 -10.688 1.00 24.61 ? 19  G   A N9    1 
ATOM   395  C  C8    . G   A 1 19 ? -7.126  -14.283 -10.675 1.00 23.91 ? 19  G   A C8    1 
ATOM   396  N  N7    . G   A 1 19 ? -6.137  -13.734 -11.333 1.00 24.38 ? 19  G   A N7    1 
ATOM   397  C  C5    . G   A 1 19 ? -6.659  -12.538 -11.809 1.00 22.29 ? 19  G   A C5    1 
ATOM   398  C  C6    . G   A 1 19 ? -6.053  -11.504 -12.583 1.00 20.12 ? 19  G   A C6    1 
ATOM   399  O  O6    . G   A 1 19 ? -4.902  -11.436 -13.006 1.00 20.57 ? 19  G   A O6    1 
ATOM   400  N  N1    . G   A 1 19 ? -6.951  -10.478 -12.858 1.00 24.41 ? 19  G   A N1    1 
ATOM   401  C  C2    . G   A 1 19 ? -8.263  -10.444 -12.460 1.00 23.93 ? 19  G   A C2    1 
ATOM   402  N  N2    . G   A 1 19 ? -8.991  -9.371  -12.884 1.00 24.92 ? 19  G   A N2    1 
ATOM   403  N  N3    . G   A 1 19 ? -8.832  -11.391 -11.717 1.00 24.27 ? 19  G   A N3    1 
ATOM   404  C  C4    . G   A 1 19 ? -7.976  -12.397 -11.435 1.00 22.96 ? 19  G   A C4    1 
ATOM   405  P  P     . C   A 1 20 ? -11.396 -17.504 -12.500 1.00 28.21 ? 20  C   A P     1 
ATOM   406  O  OP1   . C   A 1 20 ? -12.608 -18.391 -12.451 1.00 29.71 ? 20  C   A OP1   1 
ATOM   407  O  OP2   . C   A 1 20 ? -10.061 -18.076 -12.846 1.00 27.36 ? 20  C   A OP2   1 
ATOM   408  O  "O5'" . C   A 1 20 ? -11.678 -16.347 -13.547 1.00 28.30 ? 20  C   A "O5'" 1 
ATOM   409  C  "C5'" . C   A 1 20 ? -12.976 -15.778 -13.644 1.00 26.14 ? 20  C   A "C5'" 1 
ATOM   410  C  "C4'" . C   A 1 20 ? -12.929 -14.585 -14.551 1.00 26.92 ? 20  C   A "C4'" 1 
ATOM   411  O  "O4'" . C   A 1 20 ? -12.030 -13.614 -13.954 1.00 24.92 ? 20  C   A "O4'" 1 
ATOM   412  C  "C3'" . C   A 1 20 ? -12.315 -14.821 -15.926 1.00 26.38 ? 20  C   A "C3'" 1 
ATOM   413  O  "O3'" . C   A 1 20 ? -13.229 -15.408 -16.850 1.00 28.13 ? 20  C   A "O3'" 1 
ATOM   414  C  "C2'" . C   A 1 20 ? -11.948 -13.399 -16.317 1.00 24.87 ? 20  C   A "C2'" 1 
ATOM   415  O  "O2'" . C   A 1 20 ? -13.093 -12.660 -16.714 1.00 24.74 ? 20  C   A "O2'" 1 
ATOM   416  C  "C1'" . C   A 1 20 ? -11.396 -12.871 -14.986 1.00 23.45 ? 20  C   A "C1'" 1 
ATOM   417  N  N1    . C   A 1 20 ? -9.948  -13.112 -14.925 1.00 24.38 ? 20  C   A N1    1 
ATOM   418  C  C2    . C   A 1 20 ? -9.100  -12.175 -15.533 1.00 22.70 ? 20  C   A C2    1 
ATOM   419  O  O2    . C   A 1 20 ? -9.607  -11.180 -16.062 1.00 24.51 ? 20  C   A O2    1 
ATOM   420  N  N3    . C   A 1 20 ? -7.767  -12.378 -15.529 1.00 23.53 ? 20  C   A N3    1 
ATOM   421  C  C4    . C   A 1 20 ? -7.260  -13.467 -14.946 1.00 21.47 ? 20  C   A C4    1 
ATOM   422  N  N4    . C   A 1 20 ? -5.934  -13.616 -14.966 1.00 22.68 ? 20  C   A N4    1 
ATOM   423  C  C5    . C   A 1 20 ? -8.093  -14.444 -14.316 1.00 22.81 ? 20  C   A C5    1 
ATOM   424  C  C6    . C   A 1 20 ? -9.428  -14.226 -14.322 1.00 21.81 ? 20  C   A C6    1 
ATOM   425  P  P     . A   A 1 21 ? -12.684 -16.406 -17.992 1.00 29.80 ? 21  A   A P     1 
ATOM   426  O  OP1   . A   A 1 21 ? -13.913 -16.997 -18.589 1.00 30.19 ? 21  A   A OP1   1 
ATOM   427  O  OP2   . A   A 1 21 ? -11.631 -17.303 -17.427 1.00 27.63 ? 21  A   A OP2   1 
ATOM   428  O  "O5'" . A   A 1 21 ? -11.987 -15.429 -19.059 1.00 30.16 ? 21  A   A "O5'" 1 
ATOM   429  C  "C5'" . A   A 1 21 ? -12.728 -14.341 -19.643 1.00 29.50 ? 21  A   A "C5'" 1 
ATOM   430  C  "C4'" . A   A 1 21 ? -11.801 -13.389 -20.375 1.00 30.54 ? 21  A   A "C4'" 1 
ATOM   431  O  "O4'" . A   A 1 21 ? -10.885 -12.768 -19.437 1.00 29.65 ? 21  A   A "O4'" 1 
ATOM   432  C  "C3'" . A   A 1 21 ? -10.886 -14.031 -21.402 1.00 31.55 ? 21  A   A "C3'" 1 
ATOM   433  O  "O3'" . A   A 1 21 ? -11.575 -14.292 -22.612 1.00 34.05 ? 21  A   A "O3'" 1 
ATOM   434  C  "C2'" . A   A 1 21 ? -9.766  -13.003 -21.530 1.00 31.07 ? 21  A   A "C2'" 1 
ATOM   435  O  "O2'" . A   A 1 21 ? -10.104 -11.896 -22.333 1.00 31.84 ? 21  A   A "O2'" 1 
ATOM   436  C  "C1'" . A   A 1 21 ? -9.641  -12.529 -20.083 1.00 30.53 ? 21  A   A "C1'" 1 
ATOM   437  N  N9    . A   A 1 21 ? -8.593  -13.246 -19.364 1.00 28.96 ? 21  A   A N9    1 
ATOM   438  C  C8    . A   A 1 21 ? -8.733  -14.285 -18.474 1.00 28.63 ? 21  A   A C8    1 
ATOM   439  N  N7    . A   A 1 21 ? -7.604  -14.696 -17.963 1.00 29.09 ? 21  A   A N7    1 
ATOM   440  C  C5    . A   A 1 21 ? -6.647  -13.885 -18.565 1.00 27.53 ? 21  A   A C5    1 
ATOM   441  C  C6    . A   A 1 21 ? -5.250  -13.807 -18.427 1.00 28.16 ? 21  A   A C6    1 
ATOM   442  N  N6    . A   A 1 21 ? -4.549  -14.587 -17.605 1.00 27.58 ? 21  A   A N6    1 
ATOM   443  N  N1    . A   A 1 21 ? -4.592  -12.885 -19.174 1.00 27.53 ? 21  A   A N1    1 
ATOM   444  C  C2    . A   A 1 21 ? -5.305  -12.096 -19.979 1.00 27.23 ? 21  A   A C2    1 
ATOM   445  N  N3    . A   A 1 21 ? -6.626  -12.063 -20.185 1.00 27.68 ? 21  A   A N3    1 
ATOM   446  C  C4    . A   A 1 21 ? -7.243  -12.996 -19.441 1.00 29.09 ? 21  A   A C4    1 
ATOM   447  P  P     . A   A 1 22 ? -11.092 -15.515 -23.552 1.00 35.44 ? 22  A   A P     1 
ATOM   448  O  OP1   . A   A 1 22 ? -12.171 -15.791 -24.549 1.00 37.14 ? 22  A   A OP1   1 
ATOM   449  O  OP2   . A   A 1 22 ? -10.596 -16.607 -22.667 1.00 35.85 ? 22  A   A OP2   1 
ATOM   450  O  "O5'" . A   A 1 22 ? -9.806  -14.953 -24.307 1.00 35.03 ? 22  A   A "O5'" 1 
ATOM   451  C  "C5'" . A   A 1 22 ? -9.926  -13.908 -25.279 1.00 33.78 ? 22  A   A "C5'" 1 
ATOM   452  C  "C4'" . A   A 1 22 ? -8.556  -13.395 -25.637 1.00 33.72 ? 22  A   A "C4'" 1 
ATOM   453  O  "O4'" . A   A 1 22 ? -7.911  -12.885 -24.440 1.00 32.35 ? 22  A   A "O4'" 1 
ATOM   454  C  "C3'" . A   A 1 22 ? -7.586  -14.452 -26.129 1.00 33.85 ? 22  A   A "C3'" 1 
ATOM   455  O  "O3'" . A   A 1 22 ? -7.803  -14.737 -27.500 1.00 36.32 ? 22  A   A "O3'" 1 
ATOM   456  C  "C2'" . A   A 1 22 ? -6.247  -13.778 -25.862 1.00 33.86 ? 22  A   A "C2'" 1 
ATOM   457  O  "O2'" . A   A 1 22 ? -5.976  -12.713 -26.768 1.00 35.02 ? 22  A   A "O2'" 1 
ATOM   458  C  "C1'" . A   A 1 22 ? -6.520  -13.159 -24.495 1.00 33.08 ? 22  A   A "C1'" 1 
ATOM   459  N  N9    . A   A 1 22 ? -6.178  -14.057 -23.389 1.00 30.78 ? 22  A   A N9    1 
ATOM   460  C  C8    . A   A 1 22 ? -6.999  -14.926 -22.706 1.00 30.08 ? 22  A   A C8    1 
ATOM   461  N  N7    . A   A 1 22 ? -6.389  -15.586 -21.747 1.00 28.65 ? 22  A   A N7    1 
ATOM   462  C  C5    . A   A 1 22 ? -5.080  -15.131 -21.810 1.00 28.89 ? 22  A   A C5    1 
ATOM   463  C  C6    . A   A 1 22 ? -3.938  -15.439 -21.063 1.00 29.36 ? 22  A   A C6    1 
ATOM   464  N  N6    . A   A 1 22 ? -3.920  -16.334 -20.074 1.00 31.04 ? 22  A   A N6    1 
ATOM   465  N  N1    . A   A 1 22 ? -2.793  -14.796 -21.369 1.00 31.06 ? 22  A   A N1    1 
ATOM   466  C  C2    . A   A 1 22 ? -2.799  -13.919 -22.372 1.00 31.80 ? 22  A   A C2    1 
ATOM   467  N  N3    . A   A 1 22 ? -3.804  -13.546 -23.160 1.00 29.68 ? 22  A   A N3    1 
ATOM   468  C  C4    . A   A 1 22 ? -4.935  -14.191 -22.817 1.00 30.15 ? 22  A   A C4    1 
ATOM   469  P  P     . G   A 1 23 ? -7.244  -16.113 -28.135 1.00 37.87 ? 23  G   A P     1 
ATOM   470  O  OP1   . G   A 1 23 ? -7.529  -16.044 -29.591 1.00 38.01 ? 23  G   A OP1   1 
ATOM   471  O  OP2   . G   A 1 23 ? -7.753  -17.255 -27.332 1.00 39.00 ? 23  G   A OP2   1 
ATOM   472  O  "O5'" . G   A 1 23 ? -5.669  -16.045 -27.927 1.00 37.48 ? 23  G   A "O5'" 1 
ATOM   473  C  "C5'" . G   A 1 23 ? -4.884  -15.100 -28.667 1.00 39.67 ? 23  G   A "C5'" 1 
ATOM   474  C  "C4'" . G   A 1 23 ? -3.442  -15.198 -28.264 1.00 40.61 ? 23  G   A "C4'" 1 
ATOM   475  O  "O4'" . G   A 1 23 ? -3.309  -14.911 -26.847 1.00 40.20 ? 23  G   A "O4'" 1 
ATOM   476  C  "C3'" . G   A 1 23 ? -2.801  -16.563 -28.408 1.00 40.61 ? 23  G   A "C3'" 1 
ATOM   477  O  "O3'" . G   A 1 23 ? -2.448  -16.886 -29.746 1.00 40.83 ? 23  G   A "O3'" 1 
ATOM   478  C  "C2'" . G   A 1 23 ? -1.603  -16.428 -27.481 1.00 39.63 ? 23  G   A "C2'" 1 
ATOM   479  O  "O2'" . G   A 1 23 ? -0.618  -15.618 -28.074 1.00 42.47 ? 23  G   A "O2'" 1 
ATOM   480  C  "C1'" . G   A 1 23 ? -2.209  -15.639 -26.315 1.00 39.19 ? 23  G   A "C1'" 1 
ATOM   481  N  N9    . G   A 1 23 ? -2.706  -16.483 -25.232 1.00 36.77 ? 23  G   A N9    1 
ATOM   482  C  C8    . G   A 1 23 ? -3.985  -16.950 -25.086 1.00 35.30 ? 23  G   A C8    1 
ATOM   483  N  N7    . G   A 1 23 ? -4.150  -17.675 -24.012 1.00 36.07 ? 23  G   A N7    1 
ATOM   484  C  C5    . G   A 1 23 ? -2.898  -17.694 -23.411 1.00 35.15 ? 23  G   A C5    1 
ATOM   485  C  C6    . G   A 1 23 ? -2.468  -18.314 -22.199 1.00 36.32 ? 23  G   A C6    1 
ATOM   486  O  O6    . G   A 1 23 ? -3.131  -18.991 -21.404 1.00 35.54 ? 23  G   A O6    1 
ATOM   487  N  N1    . G   A 1 23 ? -1.124  -18.070 -21.947 1.00 34.90 ? 23  G   A N1    1 
ATOM   488  C  C2    . G   A 1 23 ? -0.295  -17.324 -22.755 1.00 36.46 ? 23  G   A C2    1 
ATOM   489  N  N2    . G   A 1 23 ? 0.964   -17.200 -22.333 1.00 36.16 ? 23  G   A N2    1 
ATOM   490  N  N3    . G   A 1 23 ? -0.684  -16.741 -23.891 1.00 35.58 ? 23  G   A N3    1 
ATOM   491  C  C4    . G   A 1 23 ? -1.990  -16.966 -24.151 1.00 35.79 ? 23  G   A C4    1 
ATOM   492  O  "O5'" . C   B 1 1  ? 3.104   -19.241 -14.508 1.00 48.65 ? 1   C   B "O5'" 1 
ATOM   493  C  "C5'" . C   B 1 1  ? 4.494   -19.537 -14.708 1.00 48.78 ? 1   C   B "C5'" 1 
ATOM   494  C  "C4'" . C   B 1 1  ? 4.962   -19.274 -16.121 1.00 48.53 ? 1   C   B "C4'" 1 
ATOM   495  O  "O4'" . C   B 1 1  ? 4.254   -20.151 -17.036 1.00 48.19 ? 1   C   B "O4'" 1 
ATOM   496  C  "C3'" . C   B 1 1  ? 4.671   -17.878 -16.643 1.00 48.46 ? 1   C   B "C3'" 1 
ATOM   497  O  "O3'" . C   B 1 1  ? 5.669   -16.960 -16.224 1.00 49.46 ? 1   C   B "O3'" 1 
ATOM   498  C  "C2'" . C   B 1 1  ? 4.661   -18.093 -18.149 1.00 47.72 ? 1   C   B "C2'" 1 
ATOM   499  O  "O2'" . C   B 1 1  ? 5.951   -18.197 -18.707 1.00 48.68 ? 1   C   B "O2'" 1 
ATOM   500  C  "C1'" . C   B 1 1  ? 3.975   -19.455 -18.242 1.00 46.61 ? 1   C   B "C1'" 1 
ATOM   501  N  N1    . C   B 1 1  ? 2.516   -19.348 -18.370 1.00 44.81 ? 1   C   B N1    1 
ATOM   502  C  C2    . C   B 1 1  ? 1.970   -19.027 -19.618 1.00 43.58 ? 1   C   B C2    1 
ATOM   503  O  O2    . C   B 1 1  ? 2.738   -18.759 -20.563 1.00 45.42 ? 1   C   B O2    1 
ATOM   504  N  N3    . C   B 1 1  ? 0.625   -19.010 -19.760 1.00 43.67 ? 1   C   B N3    1 
ATOM   505  C  C4    . C   B 1 1  ? -0.160  -19.275 -18.716 1.00 41.37 ? 1   C   B C4    1 
ATOM   506  N  N4    . C   B 1 1  ? -1.470  -19.277 -18.911 1.00 40.32 ? 1   C   B N4    1 
ATOM   507  C  C5    . C   B 1 1  ? 0.370   -19.558 -17.424 1.00 41.81 ? 1   C   B C5    1 
ATOM   508  C  C6    . C   B 1 1  ? 1.699   -19.580 -17.298 1.00 42.84 ? 1   C   B C6    1 
ATOM   509  P  P     . U   B 1 2  ? 5.265   -15.445 -15.882 1.00 50.02 ? 2   U   B P     1 
ATOM   510  O  OP1   . U   B 1 2  ? 6.512   -14.757 -15.448 1.00 50.63 ? 2   U   B OP1   1 
ATOM   511  O  OP2   . U   B 1 2  ? 4.091   -15.492 -14.970 1.00 48.42 ? 2   U   B OP2   1 
ATOM   512  O  "O5'" . U   B 1 2  ? 4.824   -14.862 -17.296 1.00 46.80 ? 2   U   B "O5'" 1 
ATOM   513  C  "C5'" . U   B 1 2  ? 5.783   -14.689 -18.352 1.00 44.83 ? 2   U   B "C5'" 1 
ATOM   514  C  "C4'" . U   B 1 2  ? 5.128   -14.058 -19.564 1.00 44.46 ? 2   U   B "C4'" 1 
ATOM   515  O  "O4'" . U   B 1 2  ? 4.183   -14.981 -20.174 1.00 43.74 ? 2   U   B "O4'" 1 
ATOM   516  C  "C3'" . U   B 1 2  ? 4.282   -12.828 -19.293 1.00 44.01 ? 2   U   B "C3'" 1 
ATOM   517  O  "O3'" . U   B 1 2  ? 5.079   -11.664 -19.108 1.00 44.65 ? 2   U   B "O3'" 1 
ATOM   518  C  "C2'" . U   B 1 2  ? 3.406   -12.766 -20.534 1.00 43.64 ? 2   U   B "C2'" 1 
ATOM   519  O  "O2'" . U   B 1 2  ? 4.116   -12.276 -21.655 1.00 43.93 ? 2   U   B "O2'" 1 
ATOM   520  C  "C1'" . U   B 1 2  ? 3.108   -14.252 -20.761 1.00 43.30 ? 2   U   B "C1'" 1 
ATOM   521  N  N1    . U   B 1 2  ? 1.847   -14.727 -20.163 1.00 41.17 ? 2   U   B N1    1 
ATOM   522  C  C2    . U   B 1 2  ? 0.649   -14.543 -20.873 1.00 40.28 ? 2   U   B C2    1 
ATOM   523  O  O2    . U   B 1 2  ? 0.582   -13.967 -21.935 1.00 40.34 ? 2   U   B O2    1 
ATOM   524  N  N3    . U   B 1 2  ? -0.468  -15.064 -20.272 1.00 39.94 ? 2   U   B N3    1 
ATOM   525  C  C4    . U   B 1 2  ? -0.526  -15.714 -19.064 1.00 39.48 ? 2   U   B C4    1 
ATOM   526  O  O4    . U   B 1 2  ? -1.598  -16.182 -18.686 1.00 40.32 ? 2   U   B O4    1 
ATOM   527  C  C5    . U   B 1 2  ? 0.732   -15.832 -18.379 1.00 40.05 ? 2   U   B C5    1 
ATOM   528  C  C6    . U   B 1 2  ? 1.845   -15.352 -18.940 1.00 39.49 ? 2   U   B C6    1 
ATOM   529  P  P     . U   B 1 3  ? 4.563   -10.501 -18.122 1.00 42.30 ? 3   U   B P     1 
ATOM   530  O  OP1   . U   B 1 3  ? 5.671   -9.516  -17.975 1.00 45.18 ? 3   U   B OP1   1 
ATOM   531  O  OP2   . U   B 1 3  ? 3.963   -11.119 -16.913 1.00 43.80 ? 3   U   B OP2   1 
ATOM   532  O  "O5'" . U   B 1 3  ? 3.374   -9.820  -18.938 1.00 42.84 ? 3   U   B "O5'" 1 
ATOM   533  C  "C5'" . U   B 1 3  ? 3.618   -9.234  -20.221 1.00 37.82 ? 3   U   B "C5'" 1 
ATOM   534  C  "C4'" . U   B 1 3  ? 2.324   -9.050  -20.966 1.00 36.98 ? 3   U   B "C4'" 1 
ATOM   535  O  "O4'" . U   B 1 3  ? 1.682   -10.335 -21.184 1.00 35.56 ? 3   U   B "O4'" 1 
ATOM   536  C  "C3'" . U   B 1 3  ? 1.267   -8.257  -20.226 1.00 34.44 ? 3   U   B "C3'" 1 
ATOM   537  O  "O3'" . U   B 1 3  ? 1.498   -6.868  -20.314 1.00 34.48 ? 3   U   B "O3'" 1 
ATOM   538  C  "C2'" . U   B 1 3  ? -0.020  -8.694  -20.916 1.00 34.94 ? 3   U   B "C2'" 1 
ATOM   539  O  "O2'" . U   B 1 3  ? -0.249  -8.086  -22.174 1.00 33.50 ? 3   U   B "O2'" 1 
ATOM   540  C  "C1'" . U   B 1 3  ? 0.269   -10.180 -21.144 1.00 33.38 ? 3   U   B "C1'" 1 
ATOM   541  N  N1    . U   B 1 3  ? -0.269  -11.023 -20.069 1.00 31.65 ? 3   U   B N1    1 
ATOM   542  C  C2    . U   B 1 3  ? -1.602  -11.370 -20.142 1.00 29.48 ? 3   U   B C2    1 
ATOM   543  O  O2    . U   B 1 3  ? -2.333  -10.994 -21.044 1.00 29.95 ? 3   U   B O2    1 
ATOM   544  N  N3    . U   B 1 3  ? -2.047  -12.174 -19.121 1.00 31.76 ? 3   U   B N3    1 
ATOM   545  C  C4    . U   B 1 3  ? -1.310  -12.645 -18.056 1.00 31.13 ? 3   U   B C4    1 
ATOM   546  O  O4    . U   B 1 3  ? -1.852  -13.370 -17.217 1.00 33.98 ? 3   U   B O4    1 
ATOM   547  C  C5    . U   B 1 3  ? 0.060   -12.235 -18.052 1.00 33.30 ? 3   U   B C5    1 
ATOM   548  C  C6    . U   B 1 3  ? 0.521   -11.457 -19.035 1.00 30.61 ? 3   U   B C6    1 
ATOM   549  P  P     . G   B 1 4  ? 0.846   -5.895  -19.214 1.00 30.38 ? 4   G   B P     1 
ATOM   550  O  OP1   . G   B 1 4  ? 1.388   -4.521  -19.442 1.00 32.28 ? 4   G   B OP1   1 
ATOM   551  O  OP2   . G   B 1 4  ? 0.951   -6.509  -17.866 1.00 30.66 ? 4   G   B OP2   1 
ATOM   552  O  "O5'" . G   B 1 4  ? -0.711  -5.909  -19.563 1.00 29.94 ? 4   G   B "O5'" 1 
ATOM   553  C  "C5'" . G   B 1 4  ? -1.208  -5.268  -20.739 1.00 27.59 ? 4   G   B "C5'" 1 
ATOM   554  C  "C4'" . G   B 1 4  ? -2.722  -5.327  -20.763 1.00 27.07 ? 4   G   B "C4'" 1 
ATOM   555  O  "O4'" . G   B 1 4  ? -3.175  -6.700  -20.950 1.00 24.03 ? 4   G   B "O4'" 1 
ATOM   556  C  "C3'" . G   B 1 4  ? -3.401  -4.895  -19.476 1.00 26.42 ? 4   G   B "C3'" 1 
ATOM   557  O  "O3'" . G   B 1 4  ? -3.533  -3.480  -19.400 1.00 23.79 ? 4   G   B "O3'" 1 
ATOM   558  C  "C2'" . G   B 1 4  ? -4.765  -5.556  -19.606 1.00 23.95 ? 4   G   B "C2'" 1 
ATOM   559  O  "O2'" . G   B 1 4  ? -5.556  -4.867  -20.565 1.00 23.96 ? 4   G   B "O2'" 1 
ATOM   560  C  "C1'" . G   B 1 4  ? -4.362  -6.911  -20.201 1.00 25.32 ? 4   G   B "C1'" 1 
ATOM   561  N  N9    . G   B 1 4  ? -4.052  -7.888  -19.176 1.00 25.16 ? 4   G   B N9    1 
ATOM   562  C  C8    . G   B 1 4  ? -2.797  -8.213  -18.702 1.00 24.94 ? 4   G   B C8    1 
ATOM   563  N  N7    . G   B 1 4  ? -2.818  -9.174  -17.830 1.00 24.49 ? 4   G   B N7    1 
ATOM   564  C  C5    . G   B 1 4  ? -4.164  -9.505  -17.718 1.00 25.03 ? 4   G   B C5    1 
ATOM   565  C  C6    . G   B 1 4  ? -4.793  -10.510 -16.943 1.00 25.15 ? 4   G   B C6    1 
ATOM   566  O  O6    . G   B 1 4  ? -4.261  -11.343 -16.214 1.00 25.88 ? 4   G   B O6    1 
ATOM   567  N  N1    . G   B 1 4  ? -6.179  -10.490 -17.093 1.00 24.65 ? 4   G   B N1    1 
ATOM   568  C  C2    . G   B 1 4  ? -6.872  -9.617  -17.904 1.00 24.61 ? 4   G   B C2    1 
ATOM   569  N  N2    . G   B 1 4  ? -8.208  -9.726  -17.884 1.00 24.70 ? 4   G   B N2    1 
ATOM   570  N  N3    . G   B 1 4  ? -6.285  -8.693  -18.668 1.00 25.44 ? 4   G   B N3    1 
ATOM   571  C  C4    . G   B 1 4  ? -4.940  -8.696  -18.519 1.00 24.50 ? 4   G   B C4    1 
ATOM   572  P  P     . C   B 1 5  ? -3.449  -2.774  -17.975 1.00 23.65 ? 5   C   B P     1 
ATOM   573  O  OP1   . C   B 1 5  ? -3.420  -1.306  -18.226 1.00 25.52 ? 5   C   B OP1   1 
ATOM   574  O  OP2   . C   B 1 5  ? -2.389  -3.412  -17.120 1.00 24.81 ? 5   C   B OP2   1 
ATOM   575  O  "O5'" . C   B 1 5  ? -4.813  -3.184  -17.276 1.00 22.80 ? 5   C   B "O5'" 1 
ATOM   576  C  "C5'" . C   B 1 5  ? -6.056  -2.679  -17.729 1.00 23.73 ? 5   C   B "C5'" 1 
ATOM   577  C  "C4'" . C   B 1 5  ? -7.173  -3.393  -17.006 1.00 24.19 ? 5   C   B "C4'" 1 
ATOM   578  O  "O4'" . C   B 1 5  ? -7.078  -4.804  -17.339 1.00 23.38 ? 5   C   B "O4'" 1 
ATOM   579  C  "C3'" . C   B 1 5  ? -7.131  -3.413  -15.492 1.00 24.17 ? 5   C   B "C3'" 1 
ATOM   580  O  "O3'" . C   B 1 5  ? -7.541  -2.164  -14.921 1.00 22.55 ? 5   C   B "O3'" 1 
ATOM   581  C  "C2'" . C   B 1 5  ? -8.087  -4.573  -15.216 1.00 23.61 ? 5   C   B "C2'" 1 
ATOM   582  O  "O2'" . C   B 1 5  ? -9.440  -4.243  -15.530 1.00 23.55 ? 5   C   B "O2'" 1 
ATOM   583  C  "C1'" . C   B 1 5  ? -7.618  -5.571  -16.274 1.00 25.08 ? 5   C   B "C1'" 1 
ATOM   584  N  N1    . C   B 1 5  ? -6.564  -6.428  -15.725 1.00 25.40 ? 5   C   B N1    1 
ATOM   585  C  C2    . C   B 1 5  ? -6.959  -7.555  -15.009 1.00 25.76 ? 5   C   B C2    1 
ATOM   586  O  O2    . C   B 1 5  ? -8.185  -7.775  -14.872 1.00 26.56 ? 5   C   B O2    1 
ATOM   587  N  N3    . C   B 1 5  ? -6.018  -8.368  -14.484 1.00 24.55 ? 5   C   B N3    1 
ATOM   588  C  C4    . C   B 1 5  ? -4.719  -8.091  -14.659 1.00 23.73 ? 5   C   B C4    1 
ATOM   589  N  N4    . C   B 1 5  ? -3.816  -8.950  -14.152 1.00 22.48 ? 5   C   B N4    1 
ATOM   590  C  C5    . C   B 1 5  ? -4.283  -6.932  -15.369 1.00 24.06 ? 5   C   B C5    1 
ATOM   591  C  C6    . C   B 1 5  ? -5.234  -6.135  -15.887 1.00 26.05 ? 5   C   B C6    1 
ATOM   592  P  P     . U   B 1 6  ? -6.963  -1.698  -13.496 1.00 22.66 ? 6   U   B P     1 
ATOM   593  O  OP1   . U   B 1 6  ? -7.589  -0.352  -13.161 1.00 22.67 ? 6   U   B OP1   1 
ATOM   594  O  OP2   . U   B 1 6  ? -5.474  -1.842  -13.470 1.00 26.57 ? 6   U   B OP2   1 
ATOM   595  O  "O5'" . U   B 1 6  ? -7.506  -2.818  -12.500 1.00 24.98 ? 6   U   B "O5'" 1 
ATOM   596  C  "C5'" . U   B 1 6  ? -8.909  -3.056  -12.395 1.00 25.65 ? 6   U   B "C5'" 1 
ATOM   597  C  "C4'" . U   B 1 6  ? -9.150  -4.266  -11.562 1.00 27.05 ? 6   U   B "C4'" 1 
ATOM   598  O  "O4'" . U   B 1 6  ? -8.611  -5.439  -12.215 1.00 25.84 ? 6   U   B "O4'" 1 
ATOM   599  C  "C3'" . U   B 1 6  ? -8.449  -4.261  -10.220 1.00 28.97 ? 6   U   B "C3'" 1 
ATOM   600  O  "O3'" . U   B 1 6  ? -9.196  -3.501  -9.304  1.00 31.78 ? 6   U   B "O3'" 1 
ATOM   601  C  "C2'" . U   B 1 6  ? -8.491  -5.733  -9.866  1.00 27.74 ? 6   U   B "C2'" 1 
ATOM   602  O  "O2'" . U   B 1 6  ? -9.800  -6.109  -9.491  1.00 27.89 ? 6   U   B "O2'" 1 
ATOM   603  C  "C1'" . U   B 1 6  ? -8.174  -6.356  -11.219 1.00 26.98 ? 6   U   B "C1'" 1 
ATOM   604  N  N1    . U   B 1 6  ? -6.726  -6.531  -11.365 1.00 25.94 ? 6   U   B N1    1 
ATOM   605  C  C2    . U   B 1 6  ? -6.165  -7.677  -10.823 1.00 25.54 ? 6   U   B C2    1 
ATOM   606  O  O2    . U   B 1 6  ? -6.817  -8.509  -10.217 1.00 25.93 ? 6   U   B O2    1 
ATOM   607  N  N3    . U   B 1 6  ? -4.816  -7.808  -11.016 1.00 23.71 ? 6   U   B N3    1 
ATOM   608  C  C4    . U   B 1 6  ? -3.985  -6.929  -11.674 1.00 25.53 ? 6   U   B C4    1 
ATOM   609  O  O4    . U   B 1 6  ? -2.806  -7.258  -11.892 1.00 28.04 ? 6   U   B O4    1 
ATOM   610  C  C5    . U   B 1 6  ? -4.640  -5.755  -12.178 1.00 25.31 ? 6   U   B C5    1 
ATOM   611  C  C6    . U   B 1 6  ? -5.962  -5.607  -12.014 1.00 25.61 ? 6   U   B C6    1 
ATOM   612  P  P     . G   B 1 7  ? -8.480  -2.864  -8.020  1.00 33.51 ? 7   G   B P     1 
ATOM   613  O  OP1   . G   B 1 7  ? -9.446  -1.842  -7.545  1.00 36.48 ? 7   G   B OP1   1 
ATOM   614  O  OP2   . G   B 1 7  ? -7.092  -2.454  -8.328  1.00 35.95 ? 7   G   B OP2   1 
ATOM   615  O  "O5'" . G   B 1 7  ? -8.442  -4.077  -6.987  1.00 35.77 ? 7   G   B "O5'" 1 
ATOM   616  C  "C5'" . G   B 1 7  ? -9.616  -4.887  -6.760  1.00 36.93 ? 7   G   B "C5'" 1 
ATOM   617  C  "C4'" . G   B 1 7  ? -9.316  -5.969  -5.751  1.00 39.22 ? 7   G   B "C4'" 1 
ATOM   618  O  "O4'" . G   B 1 7  ? -8.449  -6.972  -6.361  1.00 37.86 ? 7   G   B "O4'" 1 
ATOM   619  C  "C3'" . G   B 1 7  ? -8.585  -5.459  -4.513  1.00 40.01 ? 7   G   B "C3'" 1 
ATOM   620  O  "O3'" . G   B 1 7  ? -8.979  -6.149  -3.336  1.00 44.83 ? 7   G   B "O3'" 1 
ATOM   621  C  "C2'" . G   B 1 7  ? -7.138  -5.789  -4.828  1.00 39.67 ? 7   G   B "C2'" 1 
ATOM   622  O  "O2'" . G   B 1 7  ? -6.319  -5.920  -3.685  1.00 42.12 ? 7   G   B "O2'" 1 
ATOM   623  C  "C1'" . G   B 1 7  ? -7.283  -7.115  -5.573  1.00 37.03 ? 7   G   B "C1'" 1 
ATOM   624  N  N9    . G   B 1 7  ? -6.128  -7.324  -6.436  1.00 33.02 ? 7   G   B N9    1 
ATOM   625  C  C8    . G   B 1 7  ? -5.626  -6.441  -7.352  1.00 32.09 ? 7   G   B C8    1 
ATOM   626  N  N7    . G   B 1 7  ? -4.486  -6.820  -7.854  1.00 29.23 ? 7   G   B N7    1 
ATOM   627  C  C5    . G   B 1 7  ? -4.238  -8.046  -7.264  1.00 28.47 ? 7   G   B C5    1 
ATOM   628  C  C6    . G   B 1 7  ? -3.125  -8.923  -7.403  1.00 27.26 ? 7   G   B C6    1 
ATOM   629  O  O6    . G   B 1 7  ? -2.106  -8.780  -8.117  1.00 27.96 ? 7   G   B O6    1 
ATOM   630  N  N1    . G   B 1 7  ? -3.276  -10.060 -6.616  1.00 27.11 ? 7   G   B N1    1 
ATOM   631  C  C2    . G   B 1 7  ? -4.371  -10.330 -5.816  1.00 27.42 ? 7   G   B C2    1 
ATOM   632  N  N2    . G   B 1 7  ? -4.346  -11.482 -5.146  1.00 27.07 ? 7   G   B N2    1 
ATOM   633  N  N3    . G   B 1 7  ? -5.411  -9.519  -5.686  1.00 28.92 ? 7   G   B N3    1 
ATOM   634  C  C4    . G   B 1 7  ? -5.269  -8.399  -6.422  1.00 29.65 ? 7   G   B C4    1 
ATOM   635  P  P     . A   B 1 8  ? -9.665  -5.319  -2.133  1.00 47.22 ? 8   A   B P     1 
ATOM   636  O  OP1   . A   B 1 8  ? -10.995 -5.923  -1.831  1.00 49.12 ? 8   A   B OP1   1 
ATOM   637  O  OP2   . A   B 1 8  ? -9.581  -3.888  -2.560  1.00 48.02 ? 8   A   B OP2   1 
ATOM   638  O  "O5'" . A   B 1 8  ? -8.679  -5.471  -0.887  1.00 42.61 ? 8   A   B "O5'" 1 
ATOM   639  C  "C5'" . A   B 1 8  ? -7.515  -4.632  -0.786  1.00 39.15 ? 8   A   B "C5'" 1 
ATOM   640  C  "C4'" . A   B 1 8  ? -7.263  -4.218  0.645   1.00 36.21 ? 8   A   B "C4'" 1 
ATOM   641  O  "O4'" . A   B 1 8  ? -8.460  -3.651  1.234   1.00 34.32 ? 8   A   B "O4'" 1 
ATOM   642  C  "C3'" . A   B 1 8  ? -6.945  -5.328  1.624   1.00 36.76 ? 8   A   B "C3'" 1 
ATOM   643  O  "O3'" . A   B 1 8  ? -5.603  -5.749  1.462   1.00 38.60 ? 8   A   B "O3'" 1 
ATOM   644  C  "C2'" . A   B 1 8  ? -7.147  -4.614  2.961   1.00 35.94 ? 8   A   B "C2'" 1 
ATOM   645  O  "O2'" . A   B 1 8  ? -6.068  -3.761  3.313   1.00 39.44 ? 8   A   B "O2'" 1 
ATOM   646  C  "C1'" . A   B 1 8  ? -8.359  -3.738  2.645   1.00 32.95 ? 8   A   B "C1'" 1 
ATOM   647  N  N9    . A   B 1 8  ? -9.622  -4.251  3.175   1.00 29.84 ? 8   A   B N9    1 
ATOM   648  C  C8    . A   B 1 8  ? -10.776 -4.564  2.487   1.00 25.14 ? 8   A   B C8    1 
ATOM   649  N  N7    . A   B 1 8  ? -11.772 -4.916  3.263   1.00 24.55 ? 8   A   B N7    1 
ATOM   650  C  C5    . A   B 1 8  ? -11.234 -4.851  4.543   1.00 25.38 ? 8   A   B C5    1 
ATOM   651  C  C6    . A   B 1 8  ? -11.788 -5.080  5.807   1.00 26.28 ? 8   A   B C6    1 
ATOM   652  N  N6    . A   B 1 8  ? -13.060 -5.423  5.994   1.00 29.72 ? 8   A   B N6    1 
ATOM   653  N  N1    . A   B 1 8  ? -10.983 -4.933  6.884   1.00 27.32 ? 8   A   B N1    1 
ATOM   654  C  C2    . A   B 1 8  ? -9.708  -4.579  6.689   1.00 26.87 ? 8   A   B C2    1 
ATOM   655  N  N3    . A   B 1 8  ? -9.071  -4.327  5.550   1.00 28.66 ? 8   A   B N3    1 
ATOM   656  C  C4    . A   B 1 8  ? -9.902  -4.475  4.500   1.00 26.69 ? 8   A   B C4    1 
ATOM   657  P  P     . A   B 1 9  ? -5.244  -7.304  1.593   1.00 39.23 ? 9   A   B P     1 
ATOM   658  O  OP1   . A   B 1 9  ? -3.760  -7.416  1.575   1.00 41.21 ? 9   A   B OP1   1 
ATOM   659  O  OP2   . A   B 1 9  ? -6.078  -8.065  0.611   1.00 37.12 ? 9   A   B OP2   1 
ATOM   660  O  "O5'" . A   B 1 9  ? -5.715  -7.653  3.067   1.00 36.59 ? 9   A   B "O5'" 1 
ATOM   661  C  "C5'" . A   B 1 9  ? -4.946  -7.211  4.187   1.00 32.30 ? 9   A   B "C5'" 1 
ATOM   662  C  "C4'" . A   B 1 9  ? -5.637  -7.618  5.451   1.00 30.01 ? 9   A   B "C4'" 1 
ATOM   663  O  "O4'" . A   B 1 9  ? -6.945  -7.004  5.455   1.00 31.22 ? 9   A   B "O4'" 1 
ATOM   664  C  "C3'" . A   B 1 9  ? -5.955  -9.102  5.526   1.00 29.57 ? 9   A   B "C3'" 1 
ATOM   665  O  "O3'" . A   B 1 9  ? -4.846  -9.832  6.038   1.00 28.76 ? 9   A   B "O3'" 1 
ATOM   666  C  "C2'" . A   B 1 9  ? -7.086  -9.111  6.539   1.00 27.89 ? 9   A   B "C2'" 1 
ATOM   667  O  "O2'" . A   B 1 9  ? -6.563  -8.937  7.833   1.00 29.16 ? 9   A   B "O2'" 1 
ATOM   668  C  "C1'" . A   B 1 9  ? -7.841  -7.832  6.170   1.00 27.61 ? 9   A   B "C1'" 1 
ATOM   669  N  N9    . A   B 1 9  ? -9.045  -8.041  5.371   1.00 27.27 ? 9   A   B N9    1 
ATOM   670  C  C8    . A   B 1 9  ? -9.203  -8.030  4.006   1.00 26.26 ? 9   A   B C8    1 
ATOM   671  N  N7    . A   B 1 9  ? -10.441 -8.227  3.618   1.00 26.84 ? 9   A   B N7    1 
ATOM   672  C  C5    . A   B 1 9  ? -11.139 -8.394  4.807   1.00 27.01 ? 9   A   B C5    1 
ATOM   673  C  C6    . A   B 1 9  ? -12.492 -8.633  5.084   1.00 28.73 ? 9   A   B C6    1 
ATOM   674  N  N6    . A   B 1 9  ? -13.421 -8.784  4.148   1.00 31.13 ? 9   A   B N6    1 
ATOM   675  N  N1    . A   B 1 9  ? -12.861 -8.723  6.382   1.00 26.44 ? 9   A   B N1    1 
ATOM   676  C  C2    . A   B 1 9  ? -11.921 -8.596  7.322   1.00 26.03 ? 9   A   B C2    1 
ATOM   677  N  N3    . A   B 1 9  ? -10.619 -8.381  7.187   1.00 26.20 ? 9   A   B N3    1 
ATOM   678  C  C4    . A   B 1 9  ? -10.289 -8.284  5.891   1.00 26.82 ? 9   A   B C4    1 
ATOM   679  P  P     . G   B 1 10 ? -4.226  -11.063 5.203   1.00 27.15 ? 10  G   B P     1 
ATOM   680  O  OP1   . G   B 1 10 ? -5.232  -11.996 4.637   1.00 28.59 ? 10  G   B OP1   1 
ATOM   681  O  OP2   . G   B 1 10 ? -3.144  -11.583 6.074   1.00 29.16 ? 10  G   B OP2   1 
ATOM   682  O  "O5'" . G   B 1 10 ? -3.523  -10.351 3.972   1.00 29.53 ? 10  G   B "O5'" 1 
ATOM   683  C  "C5'" . G   B 1 10 ? -2.391  -9.530  4.204   1.00 31.68 ? 10  G   B "C5'" 1 
ATOM   684  C  "C4'" . G   B 1 10 ? -1.141  -10.318 3.935   1.00 31.86 ? 10  G   B "C4'" 1 
ATOM   685  O  "O4'" . G   B 1 10 ? -1.139  -10.755 2.552   1.00 33.06 ? 10  G   B "O4'" 1 
ATOM   686  C  "C3'" . G   B 1 10 ? 0.132   -9.512  4.092   1.00 31.85 ? 10  G   B "C3'" 1 
ATOM   687  O  "O3'" . G   B 1 10 ? 0.523   -9.557  5.466   1.00 31.18 ? 10  G   B "O3'" 1 
ATOM   688  C  "C2'" . G   B 1 10 ? 1.089   -10.267 3.181   1.00 31.74 ? 10  G   B "C2'" 1 
ATOM   689  O  "O2'" . G   B 1 10 ? 1.478   -11.470 3.795   1.00 31.76 ? 10  G   B "O2'" 1 
ATOM   690  C  "C1'" . G   B 1 10 ? 0.171   -10.638 2.018   1.00 30.88 ? 10  G   B "C1'" 1 
ATOM   691  N  N9    . G   B 1 10 ? 0.106   -9.651  0.947   1.00 29.73 ? 10  G   B N9    1 
ATOM   692  C  C8    . G   B 1 10 ? -0.980  -8.854  0.654   1.00 29.84 ? 10  G   B C8    1 
ATOM   693  N  N7    . G   B 1 10 ? -0.789  -8.091  -0.393  1.00 30.06 ? 10  G   B N7    1 
ATOM   694  C  C5    . G   B 1 10 ? 0.500   -8.391  -0.807  1.00 27.21 ? 10  G   B C5    1 
ATOM   695  C  C6    . G   B 1 10 ? 1.254   -7.882  -1.887  1.00 29.20 ? 10  G   B C6    1 
ATOM   696  O  O6    . G   B 1 10 ? 0.921   -7.053  -2.733  1.00 28.11 ? 10  G   B O6    1 
ATOM   697  N  N1    . G   B 1 10 ? 2.522   -8.455  -1.943  1.00 27.83 ? 10  G   B N1    1 
ATOM   698  C  C2    . G   B 1 10 ? 3.001   -9.405  -1.073  1.00 30.40 ? 10  G   B C2    1 
ATOM   699  N  N2    . G   B 1 10 ? 4.257   -9.851  -1.307  1.00 29.30 ? 10  G   B N2    1 
ATOM   700  N  N3    . G   B 1 10 ? 2.310   -9.886  -0.058  1.00 28.08 ? 10  G   B N3    1 
ATOM   701  C  C4    . G   B 1 10 ? 1.072   -9.345  0.018   1.00 29.00 ? 10  G   B C4    1 
ATOM   702  P  P     . C   B 1 11 ? 1.158   -8.259  6.172   1.00 34.84 ? 11  C   B P     1 
ATOM   703  O  OP1   . C   B 1 11 ? 1.375   -8.572  7.613   1.00 30.95 ? 11  C   B OP1   1 
ATOM   704  O  OP2   . C   B 1 11 ? 0.357   -7.068  5.795   1.00 34.68 ? 11  C   B OP2   1 
ATOM   705  O  "O5'" . C   B 1 11 ? 2.575   -8.161  5.464   1.00 30.34 ? 11  C   B "O5'" 1 
ATOM   706  C  "C5'" . C   B 1 11 ? 3.585   -9.126  5.757   1.00 31.24 ? 11  C   B "C5'" 1 
ATOM   707  C  "C4'" . C   B 1 11 ? 4.800   -8.876  4.910   1.00 26.06 ? 11  C   B "C4'" 1 
ATOM   708  O  "O4'" . C   B 1 11 ? 4.507   -9.184  3.524   1.00 28.17 ? 11  C   B "O4'" 1 
ATOM   709  C  "C3'" . C   B 1 11 ? 5.299   -7.445  4.852   1.00 28.31 ? 11  C   B "C3'" 1 
ATOM   710  O  "O3'" . C   B 1 11 ? 6.049   -7.071  6.005   1.00 27.88 ? 11  C   B "O3'" 1 
ATOM   711  C  "C2'" . C   B 1 11 ? 6.155   -7.488  3.600   1.00 26.64 ? 11  C   B "C2'" 1 
ATOM   712  O  "O2'" . C   B 1 11 ? 7.385   -8.164  3.816   1.00 27.49 ? 11  C   B "O2'" 1 
ATOM   713  C  "C1'" . C   B 1 11 ? 5.279   -8.340  2.678   1.00 25.97 ? 11  C   B "C1'" 1 
ATOM   714  N  N1    . C   B 1 11 ? 4.355   -7.502  1.878   1.00 25.16 ? 11  C   B N1    1 
ATOM   715  C  C2    . C   B 1 11 ? 4.825   -6.938  0.686   1.00 26.60 ? 11  C   B C2    1 
ATOM   716  O  O2    . C   B 1 11 ? 5.985   -7.189  0.319   1.00 22.45 ? 11  C   B O2    1 
ATOM   717  N  N3    . C   B 1 11 ? 4.003   -6.140  -0.036  1.00 25.04 ? 11  C   B N3    1 
ATOM   718  C  C4    . C   B 1 11 ? 2.763   -5.902  0.389   1.00 27.93 ? 11  C   B C4    1 
ATOM   719  N  N4    . C   B 1 11 ? 1.983   -5.098  -0.356  1.00 28.67 ? 11  C   B N4    1 
ATOM   720  C  C5    . C   B 1 11 ? 2.257   -6.471  1.591   1.00 26.66 ? 11  C   B C5    1 
ATOM   721  C  C6    . C   B 1 11 ? 3.078   -7.262  2.299   1.00 27.09 ? 11  C   B C6    1 
ATOM   722  P  P     . G   B 1 12 ? 6.027   -5.546  6.513   1.00 32.21 ? 12  G   B P     1 
ATOM   723  O  OP1   . G   B 1 12 ? 6.794   -5.494  7.784   1.00 29.09 ? 12  G   B OP1   1 
ATOM   724  O  OP2   . G   B 1 12 ? 4.610   -4.997  6.469   1.00 29.74 ? 12  G   B OP2   1 
ATOM   725  O  "O5'" . G   B 1 12 ? 6.823   -4.733  5.389   1.00 29.89 ? 12  G   B "O5'" 1 
ATOM   726  C  "C5'" . G   B 1 12 ? 8.201   -4.987  5.135   1.00 30.92 ? 12  G   B "C5'" 1 
ATOM   727  C  "C4'" . G   B 1 12 ? 8.638   -4.311  3.852   1.00 27.69 ? 12  G   B "C4'" 1 
ATOM   728  O  "O4'" . G   B 1 12 ? 7.847   -4.824  2.746   1.00 28.09 ? 12  G   B "O4'" 1 
ATOM   729  C  "C3'" . G   B 1 12 ? 8.448   -2.806  3.705   1.00 28.42 ? 12  G   B "C3'" 1 
ATOM   730  O  "O3'" . G   B 1 12 ? 9.448   -2.042  4.379   1.00 28.97 ? 12  G   B "O3'" 1 
ATOM   731  C  "C2'" . G   B 1 12 ? 8.622   -2.656  2.203   1.00 26.83 ? 12  G   B "C2'" 1 
ATOM   732  O  "O2'" . G   B 1 12 ? 9.968   -2.846  1.835   1.00 26.08 ? 12  G   B "O2'" 1 
ATOM   733  C  "C1'" . G   B 1 12 ? 7.837   -3.867  1.698   1.00 26.87 ? 12  G   B "C1'" 1 
ATOM   734  N  N9    . G   B 1 12 ? 6.467   -3.473  1.395   1.00 24.10 ? 12  G   B N9    1 
ATOM   735  C  C8    . G   B 1 12 ? 5.326   -3.687  2.137   1.00 26.77 ? 12  G   B C8    1 
ATOM   736  N  N7    . G   B 1 12 ? 4.260   -3.156  1.594   1.00 26.24 ? 12  G   B N7    1 
ATOM   737  C  C5    . G   B 1 12 ? 4.727   -2.574  0.418   1.00 22.71 ? 12  G   B C5    1 
ATOM   738  C  C6    . G   B 1 12 ? 4.029   -1.854  -0.605  1.00 22.84 ? 12  G   B C6    1 
ATOM   739  O  O6    . G   B 1 12 ? 2.820   -1.609  -0.678  1.00 23.08 ? 12  G   B O6    1 
ATOM   740  N  N1    . G   B 1 12 ? 4.896   -1.415  -1.611  1.00 20.45 ? 12  G   B N1    1 
ATOM   741  C  C2    . G   B 1 12 ? 6.252   -1.652  -1.636  1.00 23.88 ? 12  G   B C2    1 
ATOM   742  N  N2    . G   B 1 12 ? 6.935   -1.144  -2.675  1.00 20.80 ? 12  G   B N2    1 
ATOM   743  N  N3    . G   B 1 12 ? 6.901   -2.344  -0.697  1.00 22.27 ? 12  G   B N3    1 
ATOM   744  C  C4    . G   B 1 12 ? 6.082   -2.761  0.285   1.00 24.43 ? 12  G   B C4    1 
ATOM   745  P  P     . C   B 1 13 ? 9.218   -0.472  4.650   1.00 29.82 ? 13  C   B P     1 
ATOM   746  O  OP1   . C   B 1 13 ? 10.365  -0.017  5.504   1.00 31.34 ? 13  C   B OP1   1 
ATOM   747  O  OP2   . C   B 1 13 ? 7.824   -0.209  5.107   1.00 30.45 ? 13  C   B OP2   1 
ATOM   748  O  "O5'" . C   B 1 13 ? 9.395   0.192   3.222   1.00 29.26 ? 13  C   B "O5'" 1 
ATOM   749  C  "C5'" . C   B 1 13 ? 10.683  0.285   2.619   1.00 29.17 ? 13  C   B "C5'" 1 
ATOM   750  C  "C4'" . C   B 1 13 ? 10.611  1.147   1.384   1.00 27.36 ? 13  C   B "C4'" 1 
ATOM   751  O  "O4'" . C   B 1 13 ? 9.785   0.495   0.379   1.00 27.77 ? 13  C   B "O4'" 1 
ATOM   752  C  "C3'" . C   B 1 13 ? 9.946   2.505   1.549   1.00 26.69 ? 13  C   B "C3'" 1 
ATOM   753  O  "O3'" . C   B 1 13 ? 10.831  3.436   2.163   1.00 29.03 ? 13  C   B "O3'" 1 
ATOM   754  C  "C2'" . C   B 1 13 ? 9.613   2.836   0.094   1.00 27.94 ? 13  C   B "C2'" 1 
ATOM   755  O  "O2'" . C   B 1 13 ? 10.720  3.224   -0.692  1.00 29.41 ? 13  C   B "O2'" 1 
ATOM   756  C  "C1'" . C   B 1 13 ? 9.139   1.475   -0.412  1.00 27.08 ? 13  C   B "C1'" 1 
ATOM   757  N  N1    . C   B 1 13 ? 7.699   1.369   -0.187  1.00 26.00 ? 13  C   B N1    1 
ATOM   758  C  C2    . C   B 1 13 ? 6.851   1.997   -1.086  1.00 24.44 ? 13  C   B C2    1 
ATOM   759  O  O2    . C   B 1 13 ? 7.353   2.560   -2.084  1.00 25.15 ? 13  C   B O2    1 
ATOM   760  N  N3    . C   B 1 13 ? 5.530   1.978   -0.861  1.00 25.39 ? 13  C   B N3    1 
ATOM   761  C  C4    . C   B 1 13 ? 5.045   1.347   0.207   1.00 24.64 ? 13  C   B C4    1 
ATOM   762  N  N4    . C   B 1 13 ? 3.721   1.364   0.397   1.00 26.38 ? 13  C   B N4    1 
ATOM   763  C  C5    . C   B 1 13 ? 5.892   0.669   1.133   1.00 25.78 ? 13  C   B C5    1 
ATOM   764  C  C6    . C   B 1 13 ? 7.199   0.702   0.898   1.00 25.63 ? 13  C   B C6    1 
ATOM   765  P  P     . G   B 1 14 ? 10.257  4.738   2.918   1.00 30.02 ? 14  G   B P     1 
ATOM   766  O  OP1   . G   B 1 14 ? 11.447  5.494   3.406   1.00 31.17 ? 14  G   B OP1   1 
ATOM   767  O  OP2   . G   B 1 14 ? 9.175   4.397   3.872   1.00 28.70 ? 14  G   B OP2   1 
ATOM   768  O  "O5'" . G   B 1 14 ? 9.518   5.600   1.797   1.00 30.25 ? 14  G   B "O5'" 1 
ATOM   769  C  "C5'" . G   B 1 14 ? 10.224  6.106   0.675   1.00 29.57 ? 14  G   B "C5'" 1 
ATOM   770  C  "C4'" . G   B 1 14 ? 9.252   6.648   -0.342  1.00 27.08 ? 14  G   B "C4'" 1 
ATOM   771  O  "O4'" . G   B 1 14 ? 8.293   5.611   -0.668  1.00 26.08 ? 14  G   B "O4'" 1 
ATOM   772  C  "C3'" . G   B 1 14 ? 8.335   7.782   0.083   1.00 28.32 ? 14  G   B "C3'" 1 
ATOM   773  O  "O3'" . G   B 1 14 ? 9.028   9.013   0.125   1.00 27.80 ? 14  G   B "O3'" 1 
ATOM   774  C  "C2'" . G   B 1 14 ? 7.289   7.715   -1.025  1.00 26.72 ? 14  G   B "C2'" 1 
ATOM   775  O  "O2'" . G   B 1 14 ? 7.778   8.101   -2.307  1.00 26.70 ? 14  G   B "O2'" 1 
ATOM   776  C  "C1'" . G   B 1 14 ? 7.094   6.209   -1.136  1.00 25.02 ? 14  G   B "C1'" 1 
ATOM   777  N  N9    . G   B 1 14 ? 5.966   5.714   -0.363  1.00 23.73 ? 14  G   B N9    1 
ATOM   778  C  C8    . G   B 1 14 ? 5.989   4.959   0.778   1.00 24.54 ? 14  G   B C8    1 
ATOM   779  N  N7    . G   B 1 14 ? 4.793   4.639   1.203   1.00 24.74 ? 14  G   B N7    1 
ATOM   780  C  C5    . G   B 1 14 ? 3.939   5.210   0.272   1.00 24.22 ? 14  G   B C5    1 
ATOM   781  C  C6    . G   B 1 14 ? 2.532   5.173   0.178   1.00 22.68 ? 14  G   B C6    1 
ATOM   782  O  O6    . G   B 1 14 ? 1.732   4.574   0.893   1.00 22.79 ? 14  G   B O6    1 
ATOM   783  N  N1    . G   B 1 14 ? 2.071   5.916   -0.892  1.00 23.91 ? 14  G   B N1    1 
ATOM   784  C  C2    . G   B 1 14 ? 2.854   6.600   -1.772  1.00 21.32 ? 14  G   B C2    1 
ATOM   785  N  N2    . G   B 1 14 ? 2.197   7.290   -2.728  1.00 23.92 ? 14  G   B N2    1 
ATOM   786  N  N3    . G   B 1 14 ? 4.171   6.621   -1.720  1.00 21.13 ? 14  G   B N3    1 
ATOM   787  C  C4    . G   B 1 14 ? 4.645   5.905   -0.676  1.00 22.87 ? 14  G   B C4    1 
ATOM   788  P  P     . C   B 1 15 ? 8.749   10.050  1.319   1.00 29.46 ? 15  C   B P     1 
ATOM   789  O  OP1   . C   B 1 15 ? 9.944   10.941  1.420   1.00 32.49 ? 15  C   B OP1   1 
ATOM   790  O  OP2   . C   B 1 15 ? 8.225   9.389   2.541   1.00 31.57 ? 15  C   B OP2   1 
ATOM   791  O  "O5'" . C   B 1 15 ? 7.553   10.921  0.760   1.00 27.35 ? 15  C   B "O5'" 1 
ATOM   792  C  "C5'" . C   B 1 15 ? 7.689   11.562  -0.504  1.00 26.08 ? 15  C   B "C5'" 1 
ATOM   793  C  "C4'" . C   B 1 15 ? 6.338   11.870  -1.071  1.00 25.14 ? 15  C   B "C4'" 1 
ATOM   794  O  "O4'" . C   B 1 15 ? 5.662   10.638  -1.431  1.00 24.45 ? 15  C   B "O4'" 1 
ATOM   795  C  "C3'" . C   B 1 15 ? 5.361   12.535  -0.126  1.00 25.44 ? 15  C   B "C3'" 1 
ATOM   796  O  "O3'" . C   B 1 15 ? 5.611   13.918  0.037   1.00 27.67 ? 15  C   B "O3'" 1 
ATOM   797  C  "C2'" . C   B 1 15 ? 4.045   12.261  -0.833  1.00 22.70 ? 15  C   B "C2'" 1 
ATOM   798  O  "O2'" . C   B 1 15 ? 3.885   13.076  -1.986  1.00 22.49 ? 15  C   B "O2'" 1 
ATOM   799  C  "C1'" . C   B 1 15 ? 4.260   10.818  -1.289  1.00 22.93 ? 15  C   B "C1'" 1 
ATOM   800  N  N1    . C   B 1 15 ? 3.769   9.896   -0.260  1.00 20.73 ? 15  C   B N1    1 
ATOM   801  C  C2    . C   B 1 15 ? 2.413   9.611   -0.255  1.00 20.52 ? 15  C   B C2    1 
ATOM   802  O  O2    . C   B 1 15 ? 1.694   10.172  -1.087  1.00 20.45 ? 15  C   B O2    1 
ATOM   803  N  N3    . C   B 1 15 ? 1.913   8.759   0.666   1.00 18.99 ? 15  C   B N3    1 
ATOM   804  C  C4    . C   B 1 15 ? 2.708   8.228   1.581   1.00 20.07 ? 15  C   B C4    1 
ATOM   805  N  N4    . C   B 1 15 ? 2.151   7.398   2.462   1.00 22.99 ? 15  C   B N4    1 
ATOM   806  C  C5    . C   B 1 15 ? 4.108   8.518   1.628   1.00 20.69 ? 15  C   B C5    1 
ATOM   807  C  C6    . C   B 1 15 ? 4.597   9.347   0.682   1.00 21.08 ? 15  C   B C6    1 
ATOM   808  P  P     . A   B 1 16 ? 5.223   14.639  1.424   1.00 28.91 ? 16  A   B P     1 
ATOM   809  O  OP1   . A   B 1 16 ? 5.643   16.067  1.283   1.00 31.30 ? 16  A   B OP1   1 
ATOM   810  O  OP2   . A   B 1 16 ? 5.710   13.844  2.580   1.00 31.71 ? 16  A   B OP2   1 
ATOM   811  O  "O5'" . A   B 1 16 ? 3.635   14.577  1.432   1.00 28.04 ? 16  A   B "O5'" 1 
ATOM   812  C  "C5'" . A   B 1 16 ? 2.880   15.216  0.380   1.00 27.52 ? 16  A   B "C5'" 1 
ATOM   813  C  "C4'" . A   B 1 16 ? 1.409   14.989  0.593   1.00 27.94 ? 16  A   B "C4'" 1 
ATOM   814  O  "O4'" . A   B 1 16 ? 1.108   13.577  0.425   1.00 27.33 ? 16  A   B "O4'" 1 
ATOM   815  C  "C3'" . A   B 1 16 ? 0.895   15.296  1.996   1.00 29.14 ? 16  A   B "C3'" 1 
ATOM   816  O  "O3'" . A   B 1 16 ? 0.634   16.687  2.158   1.00 31.64 ? 16  A   B "O3'" 1 
ATOM   817  C  "C2'" . A   B 1 16 ? -0.390  14.494  2.025   1.00 28.12 ? 16  A   B "C2'" 1 
ATOM   818  O  "O2'" . A   B 1 16 ? -1.392  15.115  1.240   1.00 30.62 ? 16  A   B "O2'" 1 
ATOM   819  C  "C1'" . A   B 1 16 ? 0.034   13.224  1.289   1.00 27.40 ? 16  A   B "C1'" 1 
ATOM   820  N  N9    . A   B 1 16 ? 0.490   12.183  2.211   1.00 25.63 ? 16  A   B N9    1 
ATOM   821  C  C8    . A   B 1 16 ? 1.767   11.871  2.604   1.00 26.13 ? 16  A   B C8    1 
ATOM   822  N  N7    . A   B 1 16 ? 1.826   10.871  3.459   1.00 24.55 ? 16  A   B N7    1 
ATOM   823  C  C5    . A   B 1 16 ? 0.497   10.505  3.629   1.00 23.05 ? 16  A   B C5    1 
ATOM   824  C  C6    . A   B 1 16 ? -0.129  9.499   4.397   1.00 23.00 ? 16  A   B C6    1 
ATOM   825  N  N6    . A   B 1 16 ? 0.531   8.636   5.165   1.00 24.68 ? 16  A   B N6    1 
ATOM   826  N  N1    . A   B 1 16 ? -1.477  9.414   4.345   1.00 24.10 ? 16  A   B N1    1 
ATOM   827  C  C2    . A   B 1 16 ? -2.146  10.277  3.570   1.00 23.42 ? 16  A   B C2    1 
ATOM   828  N  N3    . A   B 1 16 ? -1.674  11.256  2.806   1.00 22.06 ? 16  A   B N3    1 
ATOM   829  C  C4    . A   B 1 16 ? -0.332  11.315  2.876   1.00 23.56 ? 16  A   B C4    1 
ATOM   830  P  P     . C   B 1 17 ? 0.747   17.354  3.607   1.00 34.04 ? 17  C   B P     1 
ATOM   831  O  OP1   . C   B 1 17 ? 0.566   18.818  3.436   1.00 34.86 ? 17  C   B OP1   1 
ATOM   832  O  OP2   . C   B 1 17 ? 1.951   16.844  4.305   1.00 33.54 ? 17  C   B OP2   1 
ATOM   833  O  "O5'" . C   B 1 17 ? -0.513  16.791  4.396   1.00 34.29 ? 17  C   B "O5'" 1 
ATOM   834  C  "C5'" . C   B 1 17 ? -1.830  17.046  3.937   1.00 33.67 ? 17  C   B "C5'" 1 
ATOM   835  C  "C4'" . C   B 1 17 ? -2.803  16.152  4.657   1.00 34.80 ? 17  C   B "C4'" 1 
ATOM   836  O  "O4'" . C   B 1 17 ? -2.521  14.766  4.324   1.00 33.71 ? 17  C   B "O4'" 1 
ATOM   837  C  "C3'" . C   B 1 17 ? -2.739  16.159  6.178   1.00 35.05 ? 17  C   B "C3'" 1 
ATOM   838  O  "O3'" . C   B 1 17 ? -3.397  17.278  6.753   1.00 39.60 ? 17  C   B "O3'" 1 
ATOM   839  C  "C2'" . C   B 1 17 ? -3.461  14.863  6.491   1.00 34.42 ? 17  C   B "C2'" 1 
ATOM   840  O  "O2'" . C   B 1 17 ? -4.844  15.030  6.190   1.00 33.62 ? 17  C   B "O2'" 1 
ATOM   841  C  "C1'" . C   B 1 17 ? -2.848  13.935  5.433   1.00 32.74 ? 17  C   B "C1'" 1 
ATOM   842  N  N1    . C   B 1 17 ? -1.628  13.207  5.887   1.00 29.02 ? 17  C   B N1    1 
ATOM   843  C  C2    . C   B 1 17 ? -1.793  12.026  6.633   1.00 29.22 ? 17  C   B C2    1 
ATOM   844  O  O2    . C   B 1 17 ? -2.936  11.627  6.878   1.00 28.07 ? 17  C   B O2    1 
ATOM   845  N  N3    . C   B 1 17 ? -0.706  11.350  7.067   1.00 29.27 ? 17  C   B N3    1 
ATOM   846  C  C4    . C   B 1 17 ? 0.517   11.805  6.783   1.00 29.67 ? 17  C   B C4    1 
ATOM   847  N  N4    . C   B 1 17 ? 1.574   11.097  7.244   1.00 28.21 ? 17  C   B N4    1 
ATOM   848  C  C5    . C   B 1 17 ? 0.717   13.005  6.020   1.00 27.73 ? 17  C   B C5    1 
ATOM   849  C  C6    . C   B 1 17 ? -0.370  13.664  5.599   1.00 28.93 ? 17  C   B C6    1 
ATOM   850  P  P     . G   B 1 18 ? -3.024  17.738  8.258   1.00 41.20 ? 18  G   B P     1 
ATOM   851  O  OP1   . G   B 1 18 ? -3.682  19.046  8.491   1.00 42.56 ? 18  G   B OP1   1 
ATOM   852  O  OP2   . G   B 1 18 ? -1.550  17.613  8.462   1.00 42.29 ? 18  G   B OP2   1 
ATOM   853  O  "O5'" . G   B 1 18 ? -3.662  16.628  9.212   1.00 40.08 ? 18  G   B "O5'" 1 
ATOM   854  C  "C5'" . G   B 1 18 ? -5.071  16.502  9.353   1.00 39.02 ? 18  G   B "C5'" 1 
ATOM   855  C  "C4'" . G   B 1 18 ? -5.415  15.255  10.132  1.00 36.47 ? 18  G   B "C4'" 1 
ATOM   856  O  "O4'" . G   B 1 18 ? -4.816  14.102  9.485   1.00 35.58 ? 18  G   B "O4'" 1 
ATOM   857  C  "C3'" . G   B 1 18 ? -4.858  15.103  11.540  1.00 35.06 ? 18  G   B "C3'" 1 
ATOM   858  O  "O3'" . G   B 1 18 ? -5.593  15.820  12.513  1.00 33.68 ? 18  G   B "O3'" 1 
ATOM   859  C  "C2'" . G   B 1 18 ? -5.120  13.634  11.784  1.00 32.82 ? 18  G   B "C2'" 1 
ATOM   860  O  "O2'" . G   B 1 18 ? -6.492  13.419  12.020  1.00 34.14 ? 18  G   B "O2'" 1 
ATOM   861  C  "C1'" . G   B 1 18 ? -4.761  13.032  10.424  1.00 33.04 ? 18  G   B "C1'" 1 
ATOM   862  N  N9    . G   B 1 18 ? -3.414  12.476  10.480  1.00 29.09 ? 18  G   B N9    1 
ATOM   863  C  C8    . G   B 1 18 ? -2.250  12.989  9.957   1.00 30.15 ? 18  G   B C8    1 
ATOM   864  N  N7    . G   B 1 18 ? -1.199  12.259  10.233  1.00 29.75 ? 18  G   B N7    1 
ATOM   865  C  C5    . G   B 1 18 ? -1.704  11.197  10.972  1.00 27.45 ? 18  G   B C5    1 
ATOM   866  C  C6    . G   B 1 18 ? -1.037  10.089  11.566  1.00 25.63 ? 18  G   B C6    1 
ATOM   867  O  O6    . G   B 1 18 ? 0.168   9.819   11.541  1.00 26.07 ? 18  G   B O6    1 
ATOM   868  N  N1    . G   B 1 18 ? -1.922  9.258   12.241  1.00 23.49 ? 18  G   B N1    1 
ATOM   869  C  C2    . G   B 1 18 ? -3.277  9.464   12.352  1.00 27.04 ? 18  G   B C2    1 
ATOM   870  N  N2    . G   B 1 18 ? -3.960  8.571   13.101  1.00 26.55 ? 18  G   B N2    1 
ATOM   871  N  N3    . G   B 1 18 ? -3.919  10.485  11.785  1.00 25.58 ? 18  G   B N3    1 
ATOM   872  C  C4    . G   B 1 18 ? -3.069  11.308  11.123  1.00 28.15 ? 18  G   B C4    1 
ATOM   873  P  P     . G   B 1 19 ? -4.883  16.229  13.891  1.00 34.10 ? 19  G   B P     1 
ATOM   874  O  OP1   . G   B 1 19 ? -5.782  17.225  14.547  1.00 35.08 ? 19  G   B OP1   1 
ATOM   875  O  OP2   . G   B 1 19 ? -3.490  16.620  13.585  1.00 33.04 ? 19  G   B OP2   1 
ATOM   876  O  "O5'" . G   B 1 19 ? -4.875  14.891  14.765  1.00 32.42 ? 19  G   B "O5'" 1 
ATOM   877  C  "C5'" . G   B 1 19 ? -6.098  14.288  15.220  1.00 29.38 ? 19  G   B "C5'" 1 
ATOM   878  C  "C4'" . G   B 1 19 ? -5.801  13.055  16.049  1.00 28.82 ? 19  G   B "C4'" 1 
ATOM   879  O  "O4'" . G   B 1 19 ? -5.235  12.035  15.194  1.00 27.44 ? 19  G   B "O4'" 1 
ATOM   880  C  "C3'" . G   B 1 19 ? -4.757  13.220  17.145  1.00 29.54 ? 19  G   B "C3'" 1 
ATOM   881  O  "O3'" . G   B 1 19 ? -5.245  13.822  18.345  1.00 29.40 ? 19  G   B "O3'" 1 
ATOM   882  C  "C2'" . G   B 1 19 ? -4.285  11.791  17.356  1.00 27.91 ? 19  G   B "C2'" 1 
ATOM   883  O  "O2'" . G   B 1 19 ? -5.183  11.003  18.121  1.00 30.80 ? 19  G   B "O2'" 1 
ATOM   884  C  "C1'" . G   B 1 19 ? -4.264  11.286  15.915  1.00 27.93 ? 19  G   B "C1'" 1 
ATOM   885  N  N9    . G   B 1 19 ? -2.961  11.534  15.312  1.00 25.63 ? 19  G   B N9    1 
ATOM   886  C  C8    . G   B 1 19 ? -2.600  12.570  14.485  1.00 27.00 ? 19  G   B C8    1 
ATOM   887  N  N7    . G   B 1 19 ? -1.340  12.523  14.122  1.00 25.48 ? 19  G   B N7    1 
ATOM   888  C  C5    . G   B 1 19 ? -0.846  11.378  14.741  1.00 23.57 ? 19  G   B C5    1 
ATOM   889  C  C6    . G   B 1 19 ? 0.453   10.792  14.692  1.00 21.58 ? 19  G   B C6    1 
ATOM   890  O  O6    . G   B 1 19 ? 1.453   11.191  14.062  1.00 21.40 ? 19  G   B O6    1 
ATOM   891  N  N1    . G   B 1 19 ? 0.524   9.628   15.469  1.00 19.80 ? 19  G   B N1    1 
ATOM   892  C  C2    . G   B 1 19 ? -0.529  9.098   16.201  1.00 22.83 ? 19  G   B C2    1 
ATOM   893  N  N2    . G   B 1 19 ? -0.275  7.977   16.940  1.00 22.14 ? 19  G   B N2    1 
ATOM   894  N  N3    . G   B 1 19 ? -1.750  9.633   16.226  1.00 22.36 ? 19  G   B N3    1 
ATOM   895  C  C4    . G   B 1 19 ? -1.832  10.759  15.484  1.00 24.91 ? 19  G   B C4    1 
ATOM   896  P  P     . C   B 1 20 ? -4.312  14.879  19.112  1.00 30.83 ? 20  C   B P     1 
ATOM   897  O  OP1   . C   B 1 20 ? -5.106  15.572  20.177  1.00 33.33 ? 20  C   B OP1   1 
ATOM   898  O  OP2   . C   B 1 20 ? -3.565  15.692  18.134  1.00 32.30 ? 20  C   B OP2   1 
ATOM   899  O  "O5'" . C   B 1 20 ? -3.229  13.927  19.809  1.00 31.10 ? 20  C   B "O5'" 1 
ATOM   900  C  "C5'" . C   B 1 20 ? -3.662  12.855  20.671  1.00 28.49 ? 20  C   B "C5'" 1 
ATOM   901  C  "C4'" . C   B 1 20 ? -2.501  11.951  21.015  1.00 28.50 ? 20  C   B "C4'" 1 
ATOM   902  O  "O4'" . C   B 1 20 ? -2.054  11.260  19.816  1.00 27.91 ? 20  C   B "O4'" 1 
ATOM   903  C  "C3'" . C   B 1 20 ? -1.238  12.617  21.538  1.00 28.01 ? 20  C   B "C3'" 1 
ATOM   904  O  "O3'" . C   B 1 20 ? -1.340  12.952  22.907  1.00 29.98 ? 20  C   B "O3'" 1 
ATOM   905  C  "C2'" . C   B 1 20 ? -0.198  11.528  21.287  1.00 28.01 ? 20  C   B "C2'" 1 
ATOM   906  O  "O2'" . C   B 1 20 ? -0.256  10.407  22.149  1.00 26.21 ? 20  C   B "O2'" 1 
ATOM   907  C  "C1'" . C   B 1 20 ? -0.664  11.016  19.927  1.00 26.96 ? 20  C   B "C1'" 1 
ATOM   908  N  N1    . C   B 1 20 ? 0.048   11.728  18.876  1.00 26.78 ? 20  C   B N1    1 
ATOM   909  C  C2    . C   B 1 20 ? 1.323   11.283  18.571  1.00 26.64 ? 20  C   B C2    1 
ATOM   910  O  O2    . C   B 1 20 ? 1.764   10.311  19.224  1.00 24.47 ? 20  C   B O2    1 
ATOM   911  N  N3    . C   B 1 20 ? 2.035   11.916  17.593  1.00 25.15 ? 20  C   B N3    1 
ATOM   912  C  C4    . C   B 1 20 ? 1.496   12.956  16.959  1.00 25.11 ? 20  C   B C4    1 
ATOM   913  N  N4    . C   B 1 20 ? 2.210   13.559  15.994  1.00 26.93 ? 20  C   B N4    1 
ATOM   914  C  C5    . C   B 1 20 ? 0.188   13.437  17.274  1.00 27.31 ? 20  C   B C5    1 
ATOM   915  C  C6    . C   B 1 20 ? -0.495  12.797  18.222  1.00 26.75 ? 20  C   B C6    1 
ATOM   916  P  P     . A   B 1 21 ? -0.419  14.117  23.513  1.00 32.08 ? 21  A   B P     1 
ATOM   917  O  OP1   . A   B 1 21 ? -0.954  14.379  24.884  1.00 34.31 ? 21  A   B OP1   1 
ATOM   918  O  OP2   . A   B 1 21 ? -0.344  15.228  22.527  1.00 32.70 ? 21  A   B OP2   1 
ATOM   919  O  "O5'" . A   B 1 21 ? 1.046   13.496  23.612  1.00 30.81 ? 21  A   B "O5'" 1 
ATOM   920  C  "C5'" . A   B 1 21 ? 1.356   12.407  24.498  1.00 30.76 ? 21  A   B "C5'" 1 
ATOM   921  C  "C4'" . A   B 1 21 ? 2.782   11.944  24.274  1.00 31.68 ? 21  A   B "C4'" 1 
ATOM   922  O  "O4'" . A   B 1 21 ? 2.948   11.408  22.930  1.00 29.83 ? 21  A   B "O4'" 1 
ATOM   923  C  "C3'" . A   B 1 21 ? 3.854   13.019  24.381  1.00 31.37 ? 21  A   B "C3'" 1 
ATOM   924  O  "O3'" . A   B 1 21 ? 4.207   13.195  25.746  1.00 32.76 ? 21  A   B "O3'" 1 
ATOM   925  C  "C2'" . A   B 1 21 ? 5.009   12.396  23.610  1.00 30.16 ? 21  A   B "C2'" 1 
ATOM   926  O  "O2'" . A   B 1 21 ? 5.653   11.390  24.359  1.00 28.88 ? 21  A   B "O2'" 1 
ATOM   927  C  "C1'" . A   B 1 21 ? 4.266   11.701  22.468  1.00 28.61 ? 21  A   B "C1'" 1 
ATOM   928  N  N9    . A   B 1 21 ? 4.163   12.549  21.285  1.00 26.89 ? 21  A   B N9    1 
ATOM   929  C  C8    . A   B 1 21 ? 3.080   13.307  20.911  1.00 27.42 ? 21  A   B C8    1 
ATOM   930  N  N7    . A   B 1 21 ? 3.244   13.935  19.767  1.00 25.89 ? 21  A   B N7    1 
ATOM   931  C  C5    . A   B 1 21 ? 4.527   13.581  19.370  1.00 25.26 ? 21  A   B C5    1 
ATOM   932  C  C6    . A   B 1 21 ? 5.282   13.893  18.224  1.00 25.33 ? 21  A   B C6    1 
ATOM   933  N  N6    . A   B 1 21 ? 4.832   14.660  17.222  1.00 25.01 ? 21  A   B N6    1 
ATOM   934  N  N1    . A   B 1 21 ? 6.525   13.370  18.134  1.00 25.70 ? 21  A   B N1    1 
ATOM   935  C  C2    . A   B 1 21 ? 6.967   12.586  19.118  1.00 24.29 ? 21  A   B C2    1 
ATOM   936  N  N3    . A   B 1 21 ? 6.350   12.204  20.240  1.00 25.86 ? 21  A   B N3    1 
ATOM   937  C  C4    . A   B 1 21 ? 5.113   12.738  20.304  1.00 26.25 ? 21  A   B C4    1 
ATOM   938  P  P     . A   B 1 22 ? 4.882   14.564  26.231  1.00 29.83 ? 22  A   B P     1 
ATOM   939  O  OP1   . A   B 1 22 ? 4.959   14.512  27.728  1.00 33.95 ? 22  A   B OP1   1 
ATOM   940  O  OP2   . A   B 1 22 ? 4.151   15.693  25.562  1.00 31.85 ? 22  A   B OP2   1 
ATOM   941  O  "O5'" . A   B 1 22 ? 6.356   14.508  25.655  1.00 31.43 ? 22  A   B "O5'" 1 
ATOM   942  C  "C5'" . A   B 1 22 ? 7.330   13.634  26.205  1.00 31.83 ? 22  A   B "C5'" 1 
ATOM   943  C  "C4'" . A   B 1 22 ? 8.588   13.731  25.395  1.00 32.96 ? 22  A   B "C4'" 1 
ATOM   944  O  "O4'" . A   B 1 22 ? 8.314   13.296  24.038  1.00 32.55 ? 22  A   B "O4'" 1 
ATOM   945  C  "C3'" . A   B 1 22 ? 9.099   15.147  25.211  1.00 34.19 ? 22  A   B "C3'" 1 
ATOM   946  O  "O3'" . A   B 1 22 ? 9.843   15.585  26.339  1.00 37.25 ? 22  A   B "O3'" 1 
ATOM   947  C  "C2'" . A   B 1 22 ? 9.942   15.019  23.957  1.00 32.85 ? 22  A   B "C2'" 1 
ATOM   948  O  "O2'" . A   B 1 22 ? 11.194  14.418  24.210  1.00 35.88 ? 22  A   B "O2'" 1 
ATOM   949  C  "C1'" . A   B 1 22 ? 9.077   14.071  23.125  1.00 31.52 ? 22  A   B "C1'" 1 
ATOM   950  N  N9    . A   B 1 22 ? 8.150   14.782  22.240  1.00 28.05 ? 22  A   B N9    1 
ATOM   951  C  C8    . A   B 1 22 ? 6.841   15.144  22.483  1.00 29.43 ? 22  A   B C8    1 
ATOM   952  N  N7    . A   B 1 22 ? 6.276   15.801  21.487  1.00 28.18 ? 22  A   B N7    1 
ATOM   953  C  C5    . A   B 1 22 ? 7.277   15.865  20.524  1.00 27.57 ? 22  A   B C5    1 
ATOM   954  C  C6    . A   B 1 22 ? 7.312   16.410  19.228  1.00 26.88 ? 22  A   B C6    1 
ATOM   955  N  N6    . A   B 1 22 ? 6.289   17.046  18.654  1.00 26.54 ? 22  A   B N6    1 
ATOM   956  N  N1    . A   B 1 22 ? 8.454   16.276  18.528  1.00 28.84 ? 22  A   B N1    1 
ATOM   957  C  C2    . A   B 1 22 ? 9.492   15.648  19.099  1.00 27.47 ? 22  A   B C2    1 
ATOM   958  N  N3    . A   B 1 22 ? 9.586   15.104  20.304  1.00 28.82 ? 22  A   B N3    1 
ATOM   959  C  C4    . A   B 1 22 ? 8.433   15.239  20.973  1.00 27.77 ? 22  A   B C4    1 
ATOM   960  P  P     . G   B 1 23 ? 10.039  17.161  26.597  1.00 40.32 ? 23  G   B P     1 
ATOM   961  O  OP1   . G   B 1 23 ? 10.928  17.338  27.783  1.00 41.17 ? 23  G   B OP1   1 
ATOM   962  O  OP2   . G   B 1 23 ? 8.695   17.836  26.564  1.00 40.26 ? 23  G   B OP2   1 
ATOM   963  O  "O5'" . G   B 1 23 ? 10.863  17.629  25.322  1.00 40.07 ? 23  G   B "O5'" 1 
ATOM   964  C  "C5'" . G   B 1 23 ? 12.243  17.282  25.179  1.00 40.07 ? 23  G   B "C5'" 1 
ATOM   965  C  "C4'" . G   B 1 23 ? 12.799  17.940  23.948  1.00 39.65 ? 23  G   B "C4'" 1 
ATOM   966  O  "O4'" . G   B 1 23 ? 12.093  17.418  22.797  1.00 40.55 ? 23  G   B "O4'" 1 
ATOM   967  C  "C3'" . G   B 1 23 ? 12.561  19.439  23.865  1.00 39.74 ? 23  G   B "C3'" 1 
ATOM   968  O  "O3'" . G   B 1 23 ? 13.460  20.223  24.689  1.00 40.50 ? 23  G   B "O3'" 1 
ATOM   969  C  "C2'" . G   B 1 23 ? 12.656  19.685  22.365  1.00 39.30 ? 23  G   B "C2'" 1 
ATOM   970  O  "O2'" . G   B 1 23 ? 13.987  19.736  21.896  1.00 38.01 ? 23  G   B "O2'" 1 
ATOM   971  C  "C1'" . G   B 1 23 ? 11.974  18.431  21.813  1.00 38.82 ? 23  G   B "C1'" 1 
ATOM   972  N  N9    . G   B 1 23 ? 10.562  18.669  21.559  1.00 37.93 ? 23  G   B N9    1 
ATOM   973  C  C8    . G   B 1 23 ? 9.510   18.517  22.428  1.00 37.45 ? 23  G   B C8    1 
ATOM   974  N  N7    . G   B 1 23 ? 8.369   18.903  21.918  1.00 37.69 ? 23  G   B N7    1 
ATOM   975  C  C5    . G   B 1 23 ? 8.690   19.309  20.628  1.00 37.36 ? 23  G   B C5    1 
ATOM   976  C  C6    . G   B 1 23 ? 7.871   19.846  19.599  1.00 37.52 ? 23  G   B C6    1 
ATOM   977  O  O6    . G   B 1 23 ? 6.659   20.078  19.625  1.00 38.88 ? 23  G   B O6    1 
ATOM   978  N  N1    . G   B 1 23 ? 8.610   20.123  18.449  1.00 37.05 ? 23  G   B N1    1 
ATOM   979  C  C2    . G   B 1 23 ? 9.965   19.909  18.312  1.00 36.70 ? 23  G   B C2    1 
ATOM   980  N  N2    . G   B 1 23 ? 10.514  20.225  17.131  1.00 37.26 ? 23  G   B N2    1 
ATOM   981  N  N3    . G   B 1 23 ? 10.732  19.418  19.266  1.00 36.47 ? 23  G   B N3    1 
ATOM   982  C  C4    . G   B 1 23 ? 10.034  19.147  20.386  1.00 37.01 ? 23  G   B C4    1 
HETATM 983  K  K     . K   C 2 .  ? -10.736 -8.666  -15.809 0.78 32.82 ? 24  K   A K     1 
HETATM 984  K  K     . K   D 2 .  ? 2.850   10.332  10.191  0.68 32.01 ? 25  K   A K     1 
HETATM 985  MG MG    . MG  E 3 .  ? -1.363  -12.375 -13.158 0.86 39.48 ? 74  MG  A MG    1 
HETATM 986  MG MG    . MG  F 3 .  ? 4.772   5.440   8.713   0.76 40.80 ? 98  MG  A MG    1 
HETATM 987  K  K     . K   G 2 .  ? 2.029   8.943   21.570  0.95 27.79 ? 24  K   B K     1 
HETATM 988  O  O     . HOH H 4 .  ? 4.152   0.970   18.965  0.99 23.25 ? 99  HOH A O     1 
HETATM 989  O  O     . HOH H 4 .  ? 0.465   -3.619  -3.834  1.00 28.04 ? 100 HOH A O     1 
HETATM 990  O  O     . HOH H 4 .  ? 4.927   8.356   21.637  1.00 28.65 ? 101 HOH A O     1 
HETATM 991  O  O     . HOH H 4 .  ? 5.929   4.201   12.102  0.97 26.79 ? 102 HOH A O     1 
HETATM 992  O  O     . HOH H 4 .  ? -15.675 -13.679 -17.041 0.99 29.77 ? 103 HOH A O     1 
HETATM 993  O  O     . HOH H 4 .  ? 15.344  9.638   10.340  0.94 35.63 ? 104 HOH A O     1 
HETATM 994  O  O     . HOH H 4 .  ? -7.893  -10.196 -22.203 1.00 37.96 ? 105 HOH A O     1 
HETATM 995  O  O     . HOH H 4 .  ? -0.890  4.662   3.722   0.90 31.06 ? 106 HOH A O     1 
HETATM 996  O  O     . HOH H 4 .  ? -4.249  -20.036 -11.318 0.91 39.38 ? 107 HOH A O     1 
HETATM 997  O  O     . HOH H 4 .  ? 7.084   12.529  11.953  0.50 14.96 ? 108 HOH A O     1 
HETATM 998  O  O     . HOH H 4 .  ? -11.685 -11.524 -11.428 1.00 29.07 ? 109 HOH A O     1 
HETATM 999  O  O     . HOH H 4 .  ? 7.821   -10.203 -1.918  1.00 36.46 ? 110 HOH A O     1 
HETATM 1000 O  O     . HOH H 4 .  ? 4.213   12.969  12.419  0.50 19.82 ? 111 HOH A O     1 
HETATM 1001 O  O     . HOH H 4 .  ? -10.264 3.334   -1.781  1.00 35.15 ? 112 HOH A O     1 
HETATM 1002 O  O     . HOH H 4 .  ? 3.573   -0.975  17.169  0.98 28.76 ? 113 HOH A O     1 
HETATM 1003 O  O     . HOH H 4 .  ? 3.338   2.393   10.960  0.99 40.20 ? 114 HOH A O     1 
HETATM 1004 O  O     . HOH H 4 .  ? 13.758  16.785  16.955  1.00 37.22 ? 115 HOH A O     1 
HETATM 1005 O  O     . HOH H 4 .  ? -10.364 -0.993  1.597   0.90 41.01 ? 116 HOH A O     1 
HETATM 1006 O  O     . HOH H 4 .  ? 15.327  9.496   14.386  1.00 36.16 ? 117 HOH A O     1 
HETATM 1007 O  O     . HOH H 4 .  ? 11.779  10.731  8.455   1.00 42.67 ? 118 HOH A O     1 
HETATM 1008 O  O     . HOH H 4 .  ? -11.190 -0.293  10.491  1.00 42.90 ? 119 HOH A O     1 
HETATM 1009 O  O     . HOH H 4 .  ? 1.671   -2.676  -6.238  1.00 33.70 ? 120 HOH A O     1 
HETATM 1010 O  O     . HOH H 4 .  ? -1.682  2.520   -3.005  0.50 40.77 ? 121 HOH A O     1 
HETATM 1011 O  O     . HOH H 4 .  ? 11.330  -4.663  -9.021  0.78 36.52 ? 122 HOH A O     1 
HETATM 1012 O  O     . HOH H 4 .  ? -6.182  3.770   -0.322  0.94 39.88 ? 123 HOH A O     1 
HETATM 1013 O  O     . HOH H 4 .  ? 2.871   22.039  11.699  1.00 39.76 ? 124 HOH A O     1 
HETATM 1014 O  O     . HOH H 4 .  ? 4.390   3.681   6.818   0.87 48.89 ? 125 HOH A O     1 
HETATM 1015 O  O     . HOH H 4 .  ? 9.558   12.459  10.602  0.92 31.72 ? 126 HOH A O     1 
HETATM 1016 O  O     . HOH H 4 .  ? 12.621  3.571   13.279  1.00 37.15 ? 127 HOH A O     1 
HETATM 1017 O  O     . HOH H 4 .  ? -15.801 -2.129  4.265   1.00 32.69 ? 128 HOH A O     1 
HETATM 1018 O  O     . HOH H 4 .  ? 5.312   7.017   9.676   1.00 34.01 ? 129 HOH A O     1 
HETATM 1019 O  O     . HOH H 4 .  ? -9.112  0.928   11.403  1.00 45.92 ? 130 HOH A O     1 
HETATM 1020 O  O     . HOH H 4 .  ? 4.361   17.381  14.681  1.00 50.89 ? 131 HOH A O     1 
HETATM 1021 O  O     . HOH H 4 .  ? -1.366  -0.217  -3.614  0.95 36.74 ? 132 HOH A O     1 
HETATM 1022 O  O     . HOH H 4 .  ? -0.151  1.379   -0.599  1.00 37.09 ? 133 HOH A O     1 
HETATM 1023 O  O     . HOH H 4 .  ? 5.593   13.883  11.265  0.50 20.10 ? 134 HOH A O     1 
HETATM 1024 O  O     . HOH H 4 .  ? 5.047   12.268  9.245   0.92 39.93 ? 135 HOH A O     1 
HETATM 1025 O  O     . HOH H 4 .  ? 6.279   5.962   7.386   0.95 33.01 ? 136 HOH A O     1 
HETATM 1026 O  O     . HOH H 4 .  ? 8.175   15.761  10.477  0.97 34.74 ? 137 HOH A O     1 
HETATM 1027 O  O     . HOH H 4 .  ? -12.369 -10.267 -17.551 0.89 35.02 ? 138 HOH A O     1 
HETATM 1028 O  O     . HOH H 4 .  ? -4.193  -17.393 -15.915 0.50 33.00 ? 139 HOH A O     1 
HETATM 1029 O  O     . HOH H 4 .  ? -14.767 -17.930 -10.986 1.00 42.07 ? 140 HOH A O     1 
HETATM 1030 O  O     . HOH H 4 .  ? -1.202  -13.095 -10.218 1.00 46.83 ? 141 HOH A O     1 
HETATM 1031 O  O     . HOH H 4 .  ? 15.065  7.185   12.892  0.96 30.93 ? 142 HOH A O     1 
HETATM 1032 O  O     . HOH H 4 .  ? 1.153   -5.281  -6.956  0.88 52.79 ? 143 HOH A O     1 
HETATM 1033 O  O     . HOH H 4 .  ? -6.114  -18.877 -23.299 0.97 43.77 ? 144 HOH A O     1 
HETATM 1034 O  O     . HOH H 4 .  ? -0.672  -2.261  -1.481  1.00 51.39 ? 145 HOH A O     1 
HETATM 1035 O  O     . HOH H 4 .  ? 2.824   4.588   9.424   0.89 35.14 ? 146 HOH A O     1 
HETATM 1036 O  O     . HOH H 4 .  ? 17.051  7.774   9.701   0.97 35.12 ? 147 HOH A O     1 
HETATM 1037 O  O     . HOH H 4 .  ? 10.517  -5.097  -4.558  0.83 31.67 ? 148 HOH A O     1 
HETATM 1038 O  O     . HOH H 4 .  ? 1.920   6.127   -11.342 0.96 42.99 ? 149 HOH A O     1 
HETATM 1039 O  O     . HOH H 4 .  ? 7.471   7.629   11.383  0.96 35.27 ? 150 HOH A O     1 
HETATM 1040 O  O     . HOH H 4 .  ? -8.488  -18.849 -5.310  0.92 47.95 ? 151 HOH A O     1 
HETATM 1041 O  O     . HOH H 4 .  ? 10.830  -8.802  -3.758  0.95 34.66 ? 152 HOH A O     1 
HETATM 1042 O  O     . HOH H 4 .  ? 3.125   16.033  12.567  0.89 37.38 ? 153 HOH A O     1 
HETATM 1043 O  O     . HOH H 4 .  ? 7.067   -17.618 -2.454  1.00 45.40 ? 154 HOH A O     1 
HETATM 1044 O  O     . HOH H 4 .  ? 6.848   0.515   11.886  1.00 43.50 ? 155 HOH A O     1 
HETATM 1045 O  O     . HOH H 4 .  ? 3.111   -2.091  13.361  0.89 45.42 ? 156 HOH A O     1 
HETATM 1046 O  O     . HOH H 4 .  ? 9.496   0.836   12.207  0.99 41.93 ? 157 HOH A O     1 
HETATM 1047 O  O     . HOH H 4 .  ? -1.649  -10.618 -11.618 0.50 26.77 ? 158 HOH A O     1 
HETATM 1048 O  O     . HOH H 4 .  ? 12.559  0.941   12.487  1.00 47.13 ? 159 HOH A O     1 
HETATM 1049 O  O     . HOH H 4 .  ? -2.672  1.328   0.857   0.93 50.97 ? 160 HOH A O     1 
HETATM 1050 O  O     . HOH H 4 .  ? -2.452  -6.775  -4.707  1.00 41.60 ? 161 HOH A O     1 
HETATM 1051 O  O     . HOH H 4 .  ? 10.785  10.863  19.601  0.94 48.99 ? 162 HOH A O     1 
HETATM 1052 O  O     . HOH H 4 .  ? 3.289   7.047   8.118   0.97 32.89 ? 163 HOH A O     1 
HETATM 1053 O  O     . HOH H 4 .  ? -0.613  -15.818 -9.050  1.00 48.22 ? 164 HOH A O     1 
HETATM 1054 O  O     . HOH H 4 .  ? 5.772   10.038  11.478  0.84 32.45 ? 165 HOH A O     1 
HETATM 1055 O  O     . HOH H 4 .  ? 12.583  6.746   9.201   0.90 47.00 ? 166 HOH A O     1 
HETATM 1056 O  O     . HOH H 4 .  ? 10.759  11.796  6.545   1.00 53.97 ? 167 HOH A O     1 
HETATM 1057 O  O     . HOH H 4 .  ? -16.079 -20.274 -10.668 1.00 47.03 ? 168 HOH A O     1 
HETATM 1058 O  O     . HOH H 4 .  ? -2.823  1.966   -1.311  0.50 34.05 ? 169 HOH A O     1 
HETATM 1059 O  O     . HOH H 4 .  ? 10.163  6.999   8.512   0.97 59.18 ? 170 HOH A O     1 
HETATM 1060 O  O     . HOH H 4 .  ? -5.860  7.204   8.223   0.99 53.06 ? 171 HOH A O     1 
HETATM 1061 O  O     . HOH H 4 .  ? -5.565  -18.154 -18.792 0.93 40.07 ? 172 HOH A O     1 
HETATM 1062 O  O     . HOH H 4 .  ? -1.694  -13.449 -0.743  1.00 46.59 ? 173 HOH A O     1 
HETATM 1063 O  O     . HOH H 4 .  ? -1.256  -2.366  -4.909  0.86 51.94 ? 174 HOH A O     1 
HETATM 1064 O  O     . HOH H 4 .  ? -9.246  -14.738 -5.603  1.00 49.54 ? 175 HOH A O     1 
HETATM 1065 O  O     . HOH H 4 .  ? -3.431  4.912   4.488   1.00 55.35 ? 176 HOH A O     1 
HETATM 1066 O  O     . HOH H 4 .  ? 2.507   -0.730  7.421   1.00 47.18 ? 177 HOH A O     1 
HETATM 1067 O  O     . HOH H 4 .  ? -7.460  -17.466 -12.831 0.88 51.96 ? 178 HOH A O     1 
HETATM 1068 O  O     . HOH H 4 .  ? 1.118   -0.251  -13.115 0.92 55.87 ? 179 HOH A O     1 
HETATM 1069 O  O     . HOH H 4 .  ? 8.904   8.653   9.847   0.92 42.59 ? 180 HOH A O     1 
HETATM 1070 O  O     . HOH H 4 .  ? 8.382   5.962   19.861  0.84 56.16 ? 181 HOH A O     1 
HETATM 1071 O  O     . HOH H 4 .  ? -4.757  4.682   13.497  1.00 48.50 ? 182 HOH A O     1 
HETATM 1072 O  O     . HOH H 4 .  ? -12.199 -18.913 -22.697 0.99 51.99 ? 183 HOH A O     1 
HETATM 1073 O  O     . HOH H 4 .  ? 10.773  -3.320  -11.443 0.82 52.78 ? 184 HOH A O     1 
HETATM 1074 O  O     . HOH H 4 .  ? -4.647  -15.719 -2.522  1.00 46.48 ? 185 HOH A O     1 
HETATM 1075 O  O     . HOH H 4 .  ? -9.087  4.924   6.891   0.97 37.11 ? 186 HOH A O     1 
HETATM 1076 O  O     . HOH H 4 .  ? -10.512 -12.272 -6.758  1.00 39.39 ? 187 HOH A O     1 
HETATM 1077 O  O     . HOH H 4 .  ? -8.676  7.757   10.718  1.00 62.82 ? 188 HOH A O     1 
HETATM 1078 O  O     . HOH H 4 .  ? 2.249   -16.481 -26.965 0.89 56.03 ? 189 HOH A O     1 
HETATM 1079 O  O     . HOH H 4 .  ? -1.357  -5.059  -6.823  1.00 55.24 ? 190 HOH A O     1 
HETATM 1080 O  O     . HOH H 4 .  ? -9.625  0.905   -0.566  0.91 51.82 ? 191 HOH A O     1 
HETATM 1081 O  O     . HOH H 4 .  ? 10.018  2.311   10.181  0.98 57.34 ? 192 HOH A O     1 
HETATM 1082 O  O     . HOH H 4 .  ? -0.091  -14.644 -31.058 1.00 54.69 ? 193 HOH A O     1 
HETATM 1083 O  O     . HOH H 4 .  ? -3.527  -2.062  9.391   1.00 56.21 ? 194 HOH A O     1 
HETATM 1084 O  O     . HOH I 4 .  ? -1.699  -1.083  -20.460 1.00 28.53 ? 25  HOH B O     1 
HETATM 1085 O  O     . HOH I 4 .  ? -7.912  -3.802  -20.550 1.00 27.42 ? 26  HOH B O     1 
HETATM 1086 O  O     . HOH I 4 .  ? -3.442  -3.309  -14.416 1.00 28.79 ? 27  HOH B O     1 
HETATM 1087 O  O     . HOH I 4 .  ? 1.425   12.912  -2.989  0.94 30.34 ? 28  HOH B O     1 
HETATM 1088 O  O     . HOH I 4 .  ? -1.127  -5.699  -16.298 0.98 27.77 ? 29  HOH B O     1 
HETATM 1089 O  O     . HOH I 4 .  ? 8.035   -8.739  0.628   0.97 25.00 ? 30  HOH B O     1 
HETATM 1090 O  O     . HOH I 4 .  ? -2.611  -14.115 6.425   1.00 32.82 ? 31  HOH B O     1 
HETATM 1091 O  O     . HOH I 4 .  ? -2.198  -16.819 -16.107 0.50 28.96 ? 32  HOH B O     1 
HETATM 1092 O  O     . HOH I 4 .  ? -11.461 -5.896  -14.363 0.98 29.87 ? 33  HOH B O     1 
HETATM 1093 O  O     . HOH I 4 .  ? -1.939  -11.632 -14.910 1.00 30.88 ? 34  HOH B O     1 
HETATM 1094 O  O     . HOH I 4 .  ? 3.737   5.874   4.437   1.00 42.49 ? 35  HOH B O     1 
HETATM 1095 O  O     . HOH I 4 .  ? -1.858  10.330  24.295  1.00 31.77 ? 36  HOH B O     1 
HETATM 1096 O  O     . HOH I 4 .  ? -3.285  12.574  25.358  1.00 37.14 ? 37  HOH B O     1 
HETATM 1097 O  O     . HOH I 4 .  ? -6.877  8.803   14.024  0.93 40.66 ? 38  HOH B O     1 
HETATM 1098 O  O     . HOH I 4 .  ? 2.111   -3.162  2.787   0.94 32.02 ? 39  HOH B O     1 
HETATM 1099 O  O     . HOH I 4 .  ? -0.141  -1.745  -16.897 1.00 41.54 ? 40  HOH B O     1 
HETATM 1100 O  O     . HOH I 4 .  ? -1.016  -9.368  -15.546 0.99 39.00 ? 41  HOH B O     1 
HETATM 1101 O  O     . HOH I 4 .  ? 6.986   2.558   4.743   0.98 33.55 ? 42  HOH B O     1 
HETATM 1102 O  O     . HOH I 4 .  ? 15.391  21.491  24.291  0.96 50.34 ? 43  HOH B O     1 
HETATM 1103 O  O     . HOH I 4 .  ? -0.806  -4.363  0.593   1.00 40.53 ? 44  HOH B O     1 
HETATM 1104 O  O     . HOH I 4 .  ? -0.731  -5.571  -13.190 1.00 34.07 ? 45  HOH B O     1 
HETATM 1105 O  O     . HOH I 4 .  ? -5.302  -8.050  -2.045  0.97 46.06 ? 46  HOH B O     1 
HETATM 1106 O  O     . HOH I 4 .  ? -2.776  -6.328  -0.358  0.91 41.00 ? 47  HOH B O     1 
HETATM 1107 O  O     . HOH I 4 .  ? -7.337  1.249   -11.142 1.00 53.86 ? 48  HOH B O     1 
HETATM 1108 O  O     . HOH I 4 .  ? -2.276  -6.157  7.104   1.00 39.49 ? 49  HOH B O     1 
HETATM 1109 O  O     . HOH I 4 .  ? 11.657  11.200  -0.723  0.97 47.67 ? 50  HOH B O     1 
HETATM 1110 O  O     . HOH I 4 .  ? -10.361 -7.234  -18.442 1.00 27.75 ? 51  HOH B O     1 
HETATM 1111 O  O     . HOH I 4 .  ? -1.182  -5.636  -2.309  0.87 36.19 ? 52  HOH B O     1 
HETATM 1112 O  O     . HOH I 4 .  ? 3.437   17.909  19.730  0.95 41.38 ? 53  HOH B O     1 
HETATM 1113 O  O     . HOH I 4 .  ? -11.568 -4.997  9.381   0.92 33.36 ? 54  HOH B O     1 
HETATM 1114 O  O     . HOH I 4 .  ? 9.756   -7.413  2.988   0.88 29.94 ? 55  HOH B O     1 
HETATM 1115 O  O     . HOH I 4 .  ? -10.219 -4.201  -19.055 0.91 36.58 ? 56  HOH B O     1 
HETATM 1116 O  O     . HOH I 4 .  ? 1.151   3.100   2.808   1.00 40.48 ? 57  HOH B O     1 
HETATM 1117 O  O     . HOH I 4 .  ? 0.668   -1.349  0.909   0.96 50.49 ? 58  HOH B O     1 
HETATM 1118 O  O     . HOH I 4 .  ? -8.229  -7.824  -20.964 0.98 38.67 ? 59  HOH B O     1 
HETATM 1119 O  O     . HOH I 4 .  ? 1.588   12.884  9.570   0.93 39.38 ? 60  HOH B O     1 
HETATM 1120 O  O     . HOH I 4 .  ? -0.866  -13.734 -14.446 1.00 40.43 ? 61  HOH B O     1 
HETATM 1121 O  O     . HOH I 4 .  ? 4.424   3.130   3.384   1.00 36.89 ? 62  HOH B O     1 
HETATM 1122 O  O     . HOH I 4 .  ? 4.611   9.557   7.822   1.00 41.53 ? 63  HOH B O     1 
HETATM 1123 O  O     . HOH I 4 .  ? -3.660  12.724  1.823   0.93 38.15 ? 64  HOH B O     1 
HETATM 1124 O  O     . HOH I 4 .  ? 9.852   3.920   6.602   0.90 54.42 ? 65  HOH B O     1 
HETATM 1125 O  O     . HOH I 4 .  ? 2.889   -10.009 9.702   1.00 44.08 ? 66  HOH B O     1 
HETATM 1126 O  O     . HOH I 4 .  ? 7.071   -2.383  6.072   0.63 65.49 ? 67  HOH B O     1 
HETATM 1127 O  O     . HOH I 4 .  ? -6.916  -12.129 -3.391  0.81 52.64 ? 68  HOH B O     1 
HETATM 1128 O  O     . HOH I 4 .  ? -4.820  0.603   -10.026 1.00 55.72 ? 69  HOH B O     1 
HETATM 1129 O  O     . HOH I 4 .  ? -3.521  0.243   -14.309 0.84 35.38 ? 70  HOH B O     1 
HETATM 1130 O  O     . HOH I 4 .  ? 5.743   -11.556 1.188   1.00 47.60 ? 71  HOH B O     1 
HETATM 1131 O  O     . HOH I 4 .  ? -1.321  -3.262  -12.736 1.00 52.68 ? 72  HOH B O     1 
HETATM 1132 O  O     . HOH I 4 .  ? 2.099   16.676  27.063  0.80 50.77 ? 73  HOH B O     1 
HETATM 1133 O  O     . HOH I 4 .  ? 4.644   -1.845  9.454   1.00 54.53 ? 74  HOH B O     1 
HETATM 1134 O  O     . HOH I 4 .  ? -13.655 -5.983  1.647   1.00 46.18 ? 75  HOH B O     1 
HETATM 1135 O  O     . HOH I 4 .  ? 1.738   -7.268  -13.684 0.95 59.04 ? 76  HOH B O     1 
HETATM 1136 O  O     . HOH I 4 .  ? -5.644  11.242  3.226   0.96 43.42 ? 77  HOH B O     1 
HETATM 1137 O  O     . HOH I 4 .  ? -2.529  19.229  12.461  1.00 50.63 ? 78  HOH B O     1 
HETATM 1138 O  O     . HOH I 4 .  ? -14.031 -6.402  8.936   1.00 43.60 ? 79  HOH B O     1 
HETATM 1139 O  O     . HOH I 4 .  ? 0.349   -11.715 -13.549 0.82 48.78 ? 80  HOH B O     1 
HETATM 1140 O  O     . HOH I 4 .  ? -5.859  11.887  6.521   1.00 45.27 ? 81  HOH B O     1 
HETATM 1141 O  O     . HOH I 4 .  ? 0.905   16.060  14.547  0.94 46.09 ? 82  HOH B O     1 
HETATM 1142 O  O     . HOH I 4 .  ? -12.157 -4.263  -8.705  1.00 51.59 ? 83  HOH B O     1 
HETATM 1143 O  O     . HOH I 4 .  ? 3.903   8.137   5.536   1.00 49.55 ? 84  HOH B O     1 
HETATM 1144 O  O     . HOH I 4 .  ? -0.328  -9.287  -12.652 0.50 33.41 ? 85  HOH B O     1 
HETATM 1145 O  O     . HOH I 4 .  ? 12.350  14.945  28.897  1.00 49.12 ? 86  HOH B O     1 
HETATM 1146 O  O     . HOH I 4 .  ? -0.535  -17.099 -14.000 0.88 48.67 ? 87  HOH B O     1 
HETATM 1147 O  O     . HOH I 4 .  ? -7.486  14.081  20.567  1.00 46.86 ? 88  HOH B O     1 
HETATM 1148 O  O     . HOH I 4 .  ? -10.518 -9.202  -5.428  1.00 51.86 ? 89  HOH B O     1 
HETATM 1149 O  O     . HOH I 4 .  ? 7.123   -8.302  8.987   0.84 47.10 ? 90  HOH B O     1 
HETATM 1150 O  O     . HOH I 4 .  ? 0.841   -1.643  -19.675 0.93 44.64 ? 91  HOH B O     1 
HETATM 1151 O  O     . HOH I 4 .  ? 4.485   -11.529 -13.973 0.85 55.13 ? 92  HOH B O     1 
HETATM 1152 O  O     . HOH I 4 .  ? 5.486   15.305  -2.638  0.94 36.31 ? 93  HOH B O     1 
HETATM 1153 O  O     . HOH I 4 .  ? -12.665 -3.513  -19.343 0.81 52.41 ? 94  HOH B O     1 
HETATM 1154 O  O     . HOH I 4 .  ? 11.820  13.253  20.556  0.92 49.91 ? 95  HOH B O     1 
HETATM 1155 O  O     . HOH I 4 .  ? -0.900  5.794   6.024   0.88 44.32 ? 96  HOH B O     1 
HETATM 1156 O  O     . HOH I 4 .  ? 2.547   16.903  17.071  0.92 44.70 ? 97  HOH B O     1 
HETATM 1157 O  O     . HOH I 4 .  ? -6.331  -3.982  6.627   0.82 38.57 ? 98  HOH B O     1 
HETATM 1158 O  O     . HOH I 4 .  ? 1.584   -6.334  -23.212 1.00 44.33 ? 99  HOH B O     1 
HETATM 1159 O  O     . HOH I 4 .  ? 6.461   10.995  3.944   0.84 40.68 ? 100 HOH B O     1 
HETATM 1160 O  O     . HOH I 4 .  ? 3.921   12.404  6.824   0.93 44.54 ? 101 HOH B O     1 
HETATM 1161 O  O     . HOH I 4 .  ? 5.248   -0.689  4.455   0.88 39.83 ? 102 HOH B O     1 
HETATM 1162 O  O     . HOH I 4 .  ? 3.186   0.244   3.354   1.00 43.54 ? 103 HOH B O     1 
HETATM 1163 O  O     . HOH I 4 .  ? -0.572  -9.845  -24.162 0.89 47.45 ? 104 HOH B O     1 
HETATM 1164 O  O     . HOH I 4 .  ? 4.351   -5.815  -22.328 0.89 43.30 ? 105 HOH B O     1 
HETATM 1165 O  O     . HOH I 4 .  ? 0.388   16.160  -2.959  1.00 51.68 ? 106 HOH B O     1 
HETATM 1166 O  O     . HOH I 4 .  ? -7.492  0.077   -3.586  0.91 57.55 ? 107 HOH B O     1 
HETATM 1167 O  O     . HOH I 4 .  ? -1.898  -16.345 -11.625 0.96 48.90 ? 108 HOH B O     1 
HETATM 1168 O  O     . HOH I 4 .  ? -0.943  -4.674  9.930   1.00 46.72 ? 109 HOH B O     1 
HETATM 1169 O  O     . HOH I 4 .  ? -3.176  17.197  24.960  1.00 59.21 ? 110 HOH B O     1 
HETATM 1170 O  O     . HOH I 4 .  ? 13.674  21.233  15.785  1.00 44.03 ? 111 HOH B O     1 
# 
